data_2HX0
# 
_entry.id   2HX0 
# 
_audit_conform.dict_name       mmcif_pdbx.dic 
_audit_conform.dict_version    5.398 
_audit_conform.dict_location   http://mmcif.pdb.org/dictionaries/ascii/mmcif_pdbx.dic 
# 
loop_
_database_2.database_id 
_database_2.database_code 
_database_2.pdbx_database_accession 
_database_2.pdbx_DOI 
PDB   2HX0         pdb_00002hx0 10.2210/pdb2hx0/pdb 
RCSB  RCSB038858   ?            ?                   
WWPDB D_1000038858 ?            ?                   
# 
loop_
_pdbx_audit_revision_history.ordinal 
_pdbx_audit_revision_history.data_content_type 
_pdbx_audit_revision_history.major_revision 
_pdbx_audit_revision_history.minor_revision 
_pdbx_audit_revision_history.revision_date 
1 'Structure model' 1 0 2006-09-19 
2 'Structure model' 1 1 2008-05-01 
3 'Structure model' 1 2 2011-07-13 
4 'Structure model' 1 3 2017-10-18 
5 'Structure model' 1 4 2021-10-20 
6 'Structure model' 1 5 2024-11-13 
# 
_pdbx_audit_revision_details.ordinal             1 
_pdbx_audit_revision_details.revision_ordinal    1 
_pdbx_audit_revision_details.data_content_type   'Structure model' 
_pdbx_audit_revision_details.provider            repository 
_pdbx_audit_revision_details.type                'Initial release' 
_pdbx_audit_revision_details.description         ? 
_pdbx_audit_revision_details.details             ? 
# 
loop_
_pdbx_audit_revision_group.ordinal 
_pdbx_audit_revision_group.revision_ordinal 
_pdbx_audit_revision_group.data_content_type 
_pdbx_audit_revision_group.group 
1 2 'Structure model' 'Version format compliance' 
2 3 'Structure model' 'Derived calculations'      
3 3 'Structure model' 'Version format compliance' 
4 4 'Structure model' 'Refinement description'    
5 5 'Structure model' 'Database references'       
6 5 'Structure model' 'Derived calculations'      
7 6 'Structure model' 'Data collection'           
8 6 'Structure model' 'Structure summary'         
# 
loop_
_pdbx_audit_revision_category.ordinal 
_pdbx_audit_revision_category.revision_ordinal 
_pdbx_audit_revision_category.data_content_type 
_pdbx_audit_revision_category.category 
1  4 'Structure model' software                  
2  5 'Structure model' database_2                
3  5 'Structure model' pdbx_struct_conn_angle    
4  5 'Structure model' struct_conn               
5  5 'Structure model' struct_ref_seq_dif        
6  5 'Structure model' struct_site               
7  6 'Structure model' chem_comp_atom            
8  6 'Structure model' chem_comp_bond            
9  6 'Structure model' pdbx_entry_details        
10 6 'Structure model' pdbx_modification_feature 
# 
loop_
_pdbx_audit_revision_item.ordinal 
_pdbx_audit_revision_item.revision_ordinal 
_pdbx_audit_revision_item.data_content_type 
_pdbx_audit_revision_item.item 
1  4 'Structure model' '_software.name'                              
2  5 'Structure model' '_database_2.pdbx_DOI'                        
3  5 'Structure model' '_database_2.pdbx_database_accession'         
4  5 'Structure model' '_pdbx_struct_conn_angle.ptnr1_auth_seq_id'   
5  5 'Structure model' '_pdbx_struct_conn_angle.ptnr1_label_atom_id' 
6  5 'Structure model' '_pdbx_struct_conn_angle.ptnr1_label_seq_id'  
7  5 'Structure model' '_pdbx_struct_conn_angle.ptnr3_auth_seq_id'   
8  5 'Structure model' '_pdbx_struct_conn_angle.ptnr3_label_atom_id' 
9  5 'Structure model' '_pdbx_struct_conn_angle.ptnr3_label_seq_id'  
10 5 'Structure model' '_pdbx_struct_conn_angle.value'               
11 5 'Structure model' '_struct_conn.pdbx_dist_value'                
12 5 'Structure model' '_struct_conn.pdbx_leaving_atom_flag'         
13 5 'Structure model' '_struct_conn.ptnr1_auth_comp_id'             
14 5 'Structure model' '_struct_conn.ptnr1_auth_seq_id'              
15 5 'Structure model' '_struct_conn.ptnr1_label_asym_id'            
16 5 'Structure model' '_struct_conn.ptnr1_label_atom_id'            
17 5 'Structure model' '_struct_conn.ptnr1_label_comp_id'            
18 5 'Structure model' '_struct_conn.ptnr1_label_seq_id'             
19 5 'Structure model' '_struct_conn.ptnr2_auth_comp_id'             
20 5 'Structure model' '_struct_conn.ptnr2_auth_seq_id'              
21 5 'Structure model' '_struct_conn.ptnr2_label_asym_id'            
22 5 'Structure model' '_struct_conn.ptnr2_label_atom_id'            
23 5 'Structure model' '_struct_conn.ptnr2_label_comp_id'            
24 5 'Structure model' '_struct_conn.ptnr2_label_seq_id'             
25 5 'Structure model' '_struct_ref_seq_dif.details'                 
26 5 'Structure model' '_struct_site.pdbx_auth_asym_id'              
27 5 'Structure model' '_struct_site.pdbx_auth_comp_id'              
28 5 'Structure model' '_struct_site.pdbx_auth_seq_id'               
# 
_pdbx_database_status.status_code                     REL 
_pdbx_database_status.entry_id                        2HX0 
_pdbx_database_status.recvd_initial_deposition_date   2006-08-02 
_pdbx_database_status.deposit_site                    RCSB 
_pdbx_database_status.process_site                    RCSB 
_pdbx_database_status.status_code_sf                  REL 
_pdbx_database_status.status_code_mr                  ? 
_pdbx_database_status.SG_entry                        Y 
_pdbx_database_status.pdb_format_compatible           Y 
_pdbx_database_status.status_code_cs                  ? 
_pdbx_database_status.methods_development_category    ? 
_pdbx_database_status.status_code_nmr_data            ? 
# 
_pdbx_database_related.db_name        TargetDB 
_pdbx_database_related.db_id          ScR59 
_pdbx_database_related.details        . 
_pdbx_database_related.content_type   unspecified 
# 
loop_
_audit_author.name 
_audit_author.pdbx_ordinal 
'Kuzin, A.P.'                                     1  
'Abashidze, M.'                                   2  
'Seetharaman, J.'                                 3  
'Shastry, R.'                                     4  
'Conover, K.'                                     5  
'Ma, L.C.'                                        6  
'Xiao, R.'                                        7  
'Liu, J.'                                         8  
'Baran, M.C.'                                     9  
'Acton, T.B.'                                     10 
'Rost, B.'                                        11 
'Montelione, G.'                                  12 
'Tong, L.'                                        13 
'Hunt, J.F.'                                      14 
'Northeast Structural Genomics Consortium (NESG)' 15 
# 
_citation.id                        primary 
_citation.title                     
;Three-dimensional structure of the hypothetical protein from Salmonella cholerae-suis (aka Salmonella enterica) at the resolution 1.55 A. Northeast Structural Genomics target ScR59.
;
_citation.journal_abbrev            'To be Published' 
_citation.journal_volume            ? 
_citation.page_first                ? 
_citation.page_last                 ? 
_citation.year                      ? 
_citation.journal_id_ASTM           ? 
_citation.country                   ? 
_citation.journal_id_ISSN           ? 
_citation.journal_id_CSD            0353 
_citation.book_publisher            ? 
_citation.pdbx_database_id_PubMed   ? 
_citation.pdbx_database_id_DOI      ? 
# 
loop_
_citation_author.citation_id 
_citation_author.name 
_citation_author.ordinal 
_citation_author.identifier_ORCID 
primary 'Kuzin, A.P.'                                     1  ? 
primary 'Abashidze, M.'                                   2  ? 
primary 'Seetharaman, J.'                                 3  ? 
primary 'Shastry, R.'                                     4  ? 
primary 'Conover, K.'                                     5  ? 
primary 'Ma, L.C.'                                        6  ? 
primary 'Xiao, R.'                                        7  ? 
primary 'Liu, J.'                                         8  ? 
primary 'Baran, M.C.'                                     9  ? 
primary 'Acton, T.B.'                                     10 ? 
primary 'Rost, B.'                                        11 ? 
primary 'Montelione, G.'                                  12 ? 
primary 'Tong, L.'                                        13 ? 
primary 'Hunt, J.F.'                                      14 ? 
primary 'Northeast Structural Genomics Consortium (NESG)' 15 ? 
# 
loop_
_entity.id 
_entity.type 
_entity.src_method 
_entity.pdbx_description 
_entity.formula_weight 
_entity.pdbx_number_of_molecules 
_entity.pdbx_ec 
_entity.pdbx_mutation 
_entity.pdbx_fragment 
_entity.details 
1 polymer     man 'Putative DNA-binding protein' 16946.355 1   ? ? ? ? 
2 non-polymer syn 'MAGNESIUM ION'                24.305    1   ? ? ? ? 
3 water       nat water                          18.015    119 ? ? ? ? 
# 
_entity_poly.entity_id                      1 
_entity_poly.type                           'polypeptide(L)' 
_entity_poly.nstd_linkage                   no 
_entity_poly.nstd_monomer                   yes 
_entity_poly.pdbx_seq_one_letter_code       
;(MSE)AGDPNS(MSE)TVSHHNASTARFYALRLLPGQEVFSQLHAFVQQNQLRAAWIAGCTGSLTDVALRYAGQEATTSL
TGTFEVISLNGTLELTGEHLHLAVSDPYGV(MSE)LGGH(MSE)(MSE)PGCTVRTTLELVIGELPALTFSRQPCAISGY
DELHISSRLEHHHH
;
_entity_poly.pdbx_seq_one_letter_code_can   
;MAGDPNSMTVSHHNASTARFYALRLLPGQEVFSQLHAFVQQNQLRAAWIAGCTGSLTDVALRYAGQEATTSLTGTFEVIS
LNGTLELTGEHLHLAVSDPYGVMLGGHMMPGCTVRTTLELVIGELPALTFSRQPCAISGYDELHISSRLEHHHH
;
_entity_poly.pdbx_strand_id                 A 
_entity_poly.pdbx_target_identifier         ScR59 
# 
loop_
_pdbx_entity_nonpoly.entity_id 
_pdbx_entity_nonpoly.name 
_pdbx_entity_nonpoly.comp_id 
2 'MAGNESIUM ION' MG  
3 water           HOH 
# 
loop_
_entity_poly_seq.entity_id 
_entity_poly_seq.num 
_entity_poly_seq.mon_id 
_entity_poly_seq.hetero 
1 1   MSE n 
1 2   ALA n 
1 3   GLY n 
1 4   ASP n 
1 5   PRO n 
1 6   ASN n 
1 7   SER n 
1 8   MSE n 
1 9   THR n 
1 10  VAL n 
1 11  SER n 
1 12  HIS n 
1 13  HIS n 
1 14  ASN n 
1 15  ALA n 
1 16  SER n 
1 17  THR n 
1 18  ALA n 
1 19  ARG n 
1 20  PHE n 
1 21  TYR n 
1 22  ALA n 
1 23  LEU n 
1 24  ARG n 
1 25  LEU n 
1 26  LEU n 
1 27  PRO n 
1 28  GLY n 
1 29  GLN n 
1 30  GLU n 
1 31  VAL n 
1 32  PHE n 
1 33  SER n 
1 34  GLN n 
1 35  LEU n 
1 36  HIS n 
1 37  ALA n 
1 38  PHE n 
1 39  VAL n 
1 40  GLN n 
1 41  GLN n 
1 42  ASN n 
1 43  GLN n 
1 44  LEU n 
1 45  ARG n 
1 46  ALA n 
1 47  ALA n 
1 48  TRP n 
1 49  ILE n 
1 50  ALA n 
1 51  GLY n 
1 52  CYS n 
1 53  THR n 
1 54  GLY n 
1 55  SER n 
1 56  LEU n 
1 57  THR n 
1 58  ASP n 
1 59  VAL n 
1 60  ALA n 
1 61  LEU n 
1 62  ARG n 
1 63  TYR n 
1 64  ALA n 
1 65  GLY n 
1 66  GLN n 
1 67  GLU n 
1 68  ALA n 
1 69  THR n 
1 70  THR n 
1 71  SER n 
1 72  LEU n 
1 73  THR n 
1 74  GLY n 
1 75  THR n 
1 76  PHE n 
1 77  GLU n 
1 78  VAL n 
1 79  ILE n 
1 80  SER n 
1 81  LEU n 
1 82  ASN n 
1 83  GLY n 
1 84  THR n 
1 85  LEU n 
1 86  GLU n 
1 87  LEU n 
1 88  THR n 
1 89  GLY n 
1 90  GLU n 
1 91  HIS n 
1 92  LEU n 
1 93  HIS n 
1 94  LEU n 
1 95  ALA n 
1 96  VAL n 
1 97  SER n 
1 98  ASP n 
1 99  PRO n 
1 100 TYR n 
1 101 GLY n 
1 102 VAL n 
1 103 MSE n 
1 104 LEU n 
1 105 GLY n 
1 106 GLY n 
1 107 HIS n 
1 108 MSE n 
1 109 MSE n 
1 110 PRO n 
1 111 GLY n 
1 112 CYS n 
1 113 THR n 
1 114 VAL n 
1 115 ARG n 
1 116 THR n 
1 117 THR n 
1 118 LEU n 
1 119 GLU n 
1 120 LEU n 
1 121 VAL n 
1 122 ILE n 
1 123 GLY n 
1 124 GLU n 
1 125 LEU n 
1 126 PRO n 
1 127 ALA n 
1 128 LEU n 
1 129 THR n 
1 130 PHE n 
1 131 SER n 
1 132 ARG n 
1 133 GLN n 
1 134 PRO n 
1 135 CYS n 
1 136 ALA n 
1 137 ILE n 
1 138 SER n 
1 139 GLY n 
1 140 TYR n 
1 141 ASP n 
1 142 GLU n 
1 143 LEU n 
1 144 HIS n 
1 145 ILE n 
1 146 SER n 
1 147 SER n 
1 148 ARG n 
1 149 LEU n 
1 150 GLU n 
1 151 HIS n 
1 152 HIS n 
1 153 HIS n 
1 154 HIS n 
# 
_entity_src_gen.entity_id                          1 
_entity_src_gen.pdbx_src_id                        1 
_entity_src_gen.pdbx_alt_source_flag               sample 
_entity_src_gen.pdbx_seq_type                      ? 
_entity_src_gen.pdbx_beg_seq_num                   ? 
_entity_src_gen.pdbx_end_seq_num                   ? 
_entity_src_gen.gene_src_common_name               ? 
_entity_src_gen.gene_src_genus                     Salmonella 
_entity_src_gen.pdbx_gene_src_gene                 ? 
_entity_src_gen.gene_src_species                   ? 
_entity_src_gen.gene_src_strain                    ? 
_entity_src_gen.gene_src_tissue                    ? 
_entity_src_gen.gene_src_tissue_fraction           ? 
_entity_src_gen.gene_src_details                   ? 
_entity_src_gen.pdbx_gene_src_fragment             ? 
_entity_src_gen.pdbx_gene_src_scientific_name      'Salmonella choleraesuis' 
_entity_src_gen.pdbx_gene_src_ncbi_taxonomy_id     591 
_entity_src_gen.pdbx_gene_src_variant              ? 
_entity_src_gen.pdbx_gene_src_cell_line            ? 
_entity_src_gen.pdbx_gene_src_atcc                 ? 
_entity_src_gen.pdbx_gene_src_organ                ? 
_entity_src_gen.pdbx_gene_src_organelle            ? 
_entity_src_gen.pdbx_gene_src_cell                 ? 
_entity_src_gen.pdbx_gene_src_cellular_location    ? 
_entity_src_gen.host_org_common_name               ? 
_entity_src_gen.pdbx_host_org_scientific_name      'Escherichia coli' 
_entity_src_gen.pdbx_host_org_ncbi_taxonomy_id     562 
_entity_src_gen.host_org_genus                     Escherichia 
_entity_src_gen.pdbx_host_org_gene                 ? 
_entity_src_gen.pdbx_host_org_organ                ? 
_entity_src_gen.host_org_species                   ? 
_entity_src_gen.pdbx_host_org_tissue               ? 
_entity_src_gen.pdbx_host_org_tissue_fraction      ? 
_entity_src_gen.pdbx_host_org_strain               'BL21(DE3)+Magic' 
_entity_src_gen.pdbx_host_org_variant              ? 
_entity_src_gen.pdbx_host_org_cell_line            ? 
_entity_src_gen.pdbx_host_org_atcc                 ? 
_entity_src_gen.pdbx_host_org_culture_collection   ? 
_entity_src_gen.pdbx_host_org_cell                 ? 
_entity_src_gen.pdbx_host_org_organelle            ? 
_entity_src_gen.pdbx_host_org_cellular_location    ? 
_entity_src_gen.pdbx_host_org_vector_type          plasmid 
_entity_src_gen.pdbx_host_org_vector               ? 
_entity_src_gen.host_org_details                   ? 
_entity_src_gen.expression_system_id               ? 
_entity_src_gen.plasmid_name                       pET21 
_entity_src_gen.plasmid_details                    ? 
_entity_src_gen.pdbx_description                   ? 
# 
loop_
_chem_comp.id 
_chem_comp.type 
_chem_comp.mon_nstd_flag 
_chem_comp.name 
_chem_comp.pdbx_synonyms 
_chem_comp.formula 
_chem_comp.formula_weight 
ALA 'L-peptide linking' y ALANINE          ? 'C3 H7 N O2'     89.093  
ARG 'L-peptide linking' y ARGININE         ? 'C6 H15 N4 O2 1' 175.209 
ASN 'L-peptide linking' y ASPARAGINE       ? 'C4 H8 N2 O3'    132.118 
ASP 'L-peptide linking' y 'ASPARTIC ACID'  ? 'C4 H7 N O4'     133.103 
CYS 'L-peptide linking' y CYSTEINE         ? 'C3 H7 N O2 S'   121.158 
GLN 'L-peptide linking' y GLUTAMINE        ? 'C5 H10 N2 O3'   146.144 
GLU 'L-peptide linking' y 'GLUTAMIC ACID'  ? 'C5 H9 N O4'     147.129 
GLY 'peptide linking'   y GLYCINE          ? 'C2 H5 N O2'     75.067  
HIS 'L-peptide linking' y HISTIDINE        ? 'C6 H10 N3 O2 1' 156.162 
HOH non-polymer         . WATER            ? 'H2 O'           18.015  
ILE 'L-peptide linking' y ISOLEUCINE       ? 'C6 H13 N O2'    131.173 
LEU 'L-peptide linking' y LEUCINE          ? 'C6 H13 N O2'    131.173 
MET 'L-peptide linking' y METHIONINE       ? 'C5 H11 N O2 S'  149.211 
MG  non-polymer         . 'MAGNESIUM ION'  ? 'Mg 2'           24.305  
MSE 'L-peptide linking' n SELENOMETHIONINE ? 'C5 H11 N O2 Se' 196.106 
PHE 'L-peptide linking' y PHENYLALANINE    ? 'C9 H11 N O2'    165.189 
PRO 'L-peptide linking' y PROLINE          ? 'C5 H9 N O2'     115.130 
SER 'L-peptide linking' y SERINE           ? 'C3 H7 N O3'     105.093 
THR 'L-peptide linking' y THREONINE        ? 'C4 H9 N O3'     119.119 
TRP 'L-peptide linking' y TRYPTOPHAN       ? 'C11 H12 N2 O2'  204.225 
TYR 'L-peptide linking' y TYROSINE         ? 'C9 H11 N O3'    181.189 
VAL 'L-peptide linking' y VALINE           ? 'C5 H11 N O2'    117.146 
# 
loop_
_pdbx_poly_seq_scheme.asym_id 
_pdbx_poly_seq_scheme.entity_id 
_pdbx_poly_seq_scheme.seq_id 
_pdbx_poly_seq_scheme.mon_id 
_pdbx_poly_seq_scheme.ndb_seq_num 
_pdbx_poly_seq_scheme.pdb_seq_num 
_pdbx_poly_seq_scheme.auth_seq_num 
_pdbx_poly_seq_scheme.pdb_mon_id 
_pdbx_poly_seq_scheme.auth_mon_id 
_pdbx_poly_seq_scheme.pdb_strand_id 
_pdbx_poly_seq_scheme.pdb_ins_code 
_pdbx_poly_seq_scheme.hetero 
A 1 1   MSE 1   -6  ?   ?   ?   A . n 
A 1 2   ALA 2   -5  ?   ?   ?   A . n 
A 1 3   GLY 3   -4  ?   ?   ?   A . n 
A 1 4   ASP 4   -3  ?   ?   ?   A . n 
A 1 5   PRO 5   -2  ?   ?   ?   A . n 
A 1 6   ASN 6   -1  ?   ?   ?   A . n 
A 1 7   SER 7   0   ?   ?   ?   A . n 
A 1 8   MSE 8   1   ?   ?   ?   A . n 
A 1 9   THR 9   2   ?   ?   ?   A . n 
A 1 10  VAL 10  3   ?   ?   ?   A . n 
A 1 11  SER 11  4   ?   ?   ?   A . n 
A 1 12  HIS 12  5   5   HIS HIS A . n 
A 1 13  HIS 13  6   6   HIS HIS A . n 
A 1 14  ASN 14  7   7   ASN ASN A . n 
A 1 15  ALA 15  8   8   ALA ALA A . n 
A 1 16  SER 16  9   9   SER SER A . n 
A 1 17  THR 17  10  10  THR THR A . n 
A 1 18  ALA 18  11  11  ALA ALA A . n 
A 1 19  ARG 19  12  12  ARG ARG A . n 
A 1 20  PHE 20  13  13  PHE PHE A . n 
A 1 21  TYR 21  14  14  TYR TYR A . n 
A 1 22  ALA 22  15  15  ALA ALA A . n 
A 1 23  LEU 23  16  16  LEU LEU A . n 
A 1 24  ARG 24  17  17  ARG ARG A . n 
A 1 25  LEU 25  18  18  LEU LEU A . n 
A 1 26  LEU 26  19  19  LEU LEU A . n 
A 1 27  PRO 27  20  20  PRO PRO A . n 
A 1 28  GLY 28  21  21  GLY GLY A . n 
A 1 29  GLN 29  22  22  GLN GLN A . n 
A 1 30  GLU 30  23  23  GLU GLU A . n 
A 1 31  VAL 31  24  24  VAL VAL A . n 
A 1 32  PHE 32  25  25  PHE PHE A . n 
A 1 33  SER 33  26  26  SER SER A . n 
A 1 34  GLN 34  27  27  GLN GLN A . n 
A 1 35  LEU 35  28  28  LEU LEU A . n 
A 1 36  HIS 36  29  29  HIS HIS A . n 
A 1 37  ALA 37  30  30  ALA ALA A . n 
A 1 38  PHE 38  31  31  PHE PHE A . n 
A 1 39  VAL 39  32  32  VAL VAL A . n 
A 1 40  GLN 40  33  33  GLN GLN A . n 
A 1 41  GLN 41  34  34  GLN GLN A . n 
A 1 42  ASN 42  35  35  ASN ASN A . n 
A 1 43  GLN 43  36  36  GLN GLN A . n 
A 1 44  LEU 44  37  37  LEU LEU A . n 
A 1 45  ARG 45  38  38  ARG ARG A . n 
A 1 46  ALA 46  39  39  ALA ALA A . n 
A 1 47  ALA 47  40  40  ALA ALA A . n 
A 1 48  TRP 48  41  41  TRP TRP A . n 
A 1 49  ILE 49  42  42  ILE ILE A . n 
A 1 50  ALA 50  43  43  ALA ALA A . n 
A 1 51  GLY 51  44  44  GLY GLY A . n 
A 1 52  CYS 52  45  45  CYS CYS A . n 
A 1 53  THR 53  46  46  THR THR A . n 
A 1 54  GLY 54  47  47  GLY GLY A . n 
A 1 55  SER 55  48  48  SER SER A . n 
A 1 56  LEU 56  49  49  LEU LEU A . n 
A 1 57  THR 57  50  50  THR THR A . n 
A 1 58  ASP 58  51  51  ASP ASP A . n 
A 1 59  VAL 59  52  52  VAL VAL A . n 
A 1 60  ALA 60  53  53  ALA ALA A . n 
A 1 61  LEU 61  54  54  LEU LEU A . n 
A 1 62  ARG 62  55  55  ARG ARG A . n 
A 1 63  TYR 63  56  56  TYR TYR A . n 
A 1 64  ALA 64  57  57  ALA ALA A . n 
A 1 65  GLY 65  58  58  GLY GLY A . n 
A 1 66  GLN 66  59  59  GLN GLN A . n 
A 1 67  GLU 67  60  60  GLU GLU A . n 
A 1 68  ALA 68  61  61  ALA ALA A . n 
A 1 69  THR 69  62  62  THR THR A . n 
A 1 70  THR 70  63  63  THR THR A . n 
A 1 71  SER 71  64  64  SER SER A . n 
A 1 72  LEU 72  65  65  LEU LEU A . n 
A 1 73  THR 73  66  66  THR THR A . n 
A 1 74  GLY 74  67  67  GLY GLY A . n 
A 1 75  THR 75  68  68  THR THR A . n 
A 1 76  PHE 76  69  69  PHE PHE A . n 
A 1 77  GLU 77  70  70  GLU GLU A . n 
A 1 78  VAL 78  71  71  VAL VAL A . n 
A 1 79  ILE 79  72  72  ILE ILE A . n 
A 1 80  SER 80  73  73  SER SER A . n 
A 1 81  LEU 81  74  74  LEU LEU A . n 
A 1 82  ASN 82  75  75  ASN ASN A . n 
A 1 83  GLY 83  76  76  GLY GLY A . n 
A 1 84  THR 84  77  77  THR THR A . n 
A 1 85  LEU 85  78  78  LEU LEU A . n 
A 1 86  GLU 86  79  79  GLU GLU A . n 
A 1 87  LEU 87  80  80  LEU LEU A . n 
A 1 88  THR 88  81  81  THR THR A . n 
A 1 89  GLY 89  82  82  GLY GLY A . n 
A 1 90  GLU 90  83  83  GLU GLU A . n 
A 1 91  HIS 91  84  84  HIS HIS A . n 
A 1 92  LEU 92  85  85  LEU LEU A . n 
A 1 93  HIS 93  86  86  HIS HIS A . n 
A 1 94  LEU 94  87  87  LEU LEU A . n 
A 1 95  ALA 95  88  88  ALA ALA A . n 
A 1 96  VAL 96  89  89  VAL VAL A . n 
A 1 97  SER 97  90  90  SER SER A . n 
A 1 98  ASP 98  91  91  ASP ASP A . n 
A 1 99  PRO 99  92  92  PRO PRO A . n 
A 1 100 TYR 100 93  93  TYR TYR A . n 
A 1 101 GLY 101 94  94  GLY GLY A . n 
A 1 102 VAL 102 95  95  VAL VAL A . n 
A 1 103 MSE 103 96  96  MSE MSE A . n 
A 1 104 LEU 104 97  97  LEU LEU A . n 
A 1 105 GLY 105 98  98  GLY GLY A . n 
A 1 106 GLY 106 99  99  GLY GLY A . n 
A 1 107 HIS 107 100 100 HIS HIS A . n 
A 1 108 MSE 108 101 101 MSE MSE A . n 
A 1 109 MSE 109 102 102 MSE MSE A . n 
A 1 110 PRO 110 103 103 PRO PRO A . n 
A 1 111 GLY 111 104 104 GLY GLY A . n 
A 1 112 CYS 112 105 105 CYS CYS A . n 
A 1 113 THR 113 106 106 THR THR A . n 
A 1 114 VAL 114 107 107 VAL VAL A . n 
A 1 115 ARG 115 108 108 ARG ARG A . n 
A 1 116 THR 116 109 109 THR THR A . n 
A 1 117 THR 117 110 110 THR THR A . n 
A 1 118 LEU 118 111 111 LEU LEU A . n 
A 1 119 GLU 119 112 112 GLU GLU A . n 
A 1 120 LEU 120 113 113 LEU LEU A . n 
A 1 121 VAL 121 114 114 VAL VAL A . n 
A 1 122 ILE 122 115 115 ILE ILE A . n 
A 1 123 GLY 123 116 116 GLY GLY A . n 
A 1 124 GLU 124 117 117 GLU GLU A . n 
A 1 125 LEU 125 118 118 LEU LEU A . n 
A 1 126 PRO 126 119 119 PRO PRO A . n 
A 1 127 ALA 127 120 120 ALA ALA A . n 
A 1 128 LEU 128 121 121 LEU LEU A . n 
A 1 129 THR 129 122 122 THR THR A . n 
A 1 130 PHE 130 123 123 PHE PHE A . n 
A 1 131 SER 131 124 124 SER SER A . n 
A 1 132 ARG 132 125 125 ARG ARG A . n 
A 1 133 GLN 133 126 126 GLN GLN A . n 
A 1 134 PRO 134 127 127 PRO PRO A . n 
A 1 135 CYS 135 128 128 CYS CYS A . n 
A 1 136 ALA 136 129 129 ALA ALA A . n 
A 1 137 ILE 137 130 130 ILE ILE A . n 
A 1 138 SER 138 131 131 SER SER A . n 
A 1 139 GLY 139 132 132 GLY GLY A . n 
A 1 140 TYR 140 133 133 TYR TYR A . n 
A 1 141 ASP 141 134 134 ASP ASP A . n 
A 1 142 GLU 142 135 135 GLU GLU A . n 
A 1 143 LEU 143 136 136 LEU LEU A . n 
A 1 144 HIS 144 137 137 HIS HIS A . n 
A 1 145 ILE 145 138 138 ILE ILE A . n 
A 1 146 SER 146 139 139 SER SER A . n 
A 1 147 SER 147 140 140 SER SER A . n 
A 1 148 ARG 148 141 141 ARG ARG A . n 
A 1 149 LEU 149 142 142 LEU LEU A . n 
A 1 150 GLU 150 143 ?   ?   ?   A . n 
A 1 151 HIS 151 144 ?   ?   ?   A . n 
A 1 152 HIS 152 145 ?   ?   ?   A . n 
A 1 153 HIS 153 146 ?   ?   ?   A . n 
A 1 154 HIS 154 147 ?   ?   ?   A . n 
# 
loop_
_pdbx_nonpoly_scheme.asym_id 
_pdbx_nonpoly_scheme.entity_id 
_pdbx_nonpoly_scheme.mon_id 
_pdbx_nonpoly_scheme.ndb_seq_num 
_pdbx_nonpoly_scheme.pdb_seq_num 
_pdbx_nonpoly_scheme.auth_seq_num 
_pdbx_nonpoly_scheme.pdb_mon_id 
_pdbx_nonpoly_scheme.auth_mon_id 
_pdbx_nonpoly_scheme.pdb_strand_id 
_pdbx_nonpoly_scheme.pdb_ins_code 
B 2 MG  1   201 1   MG  MG  A . 
C 3 HOH 1   202 1   HOH WAT A . 
C 3 HOH 2   203 2   HOH WAT A . 
C 3 HOH 3   204 3   HOH WAT A . 
C 3 HOH 4   205 4   HOH WAT A . 
C 3 HOH 5   206 5   HOH WAT A . 
C 3 HOH 6   207 6   HOH WAT A . 
C 3 HOH 7   208 7   HOH WAT A . 
C 3 HOH 8   209 8   HOH WAT A . 
C 3 HOH 9   210 9   HOH WAT A . 
C 3 HOH 10  211 10  HOH WAT A . 
C 3 HOH 11  212 11  HOH WAT A . 
C 3 HOH 12  213 12  HOH WAT A . 
C 3 HOH 13  214 13  HOH WAT A . 
C 3 HOH 14  215 14  HOH WAT A . 
C 3 HOH 15  216 15  HOH WAT A . 
C 3 HOH 16  217 16  HOH WAT A . 
C 3 HOH 17  218 17  HOH WAT A . 
C 3 HOH 18  219 18  HOH WAT A . 
C 3 HOH 19  220 19  HOH WAT A . 
C 3 HOH 20  221 20  HOH WAT A . 
C 3 HOH 21  222 21  HOH WAT A . 
C 3 HOH 22  223 22  HOH WAT A . 
C 3 HOH 23  224 23  HOH WAT A . 
C 3 HOH 24  225 24  HOH WAT A . 
C 3 HOH 25  226 25  HOH WAT A . 
C 3 HOH 26  227 26  HOH WAT A . 
C 3 HOH 27  228 27  HOH WAT A . 
C 3 HOH 28  229 28  HOH WAT A . 
C 3 HOH 29  230 29  HOH WAT A . 
C 3 HOH 30  231 30  HOH WAT A . 
C 3 HOH 31  232 31  HOH WAT A . 
C 3 HOH 32  233 32  HOH WAT A . 
C 3 HOH 33  234 33  HOH WAT A . 
C 3 HOH 34  235 34  HOH WAT A . 
C 3 HOH 35  236 35  HOH WAT A . 
C 3 HOH 36  237 36  HOH WAT A . 
C 3 HOH 37  238 37  HOH WAT A . 
C 3 HOH 38  239 38  HOH WAT A . 
C 3 HOH 39  240 39  HOH WAT A . 
C 3 HOH 40  241 40  HOH WAT A . 
C 3 HOH 41  242 41  HOH WAT A . 
C 3 HOH 42  243 42  HOH WAT A . 
C 3 HOH 43  244 43  HOH WAT A . 
C 3 HOH 44  245 44  HOH WAT A . 
C 3 HOH 45  246 45  HOH WAT A . 
C 3 HOH 46  247 46  HOH WAT A . 
C 3 HOH 47  248 47  HOH WAT A . 
C 3 HOH 48  249 48  HOH WAT A . 
C 3 HOH 49  250 49  HOH WAT A . 
C 3 HOH 50  251 50  HOH WAT A . 
C 3 HOH 51  252 51  HOH WAT A . 
C 3 HOH 52  253 52  HOH WAT A . 
C 3 HOH 53  254 53  HOH WAT A . 
C 3 HOH 54  255 54  HOH WAT A . 
C 3 HOH 55  256 55  HOH WAT A . 
C 3 HOH 56  257 56  HOH WAT A . 
C 3 HOH 57  258 57  HOH WAT A . 
C 3 HOH 58  259 58  HOH WAT A . 
C 3 HOH 59  260 59  HOH WAT A . 
C 3 HOH 60  261 60  HOH WAT A . 
C 3 HOH 61  262 61  HOH WAT A . 
C 3 HOH 62  263 62  HOH WAT A . 
C 3 HOH 63  264 63  HOH WAT A . 
C 3 HOH 64  265 64  HOH WAT A . 
C 3 HOH 65  266 65  HOH WAT A . 
C 3 HOH 66  267 66  HOH WAT A . 
C 3 HOH 67  268 67  HOH WAT A . 
C 3 HOH 68  269 68  HOH WAT A . 
C 3 HOH 69  270 69  HOH WAT A . 
C 3 HOH 70  271 70  HOH WAT A . 
C 3 HOH 71  272 71  HOH WAT A . 
C 3 HOH 72  273 72  HOH WAT A . 
C 3 HOH 73  274 73  HOH WAT A . 
C 3 HOH 74  275 74  HOH WAT A . 
C 3 HOH 75  276 75  HOH WAT A . 
C 3 HOH 76  277 76  HOH WAT A . 
C 3 HOH 77  278 77  HOH WAT A . 
C 3 HOH 78  279 78  HOH WAT A . 
C 3 HOH 79  280 79  HOH WAT A . 
C 3 HOH 80  281 80  HOH WAT A . 
C 3 HOH 81  282 81  HOH WAT A . 
C 3 HOH 82  283 82  HOH WAT A . 
C 3 HOH 83  284 83  HOH WAT A . 
C 3 HOH 84  285 84  HOH WAT A . 
C 3 HOH 85  286 85  HOH WAT A . 
C 3 HOH 86  287 86  HOH WAT A . 
C 3 HOH 87  288 87  HOH WAT A . 
C 3 HOH 88  289 88  HOH WAT A . 
C 3 HOH 89  290 89  HOH WAT A . 
C 3 HOH 90  291 90  HOH WAT A . 
C 3 HOH 91  292 91  HOH WAT A . 
C 3 HOH 92  293 92  HOH WAT A . 
C 3 HOH 93  294 93  HOH WAT A . 
C 3 HOH 94  295 94  HOH WAT A . 
C 3 HOH 95  296 95  HOH WAT A . 
C 3 HOH 96  297 96  HOH WAT A . 
C 3 HOH 97  298 97  HOH WAT A . 
C 3 HOH 98  299 98  HOH WAT A . 
C 3 HOH 99  300 99  HOH WAT A . 
C 3 HOH 100 301 100 HOH WAT A . 
C 3 HOH 101 302 101 HOH WAT A . 
C 3 HOH 102 303 102 HOH WAT A . 
C 3 HOH 103 304 103 HOH WAT A . 
C 3 HOH 104 305 105 HOH WAT A . 
C 3 HOH 105 306 106 HOH WAT A . 
C 3 HOH 106 307 107 HOH WAT A . 
C 3 HOH 107 308 108 HOH WAT A . 
C 3 HOH 108 309 109 HOH WAT A . 
C 3 HOH 109 310 110 HOH WAT A . 
C 3 HOH 110 311 111 HOH WAT A . 
C 3 HOH 111 312 112 HOH WAT A . 
C 3 HOH 112 313 113 HOH WAT A . 
C 3 HOH 113 314 114 HOH WAT A . 
C 3 HOH 114 315 115 HOH WAT A . 
C 3 HOH 115 316 116 HOH WAT A . 
C 3 HOH 116 317 117 HOH WAT A . 
C 3 HOH 117 318 118 HOH WAT A . 
C 3 HOH 118 319 119 HOH WAT A . 
C 3 HOH 119 320 120 HOH WAT A . 
# 
loop_
_software.name 
_software.classification 
_software.version 
_software.citation_id 
_software.pdbx_ordinal 
CNS       refinement       1.1 ? 1 
DENZO     'data reduction' .   ? 2 
SCALEPACK 'data scaling'   .   ? 3 
SnB       phasing          .   ? 4 
# 
_cell.entry_id           2HX0 
_cell.length_a           78.759 
_cell.length_b           78.759 
_cell.length_c           45.926 
_cell.angle_alpha        90.00 
_cell.angle_beta         90.00 
_cell.angle_gamma        120.00 
_cell.Z_PDB              6 
_cell.pdbx_unique_axis   ? 
_cell.length_a_esd       ? 
_cell.length_b_esd       ? 
_cell.length_c_esd       ? 
_cell.angle_alpha_esd    ? 
_cell.angle_beta_esd     ? 
_cell.angle_gamma_esd    ? 
# 
_symmetry.entry_id                         2HX0 
_symmetry.space_group_name_H-M             'P 3 2 1' 
_symmetry.pdbx_full_space_group_name_H-M   ? 
_symmetry.cell_setting                     ? 
_symmetry.Int_Tables_number                150 
_symmetry.space_group_name_Hall            ? 
# 
_exptl.entry_id          2HX0 
_exptl.method            'X-RAY DIFFRACTION' 
_exptl.crystals_number   1 
# 
_exptl_crystal.id                    1 
_exptl_crystal.density_meas          ? 
_exptl_crystal.density_Matthews      2.43 
_exptl_crystal.density_percent_sol   49.29 
_exptl_crystal.description           'THE STRUCTURE FACTOR FILE CONTAINS FRIEDEL PAIRS.' 
_exptl_crystal.F_000                 ? 
_exptl_crystal.preparation           ? 
# 
_exptl_crystal_grow.crystal_id      1 
_exptl_crystal_grow.method          'VAPOR DIFFUSION, HANGING DROP' 
_exptl_crystal_grow.temp            293 
_exptl_crystal_grow.temp_details    ? 
_exptl_crystal_grow.pH              ? 
_exptl_crystal_grow.pdbx_details    '200 mM Magnesium formate, 18% PEG3350, VAPOR DIFFUSION, HANGING DROP, temperature 293K' 
_exptl_crystal_grow.pdbx_pH_range   . 
# 
_diffrn.id                     1 
_diffrn.ambient_temp           100 
_diffrn.ambient_temp_details   ? 
_diffrn.crystal_id             1 
# 
_diffrn_detector.diffrn_id              1 
_diffrn_detector.detector               CCD 
_diffrn_detector.type                   'ADSC QUANTUM 4' 
_diffrn_detector.pdbx_collection_date   2006-07-23 
_diffrn_detector.details                mirrors 
# 
_diffrn_radiation.diffrn_id                        1 
_diffrn_radiation.wavelength_id                    1 
_diffrn_radiation.pdbx_monochromatic_or_laue_m_l   M 
_diffrn_radiation.monochromator                    ? 
_diffrn_radiation.pdbx_diffrn_protocol             'SINGLE WAVELENGTH' 
_diffrn_radiation.pdbx_scattering_type             x-ray 
# 
_diffrn_radiation_wavelength.id           1 
_diffrn_radiation_wavelength.wavelength   0.97900 
_diffrn_radiation_wavelength.wt           1.0 
# 
_diffrn_source.diffrn_id                   1 
_diffrn_source.source                      SYNCHROTRON 
_diffrn_source.type                        'NSLS BEAMLINE X4A' 
_diffrn_source.pdbx_synchrotron_site       NSLS 
_diffrn_source.pdbx_synchrotron_beamline   X4A 
_diffrn_source.pdbx_wavelength             ? 
_diffrn_source.pdbx_wavelength_list        0.97900 
# 
_reflns.entry_id                     2HX0 
_reflns.observed_criterion_sigma_I   -3.0 
_reflns.observed_criterion_sigma_F   ? 
_reflns.d_resolution_low             30 
_reflns.d_resolution_high            1.55 
_reflns.number_obs                   46085 
_reflns.number_all                   46161 
_reflns.percent_possible_obs         99.6 
_reflns.pdbx_Rmerge_I_obs            0.073 
_reflns.pdbx_Rsym_value              ? 
_reflns.pdbx_netI_over_sigmaI        40.5 
_reflns.B_iso_Wilson_estimate        15.2 
_reflns.pdbx_redundancy              10.8 
_reflns.R_free_details               ? 
_reflns.limit_h_max                  ? 
_reflns.limit_h_min                  ? 
_reflns.limit_k_max                  ? 
_reflns.limit_k_min                  ? 
_reflns.limit_l_max                  ? 
_reflns.limit_l_min                  ? 
_reflns.observed_criterion_F_max     ? 
_reflns.observed_criterion_F_min     ? 
_reflns.pdbx_chi_squared             ? 
_reflns.pdbx_scaling_rejects         ? 
_reflns.pdbx_ordinal                 1 
_reflns.pdbx_diffrn_id               1 
# 
_reflns_shell.d_res_high             1.55 
_reflns_shell.d_res_low              1.61 
_reflns_shell.percent_possible_all   100 
_reflns_shell.Rmerge_I_obs           0.675 
_reflns_shell.pdbx_Rsym_value        ? 
_reflns_shell.meanI_over_sigI_obs    3.70 
_reflns_shell.pdbx_redundancy        ? 
_reflns_shell.percent_possible_obs   ? 
_reflns_shell.number_unique_all      ? 
_reflns_shell.number_measured_all    ? 
_reflns_shell.number_measured_obs    ? 
_reflns_shell.number_unique_obs      ? 
_reflns_shell.pdbx_chi_squared       ? 
_reflns_shell.pdbx_ordinal           1 
_reflns_shell.pdbx_diffrn_id         1 
# 
_refine.entry_id                                 2HX0 
_refine.ls_number_reflns_obs                     42649 
_refine.ls_number_reflns_all                     ? 
_refine.pdbx_ls_sigma_I                          ? 
_refine.pdbx_ls_sigma_F                          1.0 
_refine.pdbx_data_cutoff_high_absF               381920.61 
_refine.pdbx_data_cutoff_low_absF                0.000000 
_refine.pdbx_data_cutoff_high_rms_absF           ? 
_refine.ls_d_res_low                             19.84 
_refine.ls_d_res_high                            1.55 
_refine.ls_percent_reflns_obs                    92.1 
_refine.ls_R_factor_obs                          0.197 
_refine.ls_R_factor_all                          ? 
_refine.ls_R_factor_R_work                       0.197 
_refine.ls_R_factor_R_free                       0.209 
_refine.ls_R_factor_R_free_error                 0.005 
_refine.ls_R_factor_R_free_error_details         ? 
_refine.ls_percent_reflns_R_free                 4.9 
_refine.ls_number_reflns_R_free                  2109 
_refine.ls_number_parameters                     ? 
_refine.ls_number_restraints                     ? 
_refine.occupancy_min                            ? 
_refine.occupancy_max                            ? 
_refine.correlation_coeff_Fo_to_Fc               ? 
_refine.correlation_coeff_Fo_to_Fc_free          ? 
_refine.B_iso_mean                               18.4 
_refine.aniso_B[1][1]                            1.27 
_refine.aniso_B[2][2]                            1.27 
_refine.aniso_B[3][3]                            -2.54 
_refine.aniso_B[1][2]                            0.98 
_refine.aniso_B[1][3]                            0.00 
_refine.aniso_B[2][3]                            0.00 
_refine.solvent_model_details                    'FLAT MODEL' 
_refine.solvent_model_param_ksol                 0.341776 
_refine.solvent_model_param_bsol                 58.5354 
_refine.pdbx_solvent_vdw_probe_radii             ? 
_refine.pdbx_solvent_ion_probe_radii             ? 
_refine.pdbx_solvent_shrinkage_radii             ? 
_refine.pdbx_ls_cross_valid_method               THROUGHOUT 
_refine.details                                  'THE FRIEDEL PAIRS WERE USED FOR PHASING.' 
_refine.pdbx_starting_model                      ? 
_refine.pdbx_method_to_determine_struct          SAD 
_refine.pdbx_isotropic_thermal_model             RESTRAINED 
_refine.pdbx_stereochemistry_target_values       'Engh & Huber' 
_refine.pdbx_stereochem_target_val_spec_case     ? 
_refine.pdbx_R_Free_selection_details            RANDOM 
_refine.pdbx_overall_ESU_R                       ? 
_refine.pdbx_overall_ESU_R_Free                  ? 
_refine.overall_SU_ML                            ? 
_refine.overall_SU_B                             ? 
_refine.ls_redundancy_reflns_obs                 ? 
_refine.B_iso_min                                ? 
_refine.B_iso_max                                ? 
_refine.overall_SU_R_Cruickshank_DPI             ? 
_refine.overall_SU_R_free                        ? 
_refine.ls_wR_factor_R_free                      ? 
_refine.ls_wR_factor_R_work                      ? 
_refine.overall_FOM_free_R_set                   ? 
_refine.overall_FOM_work_R_set                   ? 
_refine.pdbx_refine_id                           'X-RAY DIFFRACTION' 
_refine.pdbx_diffrn_id                           1 
_refine.pdbx_TLS_residual_ADP_flag               ? 
_refine.pdbx_overall_phase_error                 ? 
_refine.pdbx_overall_SU_R_free_Cruickshank_DPI   ? 
_refine.pdbx_overall_SU_R_Blow_DPI               ? 
_refine.pdbx_overall_SU_R_free_Blow_DPI          ? 
# 
_refine_analyze.entry_id                        2HX0 
_refine_analyze.Luzzati_coordinate_error_obs    0.17 
_refine_analyze.Luzzati_sigma_a_obs             0.09 
_refine_analyze.Luzzati_d_res_low_obs           5.00 
_refine_analyze.Luzzati_coordinate_error_free   0.19 
_refine_analyze.Luzzati_sigma_a_free            0.11 
_refine_analyze.Luzzati_d_res_low_free          ? 
_refine_analyze.number_disordered_residues      ? 
_refine_analyze.occupancy_sum_hydrogen          ? 
_refine_analyze.occupancy_sum_non_hydrogen      ? 
_refine_analyze.pdbx_Luzzati_d_res_high_obs     ? 
_refine_analyze.pdbx_refine_id                  'X-RAY DIFFRACTION' 
# 
_refine_hist.pdbx_refine_id                   'X-RAY DIFFRACTION' 
_refine_hist.cycle_id                         LAST 
_refine_hist.pdbx_number_atoms_protein        1048 
_refine_hist.pdbx_number_atoms_nucleic_acid   0 
_refine_hist.pdbx_number_atoms_ligand         1 
_refine_hist.number_atoms_solvent             119 
_refine_hist.number_atoms_total               1168 
_refine_hist.d_res_high                       1.55 
_refine_hist.d_res_low                        19.84 
# 
loop_
_refine_ls_restr.type 
_refine_ls_restr.dev_ideal 
_refine_ls_restr.dev_ideal_target 
_refine_ls_restr.weight 
_refine_ls_restr.number 
_refine_ls_restr.pdbx_refine_id 
_refine_ls_restr.pdbx_restraint_function 
c_bond_d           0.005 ? ? ? 'X-RAY DIFFRACTION' ? 
c_angle_deg        1.4   ? ? ? 'X-RAY DIFFRACTION' ? 
c_dihedral_angle_d 26.0  ? ? ? 'X-RAY DIFFRACTION' ? 
c_improper_angle_d 0.70  ? ? ? 'X-RAY DIFFRACTION' ? 
# 
_refine_ls_shell.pdbx_total_number_of_bins_used   6 
_refine_ls_shell.d_res_high                       1.55 
_refine_ls_shell.d_res_low                        1.65 
_refine_ls_shell.number_reflns_R_work             5639 
_refine_ls_shell.R_factor_R_work                  0.223 
_refine_ls_shell.percent_reflns_obs               77.3 
_refine_ls_shell.R_factor_R_free                  0.229 
_refine_ls_shell.R_factor_R_free_error            0.013 
_refine_ls_shell.percent_reflns_R_free            4.9 
_refine_ls_shell.number_reflns_R_free             288 
_refine_ls_shell.number_reflns_all                ? 
_refine_ls_shell.R_factor_all                     ? 
_refine_ls_shell.number_reflns_obs                ? 
_refine_ls_shell.redundancy_reflns_obs            ? 
_refine_ls_shell.pdbx_refine_id                   'X-RAY DIFFRACTION' 
# 
loop_
_pdbx_xplor_file.serial_no 
_pdbx_xplor_file.param_file 
_pdbx_xplor_file.topol_file 
_pdbx_xplor_file.pdbx_refine_id 
1 protein_rep.param protein.top 'X-RAY DIFFRACTION' 
2 water_rep.param   water.top   'X-RAY DIFFRACTION' 
3 ion.param         ion.top     'X-RAY DIFFRACTION' 
# 
_struct.entry_id                  2HX0 
_struct.title                     
;Three-dimensional structure of the hypothetical protein from Salmonella cholerae-suis (aka Salmonella enterica) at the resolution 1.55 A. Northeast Structural Genomics target ScR59.
;
_struct.pdbx_model_details        ? 
_struct.pdbx_CASP_flag            ? 
_struct.pdbx_model_type_details   ? 
# 
_struct_keywords.entry_id        2HX0 
_struct_keywords.pdbx_keywords   'DNA BINDING PROTEIN' 
_struct_keywords.text            
;NESG, PSI-2, ScR59, Structural Genomics, Protein Structure Initiative, Northeast Structural Genomics Consortium, DNA BINDING PROTEIN
;
# 
loop_
_struct_asym.id 
_struct_asym.pdbx_blank_PDB_chainid_flag 
_struct_asym.pdbx_modified 
_struct_asym.entity_id 
_struct_asym.details 
A N N 1 ? 
B N N 2 ? 
C N N 3 ? 
# 
_struct_ref.id                         1 
_struct_ref.db_name                    UNP 
_struct_ref.db_code                    Q57K43_SALCH 
_struct_ref.pdbx_db_accession          Q57K43 
_struct_ref.entity_id                  1 
_struct_ref.pdbx_seq_one_letter_code   
;MTVSHYNASTARFYAFRLLPGQEVFSQLHAFVQQNQLHAAWIAGCTGSLTDVALRYAGQEATTSLTGTFEVISLNGTLEL
TGEHLHLAVSDPYGAMLGGHMMPGCTVRTTLELVIGELPALTFSRQPCAISGYDELHISSR
;
_struct_ref.pdbx_align_begin           1 
_struct_ref.pdbx_db_isoform            ? 
# 
_struct_ref_seq.align_id                      1 
_struct_ref_seq.ref_id                        1 
_struct_ref_seq.pdbx_PDB_id_code              2HX0 
_struct_ref_seq.pdbx_strand_id                A 
_struct_ref_seq.seq_align_beg                 8 
_struct_ref_seq.pdbx_seq_align_beg_ins_code   ? 
_struct_ref_seq.seq_align_end                 148 
_struct_ref_seq.pdbx_seq_align_end_ins_code   ? 
_struct_ref_seq.pdbx_db_accession             Q57K43 
_struct_ref_seq.db_align_beg                  1 
_struct_ref_seq.pdbx_db_align_beg_ins_code    ? 
_struct_ref_seq.db_align_end                  141 
_struct_ref_seq.pdbx_db_align_end_ins_code    ? 
_struct_ref_seq.pdbx_auth_seq_align_beg       1 
_struct_ref_seq.pdbx_auth_seq_align_end       141 
# 
loop_
_struct_ref_seq_dif.align_id 
_struct_ref_seq_dif.pdbx_pdb_id_code 
_struct_ref_seq_dif.mon_id 
_struct_ref_seq_dif.pdbx_pdb_strand_id 
_struct_ref_seq_dif.seq_num 
_struct_ref_seq_dif.pdbx_pdb_ins_code 
_struct_ref_seq_dif.pdbx_seq_db_name 
_struct_ref_seq_dif.pdbx_seq_db_accession_code 
_struct_ref_seq_dif.db_mon_id 
_struct_ref_seq_dif.pdbx_seq_db_seq_num 
_struct_ref_seq_dif.details 
_struct_ref_seq_dif.pdbx_auth_seq_num 
_struct_ref_seq_dif.pdbx_ordinal 
1 2HX0 MSE A 1   ? UNP Q57K43 ?   ?   'cloning artifact'    -6  1  
1 2HX0 ALA A 2   ? UNP Q57K43 ?   ?   'cloning artifact'    -5  2  
1 2HX0 GLY A 3   ? UNP Q57K43 ?   ?   'cloning artifact'    -4  3  
1 2HX0 ASP A 4   ? UNP Q57K43 ?   ?   'cloning artifact'    -3  4  
1 2HX0 PRO A 5   ? UNP Q57K43 ?   ?   'cloning artifact'    -2  5  
1 2HX0 ASN A 6   ? UNP Q57K43 ?   ?   'cloning artifact'    -1  6  
1 2HX0 SER A 7   ? UNP Q57K43 ?   ?   'cloning artifact'    0   7  
1 2HX0 MSE A 8   ? UNP Q57K43 MET 1   'modified residue'    1   8  
1 2HX0 HIS A 13  ? UNP Q57K43 TYR 6   'SEE REMARK 999'      6   9  
1 2HX0 LEU A 23  ? UNP Q57K43 PHE 16  'SEE REMARK 999'      16  10 
1 2HX0 ARG A 45  ? UNP Q57K43 HIS 38  'engineered mutation' 38  11 
1 2HX0 VAL A 102 ? UNP Q57K43 ALA 95  'engineered mutation' 95  12 
1 2HX0 MSE A 103 ? UNP Q57K43 MET 96  'modified residue'    96  13 
1 2HX0 MSE A 108 ? UNP Q57K43 MET 101 'modified residue'    101 14 
1 2HX0 MSE A 109 ? UNP Q57K43 MET 102 'modified residue'    102 15 
1 2HX0 LEU A 149 ? UNP Q57K43 ?   ?   'cloning artifact'    142 16 
1 2HX0 GLU A 150 ? UNP Q57K43 ?   ?   'cloning artifact'    143 17 
1 2HX0 HIS A 151 ? UNP Q57K43 ?   ?   'cloning artifact'    144 18 
1 2HX0 HIS A 152 ? UNP Q57K43 ?   ?   'cloning artifact'    145 19 
1 2HX0 HIS A 153 ? UNP Q57K43 ?   ?   'cloning artifact'    146 20 
1 2HX0 HIS A 154 ? UNP Q57K43 ?   ?   'cloning artifact'    147 21 
# 
_pdbx_struct_assembly.id                   1 
_pdbx_struct_assembly.details              author_and_software_defined_assembly 
_pdbx_struct_assembly.method_details       PISA,PQS 
_pdbx_struct_assembly.oligomeric_details   trimeric 
_pdbx_struct_assembly.oligomeric_count     3 
# 
loop_
_pdbx_struct_assembly_prop.biol_id 
_pdbx_struct_assembly_prop.type 
_pdbx_struct_assembly_prop.value 
_pdbx_struct_assembly_prop.details 
1 'ABSA (A^2)' 7720  ? 
1 MORE         -83   ? 
1 'SSA (A^2)'  15150 ? 
# 
_pdbx_struct_assembly_gen.assembly_id       1 
_pdbx_struct_assembly_gen.oper_expression   1,2,3 
_pdbx_struct_assembly_gen.asym_id_list      A,B,C 
# 
loop_
_pdbx_struct_oper_list.id 
_pdbx_struct_oper_list.type 
_pdbx_struct_oper_list.name 
_pdbx_struct_oper_list.symmetry_operation 
_pdbx_struct_oper_list.matrix[1][1] 
_pdbx_struct_oper_list.matrix[1][2] 
_pdbx_struct_oper_list.matrix[1][3] 
_pdbx_struct_oper_list.vector[1] 
_pdbx_struct_oper_list.matrix[2][1] 
_pdbx_struct_oper_list.matrix[2][2] 
_pdbx_struct_oper_list.matrix[2][3] 
_pdbx_struct_oper_list.vector[2] 
_pdbx_struct_oper_list.matrix[3][1] 
_pdbx_struct_oper_list.matrix[3][2] 
_pdbx_struct_oper_list.matrix[3][3] 
_pdbx_struct_oper_list.vector[3] 
1 'identity operation'         1_555 x,y,z       1.0000000000  0.0000000000  0.0000000000  0.0000000000   0.0000000000  1.0000000000 0.0000000000 0.0000000000  0.0000000000  0.0000000000 1.0000000000 0.0000000000   
2 'crystal symmetry operation' 2_545 -y,x-y-1,z  -0.3497782442 -0.2992183619 0.8877632296  -6.6349580396  0.9093317926  0.1194815063 0.3985471875 15.4470562125 -0.2253239245 0.9466744644 0.2302967379 -11.2176712779 
3 'crystal symmetry operation' 3_655 -x+y+1,-x,z -0.3497782442 0.9093317926  -0.2253239245 -18.8948730047 -0.2992183619 0.1194815063 0.9466744644 6.7885441306  0.8877632296  0.3985471875 0.2302967379 2.3172840704 
# 
_struct_biol.id                    1 
_struct_biol.details               
;trimer, formed by operation symmetry/translation: 
2 0 -1 0 
3 1  0 0
;
_struct_biol.pdbx_parent_biol_id   ? 
# 
_struct_conf.conf_type_id            HELX_P 
_struct_conf.id                      HELX_P1 
_struct_conf.pdbx_PDB_helix_id       1 
_struct_conf.beg_label_comp_id       GLU 
_struct_conf.beg_label_asym_id       A 
_struct_conf.beg_label_seq_id        30 
_struct_conf.pdbx_beg_PDB_ins_code   ? 
_struct_conf.end_label_comp_id       GLN 
_struct_conf.end_label_asym_id       A 
_struct_conf.end_label_seq_id        43 
_struct_conf.pdbx_end_PDB_ins_code   ? 
_struct_conf.beg_auth_comp_id        GLU 
_struct_conf.beg_auth_asym_id        A 
_struct_conf.beg_auth_seq_id         23 
_struct_conf.end_auth_comp_id        GLN 
_struct_conf.end_auth_asym_id        A 
_struct_conf.end_auth_seq_id         36 
_struct_conf.pdbx_PDB_helix_class    1 
_struct_conf.details                 ? 
_struct_conf.pdbx_PDB_helix_length   14 
# 
_struct_conf_type.id          HELX_P 
_struct_conf_type.criteria    ? 
_struct_conf_type.reference   ? 
# 
loop_
_struct_conn.id 
_struct_conn.conn_type_id 
_struct_conn.pdbx_leaving_atom_flag 
_struct_conn.pdbx_PDB_id 
_struct_conn.ptnr1_label_asym_id 
_struct_conn.ptnr1_label_comp_id 
_struct_conn.ptnr1_label_seq_id 
_struct_conn.ptnr1_label_atom_id 
_struct_conn.pdbx_ptnr1_label_alt_id 
_struct_conn.pdbx_ptnr1_PDB_ins_code 
_struct_conn.pdbx_ptnr1_standard_comp_id 
_struct_conn.ptnr1_symmetry 
_struct_conn.ptnr2_label_asym_id 
_struct_conn.ptnr2_label_comp_id 
_struct_conn.ptnr2_label_seq_id 
_struct_conn.ptnr2_label_atom_id 
_struct_conn.pdbx_ptnr2_label_alt_id 
_struct_conn.pdbx_ptnr2_PDB_ins_code 
_struct_conn.ptnr1_auth_asym_id 
_struct_conn.ptnr1_auth_comp_id 
_struct_conn.ptnr1_auth_seq_id 
_struct_conn.ptnr2_auth_asym_id 
_struct_conn.ptnr2_auth_comp_id 
_struct_conn.ptnr2_auth_seq_id 
_struct_conn.ptnr2_symmetry 
_struct_conn.pdbx_ptnr3_label_atom_id 
_struct_conn.pdbx_ptnr3_label_seq_id 
_struct_conn.pdbx_ptnr3_label_comp_id 
_struct_conn.pdbx_ptnr3_label_asym_id 
_struct_conn.pdbx_ptnr3_label_alt_id 
_struct_conn.pdbx_ptnr3_PDB_ins_code 
_struct_conn.details 
_struct_conn.pdbx_dist_value 
_struct_conn.pdbx_value_order 
_struct_conn.pdbx_role 
covale1 covale both ? A VAL 102 C   ? ? ? 1_555 A MSE 103 N  ? ? A VAL 95  A MSE 96  1_555 ? ? ? ? ? ? ? 1.327 ? ? 
covale2 covale both ? A MSE 103 C   ? ? ? 1_555 A LEU 104 N  ? ? A MSE 96  A LEU 97  1_555 ? ? ? ? ? ? ? 1.329 ? ? 
covale3 covale both ? A HIS 107 C   ? ? ? 1_555 A MSE 108 N  ? ? A HIS 100 A MSE 101 1_555 ? ? ? ? ? ? ? 1.330 ? ? 
covale4 covale both ? A MSE 108 C   ? ? ? 1_555 A MSE 109 N  ? ? A MSE 101 A MSE 102 1_555 ? ? ? ? ? ? ? 1.329 ? ? 
covale5 covale both ? A MSE 109 C   ? ? ? 1_555 A PRO 110 N  ? ? A MSE 102 A PRO 103 1_555 ? ? ? ? ? ? ? 1.341 ? ? 
metalc1 metalc ?    ? A HIS 91  NE2 ? ? ? 1_555 B MG  .   MG ? ? A HIS 84  A MG  201 1_555 ? ? ? ? ? ? ? 2.179 ? ? 
metalc2 metalc ?    ? A HIS 93  NE2 ? ? ? 1_555 B MG  .   MG ? ? A HIS 86  A MG  201 1_555 ? ? ? ? ? ? ? 2.196 ? ? 
metalc3 metalc ?    ? A HIS 107 ND1 ? ? ? 1_555 B MG  .   MG ? ? A HIS 100 A MG  201 1_555 ? ? ? ? ? ? ? 2.555 ? ? 
metalc4 metalc ?    ? B MG  .   MG  ? ? ? 1_555 C HOH .   O  ? ? A MG  201 A HOH 277 2_545 ? ? ? ? ? ? ? 2.515 ? ? 
# 
loop_
_struct_conn_type.id 
_struct_conn_type.criteria 
_struct_conn_type.reference 
covale ? ? 
metalc ? ? 
# 
loop_
_pdbx_struct_conn_angle.id 
_pdbx_struct_conn_angle.ptnr1_label_atom_id 
_pdbx_struct_conn_angle.ptnr1_label_alt_id 
_pdbx_struct_conn_angle.ptnr1_label_asym_id 
_pdbx_struct_conn_angle.ptnr1_label_comp_id 
_pdbx_struct_conn_angle.ptnr1_label_seq_id 
_pdbx_struct_conn_angle.ptnr1_auth_atom_id 
_pdbx_struct_conn_angle.ptnr1_auth_asym_id 
_pdbx_struct_conn_angle.ptnr1_auth_comp_id 
_pdbx_struct_conn_angle.ptnr1_auth_seq_id 
_pdbx_struct_conn_angle.ptnr1_PDB_ins_code 
_pdbx_struct_conn_angle.ptnr1_symmetry 
_pdbx_struct_conn_angle.ptnr2_label_atom_id 
_pdbx_struct_conn_angle.ptnr2_label_alt_id 
_pdbx_struct_conn_angle.ptnr2_label_asym_id 
_pdbx_struct_conn_angle.ptnr2_label_comp_id 
_pdbx_struct_conn_angle.ptnr2_label_seq_id 
_pdbx_struct_conn_angle.ptnr2_auth_atom_id 
_pdbx_struct_conn_angle.ptnr2_auth_asym_id 
_pdbx_struct_conn_angle.ptnr2_auth_comp_id 
_pdbx_struct_conn_angle.ptnr2_auth_seq_id 
_pdbx_struct_conn_angle.ptnr2_PDB_ins_code 
_pdbx_struct_conn_angle.ptnr2_symmetry 
_pdbx_struct_conn_angle.ptnr3_label_atom_id 
_pdbx_struct_conn_angle.ptnr3_label_alt_id 
_pdbx_struct_conn_angle.ptnr3_label_asym_id 
_pdbx_struct_conn_angle.ptnr3_label_comp_id 
_pdbx_struct_conn_angle.ptnr3_label_seq_id 
_pdbx_struct_conn_angle.ptnr3_auth_atom_id 
_pdbx_struct_conn_angle.ptnr3_auth_asym_id 
_pdbx_struct_conn_angle.ptnr3_auth_comp_id 
_pdbx_struct_conn_angle.ptnr3_auth_seq_id 
_pdbx_struct_conn_angle.ptnr3_PDB_ins_code 
_pdbx_struct_conn_angle.ptnr3_symmetry 
_pdbx_struct_conn_angle.value 
_pdbx_struct_conn_angle.value_esd 
1 NE2 ? A HIS 91  ? A HIS 84  ? 1_555 MG ? B MG . ? A MG 201 ? 1_555 NE2 ? A HIS 93  ? A HIS 86  ? 1_555 97.8  ? 
2 NE2 ? A HIS 91  ? A HIS 84  ? 1_555 MG ? B MG . ? A MG 201 ? 1_555 ND1 ? A HIS 107 ? A HIS 100 ? 1_555 107.8 ? 
3 NE2 ? A HIS 93  ? A HIS 86  ? 1_555 MG ? B MG . ? A MG 201 ? 1_555 ND1 ? A HIS 107 ? A HIS 100 ? 1_555 95.3  ? 
4 NE2 ? A HIS 91  ? A HIS 84  ? 1_555 MG ? B MG . ? A MG 201 ? 1_555 O   ? C HOH .   ? A HOH 277 ? 2_545 80.2  ? 
5 NE2 ? A HIS 93  ? A HIS 86  ? 1_555 MG ? B MG . ? A MG 201 ? 1_555 O   ? C HOH .   ? A HOH 277 ? 2_545 97.8  ? 
6 ND1 ? A HIS 107 ? A HIS 100 ? 1_555 MG ? B MG . ? A MG 201 ? 1_555 O   ? C HOH .   ? A HOH 277 ? 2_545 163.6 ? 
# 
loop_
_pdbx_modification_feature.ordinal 
_pdbx_modification_feature.label_comp_id 
_pdbx_modification_feature.label_asym_id 
_pdbx_modification_feature.label_seq_id 
_pdbx_modification_feature.label_alt_id 
_pdbx_modification_feature.modified_residue_label_comp_id 
_pdbx_modification_feature.modified_residue_label_asym_id 
_pdbx_modification_feature.modified_residue_label_seq_id 
_pdbx_modification_feature.modified_residue_label_alt_id 
_pdbx_modification_feature.auth_comp_id 
_pdbx_modification_feature.auth_asym_id 
_pdbx_modification_feature.auth_seq_id 
_pdbx_modification_feature.PDB_ins_code 
_pdbx_modification_feature.symmetry 
_pdbx_modification_feature.modified_residue_auth_comp_id 
_pdbx_modification_feature.modified_residue_auth_asym_id 
_pdbx_modification_feature.modified_residue_auth_seq_id 
_pdbx_modification_feature.modified_residue_PDB_ins_code 
_pdbx_modification_feature.modified_residue_symmetry 
_pdbx_modification_feature.comp_id_linking_atom 
_pdbx_modification_feature.modified_residue_id_linking_atom 
_pdbx_modification_feature.modified_residue_id 
_pdbx_modification_feature.ref_pcm_id 
_pdbx_modification_feature.ref_comp_id 
_pdbx_modification_feature.type 
_pdbx_modification_feature.category 
1 MSE A 103 ? . . . . MSE A 96  ? 1_555 . . . . . . . MET 1 MSE Selenomethionine 'Named protein modification' 
2 MSE A 108 ? . . . . MSE A 101 ? 1_555 . . . . . . . MET 1 MSE Selenomethionine 'Named protein modification' 
3 MSE A 109 ? . . . . MSE A 102 ? 1_555 . . . . . . . MET 1 MSE Selenomethionine 'Named protein modification' 
# 
loop_
_struct_sheet.id 
_struct_sheet.type 
_struct_sheet.number_strands 
_struct_sheet.details 
A ? 7 ? 
B ? 2 ? 
# 
loop_
_struct_sheet_order.sheet_id 
_struct_sheet_order.range_id_1 
_struct_sheet_order.range_id_2 
_struct_sheet_order.offset 
_struct_sheet_order.sense 
A 1 2 ? anti-parallel 
A 2 3 ? anti-parallel 
A 3 4 ? anti-parallel 
A 4 5 ? anti-parallel 
A 5 6 ? anti-parallel 
A 6 7 ? anti-parallel 
B 1 2 ? anti-parallel 
# 
loop_
_struct_sheet_range.sheet_id 
_struct_sheet_range.id 
_struct_sheet_range.beg_label_comp_id 
_struct_sheet_range.beg_label_asym_id 
_struct_sheet_range.beg_label_seq_id 
_struct_sheet_range.pdbx_beg_PDB_ins_code 
_struct_sheet_range.end_label_comp_id 
_struct_sheet_range.end_label_asym_id 
_struct_sheet_range.end_label_seq_id 
_struct_sheet_range.pdbx_end_PDB_ins_code 
_struct_sheet_range.beg_auth_comp_id 
_struct_sheet_range.beg_auth_asym_id 
_struct_sheet_range.beg_auth_seq_id 
_struct_sheet_range.end_auth_comp_id 
_struct_sheet_range.end_auth_asym_id 
_struct_sheet_range.end_auth_seq_id 
A 1 ARG A 19  ? LEU A 25  ? ARG A 12  LEU A 18  
A 2 THR A 113 ? GLU A 124 ? THR A 106 GLU A 117 
A 3 ALA A 47  ? ARG A 62  ? ALA A 40  ARG A 55  
A 4 MSE A 103 ? MSE A 108 ? MSE A 96  MSE A 101 
A 5 GLY A 89  ? SER A 97  ? GLY A 82  SER A 90  
A 6 THR A 70  ? GLU A 86  ? THR A 63  GLU A 79  
A 7 ALA A 47  ? ARG A 62  ? ALA A 40  ARG A 55  
B 1 LEU A 128 ? PRO A 134 ? LEU A 121 PRO A 127 
B 2 ASP A 141 ? SER A 147 ? ASP A 134 SER A 140 
# 
loop_
_pdbx_struct_sheet_hbond.sheet_id 
_pdbx_struct_sheet_hbond.range_id_1 
_pdbx_struct_sheet_hbond.range_id_2 
_pdbx_struct_sheet_hbond.range_1_label_atom_id 
_pdbx_struct_sheet_hbond.range_1_label_comp_id 
_pdbx_struct_sheet_hbond.range_1_label_asym_id 
_pdbx_struct_sheet_hbond.range_1_label_seq_id 
_pdbx_struct_sheet_hbond.range_1_PDB_ins_code 
_pdbx_struct_sheet_hbond.range_1_auth_atom_id 
_pdbx_struct_sheet_hbond.range_1_auth_comp_id 
_pdbx_struct_sheet_hbond.range_1_auth_asym_id 
_pdbx_struct_sheet_hbond.range_1_auth_seq_id 
_pdbx_struct_sheet_hbond.range_2_label_atom_id 
_pdbx_struct_sheet_hbond.range_2_label_comp_id 
_pdbx_struct_sheet_hbond.range_2_label_asym_id 
_pdbx_struct_sheet_hbond.range_2_label_seq_id 
_pdbx_struct_sheet_hbond.range_2_PDB_ins_code 
_pdbx_struct_sheet_hbond.range_2_auth_atom_id 
_pdbx_struct_sheet_hbond.range_2_auth_comp_id 
_pdbx_struct_sheet_hbond.range_2_auth_asym_id 
_pdbx_struct_sheet_hbond.range_2_auth_seq_id 
A 1 2 N LEU A 25  ? N LEU A 18  O LEU A 118 ? O LEU A 111 
A 2 3 O GLU A 119 ? O GLU A 112 N THR A 53  ? N THR A 46  
A 3 4 N ARG A 62  ? N ARG A 55  O HIS A 107 ? O HIS A 100 
A 4 5 O MSE A 108 ? O MSE A 101 N LEU A 92  ? N LEU A 85  
A 5 6 O HIS A 93  ? O HIS A 86  N ASN A 82  ? N ASN A 75  
A 6 7 O THR A 70  ? O THR A 63  N LEU A 61  ? N LEU A 54  
B 1 2 N GLN A 133 ? N GLN A 126 O GLU A 142 ? O GLU A 135 
# 
_struct_site.id                   AC1 
_struct_site.pdbx_evidence_code   Software 
_struct_site.pdbx_auth_asym_id    A 
_struct_site.pdbx_auth_comp_id    MG 
_struct_site.pdbx_auth_seq_id     201 
_struct_site.pdbx_auth_ins_code   ? 
_struct_site.pdbx_num_residues    5 
_struct_site.details              'BINDING SITE FOR RESIDUE MG A 201' 
# 
loop_
_struct_site_gen.id 
_struct_site_gen.site_id 
_struct_site_gen.pdbx_num_res 
_struct_site_gen.label_comp_id 
_struct_site_gen.label_asym_id 
_struct_site_gen.label_seq_id 
_struct_site_gen.pdbx_auth_ins_code 
_struct_site_gen.auth_comp_id 
_struct_site_gen.auth_asym_id 
_struct_site_gen.auth_seq_id 
_struct_site_gen.label_atom_id 
_struct_site_gen.label_alt_id 
_struct_site_gen.symmetry 
_struct_site_gen.details 
1 AC1 5 GLU A 77  ? GLU A 70  . ? 2_545 ? 
2 AC1 5 HIS A 91  ? HIS A 84  . ? 1_555 ? 
3 AC1 5 HIS A 93  ? HIS A 86  . ? 1_555 ? 
4 AC1 5 HIS A 107 ? HIS A 100 . ? 1_555 ? 
5 AC1 5 HOH C .   ? HOH A 277 . ? 2_545 ? 
# 
_pdbx_entry_details.entry_id                   2HX0 
_pdbx_entry_details.compound_details           ? 
_pdbx_entry_details.source_details             ? 
_pdbx_entry_details.nonpolymer_details         ? 
_pdbx_entry_details.sequence_details           ? 
_pdbx_entry_details.has_ligand_of_interest     ? 
_pdbx_entry_details.has_protein_modification   Y 
# 
loop_
_pdbx_validate_torsion.id 
_pdbx_validate_torsion.PDB_model_num 
_pdbx_validate_torsion.auth_comp_id 
_pdbx_validate_torsion.auth_asym_id 
_pdbx_validate_torsion.auth_seq_id 
_pdbx_validate_torsion.PDB_ins_code 
_pdbx_validate_torsion.label_alt_id 
_pdbx_validate_torsion.phi 
_pdbx_validate_torsion.psi 
1 1 HIS A 6   ? ? -94.93  -148.82 
2 1 ASN A 7   ? ? 57.35   -53.97  
3 1 ALA A 39  ? ? -158.55 77.01   
4 1 PRO A 92  ? ? -56.09  -9.46   
5 1 ARG A 108 ? ? -90.86  -67.70  
# 
_pdbx_SG_project.id                    1 
_pdbx_SG_project.project_name          'PSI, Protein Structure Initiative' 
_pdbx_SG_project.full_name_of_center   'Northeast Structural Genomics Consortium' 
_pdbx_SG_project.initial_of_center     NESG 
# 
loop_
_pdbx_struct_mod_residue.id 
_pdbx_struct_mod_residue.label_asym_id 
_pdbx_struct_mod_residue.label_comp_id 
_pdbx_struct_mod_residue.label_seq_id 
_pdbx_struct_mod_residue.auth_asym_id 
_pdbx_struct_mod_residue.auth_comp_id 
_pdbx_struct_mod_residue.auth_seq_id 
_pdbx_struct_mod_residue.PDB_ins_code 
_pdbx_struct_mod_residue.parent_comp_id 
_pdbx_struct_mod_residue.details 
1 A MSE 103 A MSE 96  ? MET SELENOMETHIONINE 
2 A MSE 108 A MSE 101 ? MET SELENOMETHIONINE 
3 A MSE 109 A MSE 102 ? MET SELENOMETHIONINE 
# 
_pdbx_struct_special_symmetry.id              1 
_pdbx_struct_special_symmetry.PDB_model_num   1 
_pdbx_struct_special_symmetry.auth_asym_id    A 
_pdbx_struct_special_symmetry.auth_comp_id    HOH 
_pdbx_struct_special_symmetry.auth_seq_id     213 
_pdbx_struct_special_symmetry.PDB_ins_code    ? 
_pdbx_struct_special_symmetry.label_asym_id   C 
_pdbx_struct_special_symmetry.label_comp_id   HOH 
_pdbx_struct_special_symmetry.label_seq_id    . 
# 
_pdbx_database_remark.id     999 
_pdbx_database_remark.text   
;AUTHORS STATE THAT THERE IS MOST LIKELY
A POLYMORPHISM OR AN ERROR IN THE ORIGINAL
GENOME SEQUENCE.
;
# 
loop_
_pdbx_unobs_or_zero_occ_residues.id 
_pdbx_unobs_or_zero_occ_residues.PDB_model_num 
_pdbx_unobs_or_zero_occ_residues.polymer_flag 
_pdbx_unobs_or_zero_occ_residues.occupancy_flag 
_pdbx_unobs_or_zero_occ_residues.auth_asym_id 
_pdbx_unobs_or_zero_occ_residues.auth_comp_id 
_pdbx_unobs_or_zero_occ_residues.auth_seq_id 
_pdbx_unobs_or_zero_occ_residues.PDB_ins_code 
_pdbx_unobs_or_zero_occ_residues.label_asym_id 
_pdbx_unobs_or_zero_occ_residues.label_comp_id 
_pdbx_unobs_or_zero_occ_residues.label_seq_id 
1  1 Y 1 A MSE -6  ? A MSE 1   
2  1 Y 1 A ALA -5  ? A ALA 2   
3  1 Y 1 A GLY -4  ? A GLY 3   
4  1 Y 1 A ASP -3  ? A ASP 4   
5  1 Y 1 A PRO -2  ? A PRO 5   
6  1 Y 1 A ASN -1  ? A ASN 6   
7  1 Y 1 A SER 0   ? A SER 7   
8  1 Y 1 A MSE 1   ? A MSE 8   
9  1 Y 1 A THR 2   ? A THR 9   
10 1 Y 1 A VAL 3   ? A VAL 10  
11 1 Y 1 A SER 4   ? A SER 11  
12 1 Y 1 A GLU 143 ? A GLU 150 
13 1 Y 1 A HIS 144 ? A HIS 151 
14 1 Y 1 A HIS 145 ? A HIS 152 
15 1 Y 1 A HIS 146 ? A HIS 153 
16 1 Y 1 A HIS 147 ? A HIS 154 
# 
loop_
_chem_comp_atom.comp_id 
_chem_comp_atom.atom_id 
_chem_comp_atom.type_symbol 
_chem_comp_atom.pdbx_aromatic_flag 
_chem_comp_atom.pdbx_stereo_config 
_chem_comp_atom.pdbx_ordinal 
ALA N    N  N N 1   
ALA CA   C  N S 2   
ALA C    C  N N 3   
ALA O    O  N N 4   
ALA CB   C  N N 5   
ALA OXT  O  N N 6   
ALA H    H  N N 7   
ALA H2   H  N N 8   
ALA HA   H  N N 9   
ALA HB1  H  N N 10  
ALA HB2  H  N N 11  
ALA HB3  H  N N 12  
ALA HXT  H  N N 13  
ARG N    N  N N 14  
ARG CA   C  N S 15  
ARG C    C  N N 16  
ARG O    O  N N 17  
ARG CB   C  N N 18  
ARG CG   C  N N 19  
ARG CD   C  N N 20  
ARG NE   N  N N 21  
ARG CZ   C  N N 22  
ARG NH1  N  N N 23  
ARG NH2  N  N N 24  
ARG OXT  O  N N 25  
ARG H    H  N N 26  
ARG H2   H  N N 27  
ARG HA   H  N N 28  
ARG HB2  H  N N 29  
ARG HB3  H  N N 30  
ARG HG2  H  N N 31  
ARG HG3  H  N N 32  
ARG HD2  H  N N 33  
ARG HD3  H  N N 34  
ARG HE   H  N N 35  
ARG HH11 H  N N 36  
ARG HH12 H  N N 37  
ARG HH21 H  N N 38  
ARG HH22 H  N N 39  
ARG HXT  H  N N 40  
ASN N    N  N N 41  
ASN CA   C  N S 42  
ASN C    C  N N 43  
ASN O    O  N N 44  
ASN CB   C  N N 45  
ASN CG   C  N N 46  
ASN OD1  O  N N 47  
ASN ND2  N  N N 48  
ASN OXT  O  N N 49  
ASN H    H  N N 50  
ASN H2   H  N N 51  
ASN HA   H  N N 52  
ASN HB2  H  N N 53  
ASN HB3  H  N N 54  
ASN HD21 H  N N 55  
ASN HD22 H  N N 56  
ASN HXT  H  N N 57  
ASP N    N  N N 58  
ASP CA   C  N S 59  
ASP C    C  N N 60  
ASP O    O  N N 61  
ASP CB   C  N N 62  
ASP CG   C  N N 63  
ASP OD1  O  N N 64  
ASP OD2  O  N N 65  
ASP OXT  O  N N 66  
ASP H    H  N N 67  
ASP H2   H  N N 68  
ASP HA   H  N N 69  
ASP HB2  H  N N 70  
ASP HB3  H  N N 71  
ASP HD2  H  N N 72  
ASP HXT  H  N N 73  
CYS N    N  N N 74  
CYS CA   C  N R 75  
CYS C    C  N N 76  
CYS O    O  N N 77  
CYS CB   C  N N 78  
CYS SG   S  N N 79  
CYS OXT  O  N N 80  
CYS H    H  N N 81  
CYS H2   H  N N 82  
CYS HA   H  N N 83  
CYS HB2  H  N N 84  
CYS HB3  H  N N 85  
CYS HG   H  N N 86  
CYS HXT  H  N N 87  
GLN N    N  N N 88  
GLN CA   C  N S 89  
GLN C    C  N N 90  
GLN O    O  N N 91  
GLN CB   C  N N 92  
GLN CG   C  N N 93  
GLN CD   C  N N 94  
GLN OE1  O  N N 95  
GLN NE2  N  N N 96  
GLN OXT  O  N N 97  
GLN H    H  N N 98  
GLN H2   H  N N 99  
GLN HA   H  N N 100 
GLN HB2  H  N N 101 
GLN HB3  H  N N 102 
GLN HG2  H  N N 103 
GLN HG3  H  N N 104 
GLN HE21 H  N N 105 
GLN HE22 H  N N 106 
GLN HXT  H  N N 107 
GLU N    N  N N 108 
GLU CA   C  N S 109 
GLU C    C  N N 110 
GLU O    O  N N 111 
GLU CB   C  N N 112 
GLU CG   C  N N 113 
GLU CD   C  N N 114 
GLU OE1  O  N N 115 
GLU OE2  O  N N 116 
GLU OXT  O  N N 117 
GLU H    H  N N 118 
GLU H2   H  N N 119 
GLU HA   H  N N 120 
GLU HB2  H  N N 121 
GLU HB3  H  N N 122 
GLU HG2  H  N N 123 
GLU HG3  H  N N 124 
GLU HE2  H  N N 125 
GLU HXT  H  N N 126 
GLY N    N  N N 127 
GLY CA   C  N N 128 
GLY C    C  N N 129 
GLY O    O  N N 130 
GLY OXT  O  N N 131 
GLY H    H  N N 132 
GLY H2   H  N N 133 
GLY HA2  H  N N 134 
GLY HA3  H  N N 135 
GLY HXT  H  N N 136 
HIS N    N  N N 137 
HIS CA   C  N S 138 
HIS C    C  N N 139 
HIS O    O  N N 140 
HIS CB   C  N N 141 
HIS CG   C  Y N 142 
HIS ND1  N  Y N 143 
HIS CD2  C  Y N 144 
HIS CE1  C  Y N 145 
HIS NE2  N  Y N 146 
HIS OXT  O  N N 147 
HIS H    H  N N 148 
HIS H2   H  N N 149 
HIS HA   H  N N 150 
HIS HB2  H  N N 151 
HIS HB3  H  N N 152 
HIS HD1  H  N N 153 
HIS HD2  H  N N 154 
HIS HE1  H  N N 155 
HIS HE2  H  N N 156 
HIS HXT  H  N N 157 
HOH O    O  N N 158 
HOH H1   H  N N 159 
HOH H2   H  N N 160 
ILE N    N  N N 161 
ILE CA   C  N S 162 
ILE C    C  N N 163 
ILE O    O  N N 164 
ILE CB   C  N S 165 
ILE CG1  C  N N 166 
ILE CG2  C  N N 167 
ILE CD1  C  N N 168 
ILE OXT  O  N N 169 
ILE H    H  N N 170 
ILE H2   H  N N 171 
ILE HA   H  N N 172 
ILE HB   H  N N 173 
ILE HG12 H  N N 174 
ILE HG13 H  N N 175 
ILE HG21 H  N N 176 
ILE HG22 H  N N 177 
ILE HG23 H  N N 178 
ILE HD11 H  N N 179 
ILE HD12 H  N N 180 
ILE HD13 H  N N 181 
ILE HXT  H  N N 182 
LEU N    N  N N 183 
LEU CA   C  N S 184 
LEU C    C  N N 185 
LEU O    O  N N 186 
LEU CB   C  N N 187 
LEU CG   C  N N 188 
LEU CD1  C  N N 189 
LEU CD2  C  N N 190 
LEU OXT  O  N N 191 
LEU H    H  N N 192 
LEU H2   H  N N 193 
LEU HA   H  N N 194 
LEU HB2  H  N N 195 
LEU HB3  H  N N 196 
LEU HG   H  N N 197 
LEU HD11 H  N N 198 
LEU HD12 H  N N 199 
LEU HD13 H  N N 200 
LEU HD21 H  N N 201 
LEU HD22 H  N N 202 
LEU HD23 H  N N 203 
LEU HXT  H  N N 204 
MET N    N  N N 205 
MET CA   C  N S 206 
MET C    C  N N 207 
MET O    O  N N 208 
MET CB   C  N N 209 
MET CG   C  N N 210 
MET SD   S  N N 211 
MET CE   C  N N 212 
MET OXT  O  N N 213 
MET H    H  N N 214 
MET H2   H  N N 215 
MET HA   H  N N 216 
MET HB2  H  N N 217 
MET HB3  H  N N 218 
MET HG2  H  N N 219 
MET HG3  H  N N 220 
MET HE1  H  N N 221 
MET HE2  H  N N 222 
MET HE3  H  N N 223 
MET HXT  H  N N 224 
MG  MG   MG N N 225 
MSE N    N  N N 226 
MSE CA   C  N S 227 
MSE C    C  N N 228 
MSE O    O  N N 229 
MSE OXT  O  N N 230 
MSE CB   C  N N 231 
MSE CG   C  N N 232 
MSE SE   SE N N 233 
MSE CE   C  N N 234 
MSE H    H  N N 235 
MSE H2   H  N N 236 
MSE HA   H  N N 237 
MSE HXT  H  N N 238 
MSE HB2  H  N N 239 
MSE HB3  H  N N 240 
MSE HG2  H  N N 241 
MSE HG3  H  N N 242 
MSE HE1  H  N N 243 
MSE HE2  H  N N 244 
MSE HE3  H  N N 245 
PHE N    N  N N 246 
PHE CA   C  N S 247 
PHE C    C  N N 248 
PHE O    O  N N 249 
PHE CB   C  N N 250 
PHE CG   C  Y N 251 
PHE CD1  C  Y N 252 
PHE CD2  C  Y N 253 
PHE CE1  C  Y N 254 
PHE CE2  C  Y N 255 
PHE CZ   C  Y N 256 
PHE OXT  O  N N 257 
PHE H    H  N N 258 
PHE H2   H  N N 259 
PHE HA   H  N N 260 
PHE HB2  H  N N 261 
PHE HB3  H  N N 262 
PHE HD1  H  N N 263 
PHE HD2  H  N N 264 
PHE HE1  H  N N 265 
PHE HE2  H  N N 266 
PHE HZ   H  N N 267 
PHE HXT  H  N N 268 
PRO N    N  N N 269 
PRO CA   C  N S 270 
PRO C    C  N N 271 
PRO O    O  N N 272 
PRO CB   C  N N 273 
PRO CG   C  N N 274 
PRO CD   C  N N 275 
PRO OXT  O  N N 276 
PRO H    H  N N 277 
PRO HA   H  N N 278 
PRO HB2  H  N N 279 
PRO HB3  H  N N 280 
PRO HG2  H  N N 281 
PRO HG3  H  N N 282 
PRO HD2  H  N N 283 
PRO HD3  H  N N 284 
PRO HXT  H  N N 285 
SER N    N  N N 286 
SER CA   C  N S 287 
SER C    C  N N 288 
SER O    O  N N 289 
SER CB   C  N N 290 
SER OG   O  N N 291 
SER OXT  O  N N 292 
SER H    H  N N 293 
SER H2   H  N N 294 
SER HA   H  N N 295 
SER HB2  H  N N 296 
SER HB3  H  N N 297 
SER HG   H  N N 298 
SER HXT  H  N N 299 
THR N    N  N N 300 
THR CA   C  N S 301 
THR C    C  N N 302 
THR O    O  N N 303 
THR CB   C  N R 304 
THR OG1  O  N N 305 
THR CG2  C  N N 306 
THR OXT  O  N N 307 
THR H    H  N N 308 
THR H2   H  N N 309 
THR HA   H  N N 310 
THR HB   H  N N 311 
THR HG1  H  N N 312 
THR HG21 H  N N 313 
THR HG22 H  N N 314 
THR HG23 H  N N 315 
THR HXT  H  N N 316 
TRP N    N  N N 317 
TRP CA   C  N S 318 
TRP C    C  N N 319 
TRP O    O  N N 320 
TRP CB   C  N N 321 
TRP CG   C  Y N 322 
TRP CD1  C  Y N 323 
TRP CD2  C  Y N 324 
TRP NE1  N  Y N 325 
TRP CE2  C  Y N 326 
TRP CE3  C  Y N 327 
TRP CZ2  C  Y N 328 
TRP CZ3  C  Y N 329 
TRP CH2  C  Y N 330 
TRP OXT  O  N N 331 
TRP H    H  N N 332 
TRP H2   H  N N 333 
TRP HA   H  N N 334 
TRP HB2  H  N N 335 
TRP HB3  H  N N 336 
TRP HD1  H  N N 337 
TRP HE1  H  N N 338 
TRP HE3  H  N N 339 
TRP HZ2  H  N N 340 
TRP HZ3  H  N N 341 
TRP HH2  H  N N 342 
TRP HXT  H  N N 343 
TYR N    N  N N 344 
TYR CA   C  N S 345 
TYR C    C  N N 346 
TYR O    O  N N 347 
TYR CB   C  N N 348 
TYR CG   C  Y N 349 
TYR CD1  C  Y N 350 
TYR CD2  C  Y N 351 
TYR CE1  C  Y N 352 
TYR CE2  C  Y N 353 
TYR CZ   C  Y N 354 
TYR OH   O  N N 355 
TYR OXT  O  N N 356 
TYR H    H  N N 357 
TYR H2   H  N N 358 
TYR HA   H  N N 359 
TYR HB2  H  N N 360 
TYR HB3  H  N N 361 
TYR HD1  H  N N 362 
TYR HD2  H  N N 363 
TYR HE1  H  N N 364 
TYR HE2  H  N N 365 
TYR HH   H  N N 366 
TYR HXT  H  N N 367 
VAL N    N  N N 368 
VAL CA   C  N S 369 
VAL C    C  N N 370 
VAL O    O  N N 371 
VAL CB   C  N N 372 
VAL CG1  C  N N 373 
VAL CG2  C  N N 374 
VAL OXT  O  N N 375 
VAL H    H  N N 376 
VAL H2   H  N N 377 
VAL HA   H  N N 378 
VAL HB   H  N N 379 
VAL HG11 H  N N 380 
VAL HG12 H  N N 381 
VAL HG13 H  N N 382 
VAL HG21 H  N N 383 
VAL HG22 H  N N 384 
VAL HG23 H  N N 385 
VAL HXT  H  N N 386 
# 
loop_
_chem_comp_bond.comp_id 
_chem_comp_bond.atom_id_1 
_chem_comp_bond.atom_id_2 
_chem_comp_bond.value_order 
_chem_comp_bond.pdbx_aromatic_flag 
_chem_comp_bond.pdbx_stereo_config 
_chem_comp_bond.pdbx_ordinal 
ALA N   CA   sing N N 1   
ALA N   H    sing N N 2   
ALA N   H2   sing N N 3   
ALA CA  C    sing N N 4   
ALA CA  CB   sing N N 5   
ALA CA  HA   sing N N 6   
ALA C   O    doub N N 7   
ALA C   OXT  sing N N 8   
ALA CB  HB1  sing N N 9   
ALA CB  HB2  sing N N 10  
ALA CB  HB3  sing N N 11  
ALA OXT HXT  sing N N 12  
ARG N   CA   sing N N 13  
ARG N   H    sing N N 14  
ARG N   H2   sing N N 15  
ARG CA  C    sing N N 16  
ARG CA  CB   sing N N 17  
ARG CA  HA   sing N N 18  
ARG C   O    doub N N 19  
ARG C   OXT  sing N N 20  
ARG CB  CG   sing N N 21  
ARG CB  HB2  sing N N 22  
ARG CB  HB3  sing N N 23  
ARG CG  CD   sing N N 24  
ARG CG  HG2  sing N N 25  
ARG CG  HG3  sing N N 26  
ARG CD  NE   sing N N 27  
ARG CD  HD2  sing N N 28  
ARG CD  HD3  sing N N 29  
ARG NE  CZ   sing N N 30  
ARG NE  HE   sing N N 31  
ARG CZ  NH1  sing N N 32  
ARG CZ  NH2  doub N N 33  
ARG NH1 HH11 sing N N 34  
ARG NH1 HH12 sing N N 35  
ARG NH2 HH21 sing N N 36  
ARG NH2 HH22 sing N N 37  
ARG OXT HXT  sing N N 38  
ASN N   CA   sing N N 39  
ASN N   H    sing N N 40  
ASN N   H2   sing N N 41  
ASN CA  C    sing N N 42  
ASN CA  CB   sing N N 43  
ASN CA  HA   sing N N 44  
ASN C   O    doub N N 45  
ASN C   OXT  sing N N 46  
ASN CB  CG   sing N N 47  
ASN CB  HB2  sing N N 48  
ASN CB  HB3  sing N N 49  
ASN CG  OD1  doub N N 50  
ASN CG  ND2  sing N N 51  
ASN ND2 HD21 sing N N 52  
ASN ND2 HD22 sing N N 53  
ASN OXT HXT  sing N N 54  
ASP N   CA   sing N N 55  
ASP N   H    sing N N 56  
ASP N   H2   sing N N 57  
ASP CA  C    sing N N 58  
ASP CA  CB   sing N N 59  
ASP CA  HA   sing N N 60  
ASP C   O    doub N N 61  
ASP C   OXT  sing N N 62  
ASP CB  CG   sing N N 63  
ASP CB  HB2  sing N N 64  
ASP CB  HB3  sing N N 65  
ASP CG  OD1  doub N N 66  
ASP CG  OD2  sing N N 67  
ASP OD2 HD2  sing N N 68  
ASP OXT HXT  sing N N 69  
CYS N   CA   sing N N 70  
CYS N   H    sing N N 71  
CYS N   H2   sing N N 72  
CYS CA  C    sing N N 73  
CYS CA  CB   sing N N 74  
CYS CA  HA   sing N N 75  
CYS C   O    doub N N 76  
CYS C   OXT  sing N N 77  
CYS CB  SG   sing N N 78  
CYS CB  HB2  sing N N 79  
CYS CB  HB3  sing N N 80  
CYS SG  HG   sing N N 81  
CYS OXT HXT  sing N N 82  
GLN N   CA   sing N N 83  
GLN N   H    sing N N 84  
GLN N   H2   sing N N 85  
GLN CA  C    sing N N 86  
GLN CA  CB   sing N N 87  
GLN CA  HA   sing N N 88  
GLN C   O    doub N N 89  
GLN C   OXT  sing N N 90  
GLN CB  CG   sing N N 91  
GLN CB  HB2  sing N N 92  
GLN CB  HB3  sing N N 93  
GLN CG  CD   sing N N 94  
GLN CG  HG2  sing N N 95  
GLN CG  HG3  sing N N 96  
GLN CD  OE1  doub N N 97  
GLN CD  NE2  sing N N 98  
GLN NE2 HE21 sing N N 99  
GLN NE2 HE22 sing N N 100 
GLN OXT HXT  sing N N 101 
GLU N   CA   sing N N 102 
GLU N   H    sing N N 103 
GLU N   H2   sing N N 104 
GLU CA  C    sing N N 105 
GLU CA  CB   sing N N 106 
GLU CA  HA   sing N N 107 
GLU C   O    doub N N 108 
GLU C   OXT  sing N N 109 
GLU CB  CG   sing N N 110 
GLU CB  HB2  sing N N 111 
GLU CB  HB3  sing N N 112 
GLU CG  CD   sing N N 113 
GLU CG  HG2  sing N N 114 
GLU CG  HG3  sing N N 115 
GLU CD  OE1  doub N N 116 
GLU CD  OE2  sing N N 117 
GLU OE2 HE2  sing N N 118 
GLU OXT HXT  sing N N 119 
GLY N   CA   sing N N 120 
GLY N   H    sing N N 121 
GLY N   H2   sing N N 122 
GLY CA  C    sing N N 123 
GLY CA  HA2  sing N N 124 
GLY CA  HA3  sing N N 125 
GLY C   O    doub N N 126 
GLY C   OXT  sing N N 127 
GLY OXT HXT  sing N N 128 
HIS N   CA   sing N N 129 
HIS N   H    sing N N 130 
HIS N   H2   sing N N 131 
HIS CA  C    sing N N 132 
HIS CA  CB   sing N N 133 
HIS CA  HA   sing N N 134 
HIS C   O    doub N N 135 
HIS C   OXT  sing N N 136 
HIS CB  CG   sing N N 137 
HIS CB  HB2  sing N N 138 
HIS CB  HB3  sing N N 139 
HIS CG  ND1  sing Y N 140 
HIS CG  CD2  doub Y N 141 
HIS ND1 CE1  doub Y N 142 
HIS ND1 HD1  sing N N 143 
HIS CD2 NE2  sing Y N 144 
HIS CD2 HD2  sing N N 145 
HIS CE1 NE2  sing Y N 146 
HIS CE1 HE1  sing N N 147 
HIS NE2 HE2  sing N N 148 
HIS OXT HXT  sing N N 149 
HOH O   H1   sing N N 150 
HOH O   H2   sing N N 151 
ILE N   CA   sing N N 152 
ILE N   H    sing N N 153 
ILE N   H2   sing N N 154 
ILE CA  C    sing N N 155 
ILE CA  CB   sing N N 156 
ILE CA  HA   sing N N 157 
ILE C   O    doub N N 158 
ILE C   OXT  sing N N 159 
ILE CB  CG1  sing N N 160 
ILE CB  CG2  sing N N 161 
ILE CB  HB   sing N N 162 
ILE CG1 CD1  sing N N 163 
ILE CG1 HG12 sing N N 164 
ILE CG1 HG13 sing N N 165 
ILE CG2 HG21 sing N N 166 
ILE CG2 HG22 sing N N 167 
ILE CG2 HG23 sing N N 168 
ILE CD1 HD11 sing N N 169 
ILE CD1 HD12 sing N N 170 
ILE CD1 HD13 sing N N 171 
ILE OXT HXT  sing N N 172 
LEU N   CA   sing N N 173 
LEU N   H    sing N N 174 
LEU N   H2   sing N N 175 
LEU CA  C    sing N N 176 
LEU CA  CB   sing N N 177 
LEU CA  HA   sing N N 178 
LEU C   O    doub N N 179 
LEU C   OXT  sing N N 180 
LEU CB  CG   sing N N 181 
LEU CB  HB2  sing N N 182 
LEU CB  HB3  sing N N 183 
LEU CG  CD1  sing N N 184 
LEU CG  CD2  sing N N 185 
LEU CG  HG   sing N N 186 
LEU CD1 HD11 sing N N 187 
LEU CD1 HD12 sing N N 188 
LEU CD1 HD13 sing N N 189 
LEU CD2 HD21 sing N N 190 
LEU CD2 HD22 sing N N 191 
LEU CD2 HD23 sing N N 192 
LEU OXT HXT  sing N N 193 
MET N   CA   sing N N 194 
MET N   H    sing N N 195 
MET N   H2   sing N N 196 
MET CA  C    sing N N 197 
MET CA  CB   sing N N 198 
MET CA  HA   sing N N 199 
MET C   O    doub N N 200 
MET C   OXT  sing N N 201 
MET CB  CG   sing N N 202 
MET CB  HB2  sing N N 203 
MET CB  HB3  sing N N 204 
MET CG  SD   sing N N 205 
MET CG  HG2  sing N N 206 
MET CG  HG3  sing N N 207 
MET SD  CE   sing N N 208 
MET CE  HE1  sing N N 209 
MET CE  HE2  sing N N 210 
MET CE  HE3  sing N N 211 
MET OXT HXT  sing N N 212 
MSE N   CA   sing N N 213 
MSE N   H    sing N N 214 
MSE N   H2   sing N N 215 
MSE CA  C    sing N N 216 
MSE CA  CB   sing N N 217 
MSE CA  HA   sing N N 218 
MSE C   O    doub N N 219 
MSE C   OXT  sing N N 220 
MSE OXT HXT  sing N N 221 
MSE CB  CG   sing N N 222 
MSE CB  HB2  sing N N 223 
MSE CB  HB3  sing N N 224 
MSE CG  SE   sing N N 225 
MSE CG  HG2  sing N N 226 
MSE CG  HG3  sing N N 227 
MSE SE  CE   sing N N 228 
MSE CE  HE1  sing N N 229 
MSE CE  HE2  sing N N 230 
MSE CE  HE3  sing N N 231 
PHE N   CA   sing N N 232 
PHE N   H    sing N N 233 
PHE N   H2   sing N N 234 
PHE CA  C    sing N N 235 
PHE CA  CB   sing N N 236 
PHE CA  HA   sing N N 237 
PHE C   O    doub N N 238 
PHE C   OXT  sing N N 239 
PHE CB  CG   sing N N 240 
PHE CB  HB2  sing N N 241 
PHE CB  HB3  sing N N 242 
PHE CG  CD1  doub Y N 243 
PHE CG  CD2  sing Y N 244 
PHE CD1 CE1  sing Y N 245 
PHE CD1 HD1  sing N N 246 
PHE CD2 CE2  doub Y N 247 
PHE CD2 HD2  sing N N 248 
PHE CE1 CZ   doub Y N 249 
PHE CE1 HE1  sing N N 250 
PHE CE2 CZ   sing Y N 251 
PHE CE2 HE2  sing N N 252 
PHE CZ  HZ   sing N N 253 
PHE OXT HXT  sing N N 254 
PRO N   CA   sing N N 255 
PRO N   CD   sing N N 256 
PRO N   H    sing N N 257 
PRO CA  C    sing N N 258 
PRO CA  CB   sing N N 259 
PRO CA  HA   sing N N 260 
PRO C   O    doub N N 261 
PRO C   OXT  sing N N 262 
PRO CB  CG   sing N N 263 
PRO CB  HB2  sing N N 264 
PRO CB  HB3  sing N N 265 
PRO CG  CD   sing N N 266 
PRO CG  HG2  sing N N 267 
PRO CG  HG3  sing N N 268 
PRO CD  HD2  sing N N 269 
PRO CD  HD3  sing N N 270 
PRO OXT HXT  sing N N 271 
SER N   CA   sing N N 272 
SER N   H    sing N N 273 
SER N   H2   sing N N 274 
SER CA  C    sing N N 275 
SER CA  CB   sing N N 276 
SER CA  HA   sing N N 277 
SER C   O    doub N N 278 
SER C   OXT  sing N N 279 
SER CB  OG   sing N N 280 
SER CB  HB2  sing N N 281 
SER CB  HB3  sing N N 282 
SER OG  HG   sing N N 283 
SER OXT HXT  sing N N 284 
THR N   CA   sing N N 285 
THR N   H    sing N N 286 
THR N   H2   sing N N 287 
THR CA  C    sing N N 288 
THR CA  CB   sing N N 289 
THR CA  HA   sing N N 290 
THR C   O    doub N N 291 
THR C   OXT  sing N N 292 
THR CB  OG1  sing N N 293 
THR CB  CG2  sing N N 294 
THR CB  HB   sing N N 295 
THR OG1 HG1  sing N N 296 
THR CG2 HG21 sing N N 297 
THR CG2 HG22 sing N N 298 
THR CG2 HG23 sing N N 299 
THR OXT HXT  sing N N 300 
TRP N   CA   sing N N 301 
TRP N   H    sing N N 302 
TRP N   H2   sing N N 303 
TRP CA  C    sing N N 304 
TRP CA  CB   sing N N 305 
TRP CA  HA   sing N N 306 
TRP C   O    doub N N 307 
TRP C   OXT  sing N N 308 
TRP CB  CG   sing N N 309 
TRP CB  HB2  sing N N 310 
TRP CB  HB3  sing N N 311 
TRP CG  CD1  doub Y N 312 
TRP CG  CD2  sing Y N 313 
TRP CD1 NE1  sing Y N 314 
TRP CD1 HD1  sing N N 315 
TRP CD2 CE2  doub Y N 316 
TRP CD2 CE3  sing Y N 317 
TRP NE1 CE2  sing Y N 318 
TRP NE1 HE1  sing N N 319 
TRP CE2 CZ2  sing Y N 320 
TRP CE3 CZ3  doub Y N 321 
TRP CE3 HE3  sing N N 322 
TRP CZ2 CH2  doub Y N 323 
TRP CZ2 HZ2  sing N N 324 
TRP CZ3 CH2  sing Y N 325 
TRP CZ3 HZ3  sing N N 326 
TRP CH2 HH2  sing N N 327 
TRP OXT HXT  sing N N 328 
TYR N   CA   sing N N 329 
TYR N   H    sing N N 330 
TYR N   H2   sing N N 331 
TYR CA  C    sing N N 332 
TYR CA  CB   sing N N 333 
TYR CA  HA   sing N N 334 
TYR C   O    doub N N 335 
TYR C   OXT  sing N N 336 
TYR CB  CG   sing N N 337 
TYR CB  HB2  sing N N 338 
TYR CB  HB3  sing N N 339 
TYR CG  CD1  doub Y N 340 
TYR CG  CD2  sing Y N 341 
TYR CD1 CE1  sing Y N 342 
TYR CD1 HD1  sing N N 343 
TYR CD2 CE2  doub Y N 344 
TYR CD2 HD2  sing N N 345 
TYR CE1 CZ   doub Y N 346 
TYR CE1 HE1  sing N N 347 
TYR CE2 CZ   sing Y N 348 
TYR CE2 HE2  sing N N 349 
TYR CZ  OH   sing N N 350 
TYR OH  HH   sing N N 351 
TYR OXT HXT  sing N N 352 
VAL N   CA   sing N N 353 
VAL N   H    sing N N 354 
VAL N   H2   sing N N 355 
VAL CA  C    sing N N 356 
VAL CA  CB   sing N N 357 
VAL CA  HA   sing N N 358 
VAL C   O    doub N N 359 
VAL C   OXT  sing N N 360 
VAL CB  CG1  sing N N 361 
VAL CB  CG2  sing N N 362 
VAL CB  HB   sing N N 363 
VAL CG1 HG11 sing N N 364 
VAL CG1 HG12 sing N N 365 
VAL CG1 HG13 sing N N 366 
VAL CG2 HG21 sing N N 367 
VAL CG2 HG22 sing N N 368 
VAL CG2 HG23 sing N N 369 
VAL OXT HXT  sing N N 370 
# 
_atom_sites.entry_id                    2HX0 
_atom_sites.fract_transf_matrix[1][1]   -0.00894400 
_atom_sites.fract_transf_matrix[1][2]   -0.00623720 
_atom_sites.fract_transf_matrix[1][3]   0.00980100 
_atom_sites.fract_transf_matrix[2][1]   0.00475124 
_atom_sites.fract_transf_matrix[2][2]   -0.01120903 
_atom_sites.fract_transf_matrix[2][3]   0.00816875 
_atom_sites.fract_transf_matrix[3][1]   0.00689063 
_atom_sites.fract_transf_matrix[3][2]   0.01399287 
_atom_sites.fract_transf_matrix[3][3]   0.01519296 
_atom_sites.fract_transf_vector[1]      0.332520 
_atom_sites.fract_transf_vector[2]      -0.185581 
_atom_sites.fract_transf_vector[3]      0.095298 
# 
loop_
_atom_type.symbol 
C  
MG 
N  
O  
S  
SE 
# 
loop_
_atom_site.group_PDB 
_atom_site.id 
_atom_site.type_symbol 
_atom_site.label_atom_id 
_atom_site.label_alt_id 
_atom_site.label_comp_id 
_atom_site.label_asym_id 
_atom_site.label_entity_id 
_atom_site.label_seq_id 
_atom_site.pdbx_PDB_ins_code 
_atom_site.Cartn_x 
_atom_site.Cartn_y 
_atom_site.Cartn_z 
_atom_site.occupancy 
_atom_site.B_iso_or_equiv 
_atom_site.pdbx_formal_charge 
_atom_site.auth_seq_id 
_atom_site.auth_comp_id 
_atom_site.auth_asym_id 
_atom_site.auth_atom_id 
_atom_site.pdbx_PDB_model_num 
ATOM   1    N  N   . HIS A 1 12  ? 2.136   -3.014  -25.698 1.00 56.31 ? 5   HIS A N   1 
ATOM   2    C  CA  . HIS A 1 12  ? 2.109   -1.660  -25.070 1.00 56.26 ? 5   HIS A CA  1 
ATOM   3    C  C   . HIS A 1 12  ? 1.498   -1.745  -23.677 1.00 55.79 ? 5   HIS A C   1 
ATOM   4    O  O   . HIS A 1 12  ? 0.744   -2.670  -23.374 1.00 57.22 ? 5   HIS A O   1 
ATOM   5    C  CB  . HIS A 1 12  ? 1.300   -0.693  -25.941 1.00 56.26 ? 5   HIS A CB  1 
ATOM   6    C  CG  . HIS A 1 12  ? 1.285   0.715   -25.430 1.00 56.41 ? 5   HIS A CG  1 
ATOM   7    N  ND1 . HIS A 1 12  ? 2.437   1.414   -25.142 1.00 54.56 ? 5   HIS A ND1 1 
ATOM   8    C  CD2 . HIS A 1 12  ? 0.259   1.559   -25.172 1.00 55.83 ? 5   HIS A CD2 1 
ATOM   9    C  CE1 . HIS A 1 12  ? 2.122   2.628   -24.728 1.00 54.28 ? 5   HIS A CE1 1 
ATOM   10   N  NE2 . HIS A 1 12  ? 0.806   2.742   -24.738 1.00 54.93 ? 5   HIS A NE2 1 
ATOM   11   N  N   . HIS A 1 13  ? 1.821   -0.777  -22.828 1.00 37.25 ? 6   HIS A N   1 
ATOM   12   C  CA  . HIS A 1 13  ? 1.306   -0.786  -21.471 1.00 34.73 ? 6   HIS A CA  1 
ATOM   13   C  C   . HIS A 1 13  ? 0.044   0.034   -21.254 1.00 35.05 ? 6   HIS A C   1 
ATOM   14   O  O   . HIS A 1 13  ? -0.790  0.177   -22.145 1.00 32.57 ? 6   HIS A O   1 
ATOM   15   C  CB  . HIS A 1 13  ? 2.388   -0.321  -20.495 1.00 64.20 ? 6   HIS A CB  1 
ATOM   16   C  CG  . HIS A 1 13  ? 3.145   0.884   -20.958 1.00 65.24 ? 6   HIS A CG  1 
ATOM   17   N  ND1 . HIS A 1 13  ? 4.039   0.839   -22.006 1.00 65.51 ? 6   HIS A ND1 1 
ATOM   18   C  CD2 . HIS A 1 13  ? 3.125   2.169   -20.534 1.00 63.11 ? 6   HIS A CD2 1 
ATOM   19   C  CE1 . HIS A 1 13  ? 4.539   2.045   -22.207 1.00 65.46 ? 6   HIS A CE1 1 
ATOM   20   N  NE2 . HIS A 1 13  ? 4.000   2.871   -21.328 1.00 66.11 ? 6   HIS A NE2 1 
ATOM   21   N  N   . ASN A 1 14  ? -0.058  0.559   -20.038 1.00 48.99 ? 7   ASN A N   1 
ATOM   22   C  CA  . ASN A 1 14  ? -1.163  1.370   -19.544 1.00 48.61 ? 7   ASN A CA  1 
ATOM   23   C  C   . ASN A 1 14  ? -2.574  0.798   -19.571 1.00 43.74 ? 7   ASN A C   1 
ATOM   24   O  O   . ASN A 1 14  ? -3.213  0.747   -18.526 1.00 47.29 ? 7   ASN A O   1 
ATOM   25   C  CB  . ASN A 1 14  ? -1.156  2.780   -20.180 1.00 33.07 ? 7   ASN A CB  1 
ATOM   26   C  CG  . ASN A 1 14  ? -1.121  2.762   -21.698 1.00 33.56 ? 7   ASN A CG  1 
ATOM   27   O  OD1 . ASN A 1 14  ? -2.028  2.251   -22.354 1.00 31.26 ? 7   ASN A OD1 1 
ATOM   28   N  ND2 . ASN A 1 14  ? -0.070  3.342   -22.264 1.00 36.26 ? 7   ASN A ND2 1 
ATOM   29   N  N   . ALA A 1 15  ? -3.060  0.328   -20.718 1.00 23.46 ? 8   ALA A N   1 
ATOM   30   C  CA  . ALA A 1 15  ? -4.448  -0.158  -20.780 1.00 19.05 ? 8   ALA A CA  1 
ATOM   31   C  C   . ALA A 1 15  ? -4.765  -1.580  -20.316 1.00 14.93 ? 8   ALA A C   1 
ATOM   32   O  O   . ALA A 1 15  ? -4.109  -2.543  -20.715 1.00 13.48 ? 8   ALA A O   1 
ATOM   33   C  CB  . ALA A 1 15  ? -4.988  0.044   -22.185 1.00 24.37 ? 8   ALA A CB  1 
ATOM   34   N  N   . SER A 1 16  ? -5.805  -1.703  -19.491 1.00 10.69 ? 9   SER A N   1 
ATOM   35   C  CA  . SER A 1 16  ? -6.227  -3.006  -18.991 1.00 9.83  ? 9   SER A CA  1 
ATOM   36   C  C   . SER A 1 16  ? -7.570  -2.969  -18.274 1.00 10.46 ? 9   SER A C   1 
ATOM   37   O  O   . SER A 1 16  ? -7.969  -1.939  -17.729 1.00 11.13 ? 9   SER A O   1 
ATOM   38   C  CB  . SER A 1 16  ? -5.178  -3.566  -18.022 1.00 11.10 ? 9   SER A CB  1 
ATOM   39   O  OG  . SER A 1 16  ? -5.565  -4.833  -17.512 1.00 10.90 ? 9   SER A OG  1 
ATOM   40   N  N   . THR A 1 17  ? -8.271  -4.099  -18.290 1.00 10.09 ? 10  THR A N   1 
ATOM   41   C  CA  . THR A 1 17  ? -9.524  -4.219  -17.561 1.00 10.72 ? 10  THR A CA  1 
ATOM   42   C  C   . THR A 1 17  ? -9.005  -4.484  -16.151 1.00 10.29 ? 10  THR A C   1 
ATOM   43   O  O   . THR A 1 17  ? -7.805  -4.686  -15.961 1.00 11.98 ? 10  THR A O   1 
ATOM   44   C  CB  . THR A 1 17  ? -10.330 -5.444  -18.019 1.00 17.35 ? 10  THR A CB  1 
ATOM   45   O  OG1 . THR A 1 17  ? -9.536  -6.625  -17.841 1.00 22.23 ? 10  THR A OG1 1 
ATOM   46   C  CG2 . THR A 1 17  ? -10.710 -5.314  -19.485 1.00 21.43 ? 10  THR A CG2 1 
ATOM   47   N  N   . ALA A 1 18  ? -9.882  -4.473  -15.160 1.00 9.57  ? 11  ALA A N   1 
ATOM   48   C  CA  . ALA A 1 18  ? -9.428  -4.739  -13.807 1.00 9.60  ? 11  ALA A CA  1 
ATOM   49   C  C   . ALA A 1 18  ? -10.283 -5.787  -13.128 1.00 9.51  ? 11  ALA A C   1 
ATOM   50   O  O   . ALA A 1 18  ? -11.474 -5.917  -13.411 1.00 10.95 ? 11  ALA A O   1 
ATOM   51   C  CB  . ALA A 1 18  ? -9.444  -3.455  -12.986 1.00 11.38 ? 11  ALA A CB  1 
ATOM   52   N  N   . ARG A 1 19  ? -9.647  -6.554  -12.250 1.00 9.14  ? 12  ARG A N   1 
ATOM   53   C  CA  . ARG A 1 19  ? -10.320 -7.562  -11.451 1.00 9.40  ? 12  ARG A CA  1 
ATOM   54   C  C   . ARG A 1 19  ? -10.154 -7.012  -10.038 1.00 9.40  ? 12  ARG A C   1 
ATOM   55   O  O   . ARG A 1 19  ? -9.061  -6.589  -9.672  1.00 10.46 ? 12  ARG A O   1 
ATOM   56   C  CB  . ARG A 1 19  ? -9.613  -8.914  -11.589 1.00 16.18 ? 12  ARG A CB  1 
ATOM   57   C  CG  . ARG A 1 19  ? -10.342 -10.064 -10.910 1.00 22.73 ? 12  ARG A CG  1 
ATOM   58   C  CD  . ARG A 1 19  ? -9.715  -11.409 -11.254 1.00 26.79 ? 12  ARG A CD  1 
ATOM   59   N  NE  . ARG A 1 19  ? -8.357  -11.540 -10.736 1.00 30.72 ? 12  ARG A NE  1 
ATOM   60   C  CZ  . ARG A 1 19  ? -7.266  -11.621 -11.492 1.00 30.13 ? 12  ARG A CZ  1 
ATOM   61   N  NH1 . ARG A 1 19  ? -7.364  -11.583 -12.812 1.00 32.88 ? 12  ARG A NH1 1 
ATOM   62   N  NH2 . ARG A 1 19  ? -6.076  -11.752 -10.923 1.00 31.89 ? 12  ARG A NH2 1 
ATOM   63   N  N   . PHE A 1 20  ? -11.226 -6.997  -9.253  1.00 7.10  ? 13  PHE A N   1 
ATOM   64   C  CA  . PHE A 1 20  ? -11.134 -6.465  -7.898  1.00 7.74  ? 13  PHE A CA  1 
ATOM   65   C  C   . PHE A 1 20  ? -11.273 -7.510  -6.815  1.00 7.72  ? 13  PHE A C   1 
ATOM   66   O  O   . PHE A 1 20  ? -11.949 -8.524  -6.981  1.00 10.16 ? 13  PHE A O   1 
ATOM   67   C  CB  . PHE A 1 20  ? -12.178 -5.373  -7.680  1.00 8.84  ? 13  PHE A CB  1 
ATOM   68   C  CG  . PHE A 1 20  ? -11.958 -4.169  -8.539  1.00 7.36  ? 13  PHE A CG  1 
ATOM   69   C  CD1 . PHE A 1 20  ? -12.488 -4.106  -9.827  1.00 8.20  ? 13  PHE A CD1 1 
ATOM   70   C  CD2 . PHE A 1 20  ? -11.170 -3.118  -8.086  1.00 8.59  ? 13  PHE A CD2 1 
ATOM   71   C  CE1 . PHE A 1 20  ? -12.229 -3.007  -10.655 1.00 9.04  ? 13  PHE A CE1 1 
ATOM   72   C  CE2 . PHE A 1 20  ? -10.904 -2.018  -8.903  1.00 7.95  ? 13  PHE A CE2 1 
ATOM   73   C  CZ  . PHE A 1 20  ? -11.436 -1.966  -10.187 1.00 9.59  ? 13  PHE A CZ  1 
ATOM   74   N  N   . TYR A 1 21  ? -10.620 -7.238  -5.695  1.00 8.84  ? 14  TYR A N   1 
ATOM   75   C  CA  . TYR A 1 21  ? -10.644 -8.124  -4.544  1.00 9.68  ? 14  TYR A CA  1 
ATOM   76   C  C   . TYR A 1 21  ? -11.057 -7.331  -3.318  1.00 9.97  ? 14  TYR A C   1 
ATOM   77   O  O   . TYR A 1 21  ? -10.586 -6.219  -3.106  1.00 11.60 ? 14  TYR A O   1 
ATOM   78   C  CB  . TYR A 1 21  ? -9.261  -8.718  -4.286  1.00 10.72 ? 14  TYR A CB  1 
ATOM   79   C  CG  . TYR A 1 21  ? -8.737  -9.611  -5.382  1.00 10.30 ? 14  TYR A CG  1 
ATOM   80   C  CD1 . TYR A 1 21  ? -8.093  -9.080  -6.492  1.00 11.18 ? 14  TYR A CD1 1 
ATOM   81   C  CD2 . TYR A 1 21  ? -8.873  -10.995 -5.299  1.00 12.87 ? 14  TYR A CD2 1 
ATOM   82   C  CE1 . TYR A 1 21  ? -7.588  -9.907  -7.497  1.00 13.73 ? 14  TYR A CE1 1 
ATOM   83   C  CE2 . TYR A 1 21  ? -8.374  -11.830 -6.296  1.00 14.73 ? 14  TYR A CE2 1 
ATOM   84   C  CZ  . TYR A 1 21  ? -7.734  -11.280 -7.388  1.00 15.01 ? 14  TYR A CZ  1 
ATOM   85   O  OH  . TYR A 1 21  ? -7.235  -12.113 -8.362  1.00 19.39 ? 14  TYR A OH  1 
ATOM   86   N  N   . ALA A 1 22  ? -11.937 -7.905  -2.511  1.00 9.85  ? 15  ALA A N   1 
ATOM   87   C  CA  . ALA A 1 22  ? -12.364 -7.231  -1.297  1.00 10.25 ? 15  ALA A CA  1 
ATOM   88   C  C   . ALA A 1 22  ? -11.888 -8.053  -0.112  1.00 11.65 ? 15  ALA A C   1 
ATOM   89   O  O   . ALA A 1 22  ? -12.037 -9.272  -0.097  1.00 14.23 ? 15  ALA A O   1 
ATOM   90   C  CB  . ALA A 1 22  ? -13.890 -7.100  -1.265  1.00 8.93  ? 15  ALA A CB  1 
ATOM   91   N  N   . LEU A 1 23  ? -11.292 -7.400  0.873   1.00 11.34 ? 16  LEU A N   1 
ATOM   92   C  CA  . LEU A 1 23  ? -10.835 -8.138  2.040   1.00 12.75 ? 16  LEU A CA  1 
ATOM   93   C  C   . LEU A 1 23  ? -10.853 -7.290  3.288   1.00 11.72 ? 16  LEU A C   1 
ATOM   94   O  O   . LEU A 1 23  ? -10.880 -6.064  3.223   1.00 12.10 ? 16  LEU A O   1 
ATOM   95   C  CB  . LEU A 1 23  ? -9.430  -8.694  1.817   1.00 21.85 ? 16  LEU A CB  1 
ATOM   96   C  CG  . LEU A 1 23  ? -8.300  -7.710  1.512   1.00 21.50 ? 16  LEU A CG  1 
ATOM   97   C  CD1 . LEU A 1 23  ? -6.971  -8.292  1.985   1.00 25.15 ? 16  LEU A CD1 1 
ATOM   98   C  CD2 . LEU A 1 23  ? -8.264  -7.414  0.018   1.00 25.26 ? 16  LEU A CD2 1 
ATOM   99   N  N   . ARG A 1 24  ? -10.858 -7.960  4.432   1.00 10.37 ? 17  ARG A N   1 
ATOM   100  C  CA  . ARG A 1 24  ? -10.867 -7.267  5.704   1.00 10.98 ? 17  ARG A CA  1 
ATOM   101  C  C   . ARG A 1 24  ? -9.770  -7.833  6.584   1.00 9.99  ? 17  ARG A C   1 
ATOM   102  O  O   . ARG A 1 24  ? -9.707  -9.045  6.793   1.00 12.67 ? 17  ARG A O   1 
ATOM   103  C  CB  . ARG A 1 24  ? -12.209 -7.456  6.406   1.00 12.43 ? 17  ARG A CB  1 
ATOM   104  C  CG  . ARG A 1 24  ? -12.276 -6.736  7.734   1.00 13.71 ? 17  ARG A CG  1 
ATOM   105  C  CD  . ARG A 1 24  ? -12.772 -7.640  8.839   1.00 13.76 ? 17  ARG A CD  1 
ATOM   106  N  NE  . ARG A 1 24  ? -12.485 -7.059  10.148  1.00 12.07 ? 17  ARG A NE  1 
ATOM   107  C  CZ  . ARG A 1 24  ? -12.732 -7.661  11.306  1.00 11.57 ? 17  ARG A CZ  1 
ATOM   108  N  NH1 . ARG A 1 24  ? -13.278 -8.871  11.326  1.00 12.16 ? 17  ARG A NH1 1 
ATOM   109  N  NH2 . ARG A 1 24  ? -12.427 -7.055  12.445  1.00 12.21 ? 17  ARG A NH2 1 
ATOM   110  N  N   . LEU A 1 25  ? -8.905  -6.962  7.095   1.00 10.37 ? 18  LEU A N   1 
ATOM   111  C  CA  . LEU A 1 25  ? -7.828  -7.406  7.971   1.00 10.65 ? 18  LEU A CA  1 
ATOM   112  C  C   . LEU A 1 25  ? -8.318  -7.369  9.413   1.00 11.17 ? 18  LEU A C   1 
ATOM   113  O  O   . LEU A 1 25  ? -9.209  -6.588  9.759   1.00 11.20 ? 18  LEU A O   1 
ATOM   114  C  CB  . LEU A 1 25  ? -6.595  -6.523  7.799   1.00 9.67  ? 18  LEU A CB  1 
ATOM   115  C  CG  . LEU A 1 25  ? -6.033  -6.462  6.369   1.00 11.54 ? 18  LEU A CG  1 
ATOM   116  C  CD1 . LEU A 1 25  ? -4.703  -5.726  6.400   1.00 11.66 ? 18  LEU A CD1 1 
ATOM   117  C  CD2 . LEU A 1 25  ? -5.842  -7.870  5.798   1.00 10.61 ? 18  LEU A CD2 1 
ATOM   118  N  N   . LEU A 1 26  ? -7.720  -8.213  10.246  1.00 12.10 ? 19  LEU A N   1 
ATOM   119  C  CA  . LEU A 1 26  ? -8.114  -8.343  11.645  1.00 12.44 ? 19  LEU A CA  1 
ATOM   120  C  C   . LEU A 1 26  ? -7.259  -7.578  12.651  1.00 11.50 ? 19  LEU A C   1 
ATOM   121  O  O   . LEU A 1 26  ? -6.121  -7.213  12.370  1.00 11.66 ? 19  LEU A O   1 
ATOM   122  C  CB  . LEU A 1 26  ? -8.107  -9.823  12.034  1.00 14.29 ? 19  LEU A CB  1 
ATOM   123  C  CG  . LEU A 1 26  ? -8.895  -10.790 11.148  1.00 18.40 ? 19  LEU A CG  1 
ATOM   124  C  CD1 . LEU A 1 26  ? -8.764  -12.202 11.705  1.00 18.67 ? 19  LEU A CD1 1 
ATOM   125  C  CD2 . LEU A 1 26  ? -10.350 -10.372 11.091  1.00 19.44 ? 19  LEU A CD2 1 
ATOM   126  N  N   . PRO A 1 27  ? -7.809  -7.336  13.851  1.00 13.43 ? 20  PRO A N   1 
ATOM   127  C  CA  . PRO A 1 27  ? -7.081  -6.618  14.899  1.00 13.73 ? 20  PRO A CA  1 
ATOM   128  C  C   . PRO A 1 27  ? -5.722  -7.263  15.171  1.00 13.59 ? 20  PRO A C   1 
ATOM   129  O  O   . PRO A 1 27  ? -5.606  -8.491  15.222  1.00 14.02 ? 20  PRO A O   1 
ATOM   130  C  CB  . PRO A 1 27  ? -8.017  -6.727  16.096  1.00 14.39 ? 20  PRO A CB  1 
ATOM   131  C  CG  . PRO A 1 27  ? -9.374  -6.682  15.452  1.00 14.55 ? 20  PRO A CG  1 
ATOM   132  C  CD  . PRO A 1 27  ? -9.194  -7.619  14.276  1.00 12.97 ? 20  PRO A CD  1 
ATOM   133  N  N   . GLY A 1 28  ? -4.698  -6.429  15.323  1.00 13.95 ? 21  GLY A N   1 
ATOM   134  C  CA  . GLY A 1 28  ? -3.368  -6.930  15.613  1.00 14.79 ? 21  GLY A CA  1 
ATOM   135  C  C   . GLY A 1 28  ? -2.499  -7.287  14.426  1.00 15.39 ? 21  GLY A C   1 
ATOM   136  O  O   . GLY A 1 28  ? -1.283  -7.416  14.567  1.00 17.51 ? 21  GLY A O   1 
ATOM   137  N  N   . GLN A 1 29  ? -3.101  -7.444  13.253  1.00 13.29 ? 22  GLN A N   1 
ATOM   138  C  CA  . GLN A 1 29  ? -2.317  -7.796  12.080  1.00 12.57 ? 22  GLN A CA  1 
ATOM   139  C  C   . GLN A 1 29  ? -1.542  -6.597  11.546  1.00 13.25 ? 22  GLN A C   1 
ATOM   140  O  O   . GLN A 1 29  ? -1.992  -5.451  11.635  1.00 14.47 ? 22  GLN A O   1 
ATOM   141  C  CB  . GLN A 1 29  ? -3.219  -8.374  10.981  1.00 12.54 ? 22  GLN A CB  1 
ATOM   142  C  CG  . GLN A 1 29  ? -3.946  -9.659  11.379  1.00 11.19 ? 22  GLN A CG  1 
ATOM   143  C  CD  . GLN A 1 29  ? -4.656  -10.315 10.208  1.00 13.77 ? 22  GLN A CD  1 
ATOM   144  O  OE1 . GLN A 1 29  ? -5.406  -9.665  9.481   1.00 14.97 ? 22  GLN A OE1 1 
ATOM   145  N  NE2 . GLN A 1 29  ? -4.430  -11.611 10.025  1.00 14.28 ? 22  GLN A NE2 1 
ATOM   146  N  N   . GLU A 1 30  ? -0.361  -6.874  11.008  1.00 11.96 ? 23  GLU A N   1 
ATOM   147  C  CA  . GLU A 1 30  ? 0.499   -5.841  10.447  1.00 11.77 ? 23  GLU A CA  1 
ATOM   148  C  C   . GLU A 1 30  ? 0.123   -5.719  8.967   1.00 12.25 ? 23  GLU A C   1 
ATOM   149  O  O   . GLU A 1 30  ? 0.073   -6.713  8.243   1.00 12.81 ? 23  GLU A O   1 
ATOM   150  C  CB  . GLU A 1 30  ? 1.963   -6.251  10.639  1.00 14.80 ? 23  GLU A CB  1 
ATOM   151  C  CG  . GLU A 1 30  ? 2.992   -5.171  10.349  1.00 16.49 ? 23  GLU A CG  1 
ATOM   152  C  CD  . GLU A 1 30  ? 3.285   -5.043  8.876   1.00 17.88 ? 23  GLU A CD  1 
ATOM   153  O  OE1 . GLU A 1 30  ? 3.386   -6.093  8.210   1.00 19.48 ? 23  GLU A OE1 1 
ATOM   154  O  OE2 . GLU A 1 30  ? 3.425   -3.903  8.386   1.00 22.68 ? 23  GLU A OE2 1 
ATOM   155  N  N   . VAL A 1 31  ? -0.146  -4.493  8.528   1.00 14.30 ? 24  VAL A N   1 
ATOM   156  C  CA  . VAL A 1 31  ? -0.587  -4.240  7.159   1.00 13.45 ? 24  VAL A CA  1 
ATOM   157  C  C   . VAL A 1 31  ? 0.328   -4.658  6.012   1.00 14.15 ? 24  VAL A C   1 
ATOM   158  O  O   . VAL A 1 31  ? -0.119  -5.332  5.084   1.00 12.99 ? 24  VAL A O   1 
ATOM   159  C  CB  . VAL A 1 31  ? -0.965  -2.754  6.986   1.00 14.12 ? 24  VAL A CB  1 
ATOM   160  C  CG1 . VAL A 1 31  ? -1.564  -2.517  5.603   1.00 13.75 ? 24  VAL A CG1 1 
ATOM   161  C  CG2 . VAL A 1 31  ? -1.970  -2.366  8.052   1.00 14.36 ? 24  VAL A CG2 1 
ATOM   162  N  N   . PHE A 1 32  ? 1.592   -4.254  6.053   1.00 11.58 ? 25  PHE A N   1 
ATOM   163  C  CA  . PHE A 1 32  ? 2.519   -4.615  4.987   1.00 14.02 ? 25  PHE A CA  1 
ATOM   164  C  C   . PHE A 1 32  ? 2.567   -6.119  4.749   1.00 13.10 ? 25  PHE A C   1 
ATOM   165  O  O   . PHE A 1 32  ? 2.448   -6.586  3.612   1.00 14.47 ? 25  PHE A O   1 
ATOM   166  C  CB  . PHE A 1 32  ? 3.925   -4.121  5.317   1.00 25.76 ? 25  PHE A CB  1 
ATOM   167  C  CG  . PHE A 1 32  ? 4.430   -3.056  4.389   1.00 30.13 ? 25  PHE A CG  1 
ATOM   168  C  CD1 . PHE A 1 32  ? 3.878   -1.777  4.403   1.00 33.19 ? 25  PHE A CD1 1 
ATOM   169  C  CD2 . PHE A 1 32  ? 5.476   -3.325  3.513   1.00 33.00 ? 25  PHE A CD2 1 
ATOM   170  C  CE1 . PHE A 1 32  ? 4.366   -0.773  3.553   1.00 32.58 ? 25  PHE A CE1 1 
ATOM   171  C  CE2 . PHE A 1 32  ? 5.974   -2.334  2.659   1.00 34.06 ? 25  PHE A CE2 1 
ATOM   172  C  CZ  . PHE A 1 32  ? 5.417   -1.057  2.683   1.00 34.52 ? 25  PHE A CZ  1 
ATOM   173  N  N   . SER A 1 33  ? 2.742   -6.882  5.823   1.00 12.91 ? 26  SER A N   1 
ATOM   174  C  CA  . SER A 1 33  ? 2.819   -8.330  5.711   1.00 12.57 ? 26  SER A CA  1 
ATOM   175  C  C   . SER A 1 33  ? 1.544   -8.958  5.163   1.00 12.07 ? 26  SER A C   1 
ATOM   176  O  O   . SER A 1 33  ? 1.604   -9.895  4.366   1.00 12.13 ? 26  SER A O   1 
ATOM   177  C  CB  . SER A 1 33  ? 3.175   -8.949  7.071   1.00 10.99 ? 26  SER A CB  1 
ATOM   178  O  OG  . SER A 1 33  ? 2.194   -8.669  8.052   1.00 15.17 ? 26  SER A OG  1 
ATOM   179  N  N   . GLN A 1 34  ? 0.391   -8.448  5.586   1.00 11.84 ? 27  GLN A N   1 
ATOM   180  C  CA  . GLN A 1 34  ? -0.880  -8.980  5.106   1.00 11.21 ? 27  GLN A CA  1 
ATOM   181  C  C   . GLN A 1 34  ? -1.109  -8.653  3.636   1.00 10.48 ? 27  GLN A C   1 
ATOM   182  O  O   . GLN A 1 34  ? -1.631  -9.479  2.891   1.00 10.19 ? 27  GLN A O   1 
ATOM   183  C  CB  . GLN A 1 34  ? -2.043  -8.438  5.939   1.00 10.20 ? 27  GLN A CB  1 
ATOM   184  C  CG  . GLN A 1 34  ? -2.236  -9.150  7.267   1.00 12.67 ? 27  GLN A CG  1 
ATOM   185  C  CD  . GLN A 1 34  ? -2.437  -10.648 7.105   1.00 12.62 ? 27  GLN A CD  1 
ATOM   186  O  OE1 . GLN A 1 34  ? -3.293  -11.100 6.337   1.00 13.64 ? 27  GLN A OE1 1 
ATOM   187  N  NE2 . GLN A 1 34  ? -1.650  -11.430 7.836   1.00 16.35 ? 27  GLN A NE2 1 
ATOM   188  N  N   . LEU A 1 35  ? -0.726  -7.451  3.222   1.00 11.29 ? 28  LEU A N   1 
ATOM   189  C  CA  . LEU A 1 35  ? -0.897  -7.064  1.827   1.00 11.78 ? 28  LEU A CA  1 
ATOM   190  C  C   . LEU A 1 35  ? -0.021  -7.947  0.949   1.00 12.57 ? 28  LEU A C   1 
ATOM   191  O  O   . LEU A 1 35  ? -0.463  -8.431  -0.092  1.00 12.40 ? 28  LEU A O   1 
ATOM   192  C  CB  . LEU A 1 35  ? -0.527  -5.590  1.619   1.00 14.39 ? 28  LEU A CB  1 
ATOM   193  C  CG  . LEU A 1 35  ? -1.532  -4.554  2.132   1.00 15.19 ? 28  LEU A CG  1 
ATOM   194  C  CD1 . LEU A 1 35  ? -0.983  -3.151  1.891   1.00 13.66 ? 28  LEU A CD1 1 
ATOM   195  C  CD2 . LEU A 1 35  ? -2.867  -4.732  1.421   1.00 18.93 ? 28  LEU A CD2 1 
ATOM   196  N  N   . HIS A 1 36  ? 1.218   -8.173  1.379   1.00 12.92 ? 29  HIS A N   1 
ATOM   197  C  CA  . HIS A 1 36  ? 2.126   -9.008  0.603   1.00 13.40 ? 29  HIS A CA  1 
ATOM   198  C  C   . HIS A 1 36  ? 1.616   -10.445 0.555   1.00 12.81 ? 29  HIS A C   1 
ATOM   199  O  O   . HIS A 1 36  ? 1.730   -11.120 -0.465  1.00 12.81 ? 29  HIS A O   1 
ATOM   200  C  CB  . HIS A 1 36  ? 3.537   -8.969  1.192   1.00 18.32 ? 29  HIS A CB  1 
ATOM   201  C  CG  . HIS A 1 36  ? 4.553   -9.668  0.348   1.00 20.21 ? 29  HIS A CG  1 
ATOM   202  N  ND1 . HIS A 1 36  ? 5.088   -10.894 0.685   1.00 22.48 ? 29  HIS A ND1 1 
ATOM   203  C  CD2 . HIS A 1 36  ? 5.104   -9.333  -0.843  1.00 21.05 ? 29  HIS A CD2 1 
ATOM   204  C  CE1 . HIS A 1 36  ? 5.926   -11.281 -0.261  1.00 20.03 ? 29  HIS A CE1 1 
ATOM   205  N  NE2 . HIS A 1 36  ? 5.953   -10.353 -1.200  1.00 21.90 ? 29  HIS A NE2 1 
ATOM   206  N  N   . ALA A 1 37  ? 1.046   -10.915 1.658   1.00 12.35 ? 30  ALA A N   1 
ATOM   207  C  CA  . ALA A 1 37  ? 0.514   -12.271 1.686   1.00 11.56 ? 30  ALA A CA  1 
ATOM   208  C  C   . ALA A 1 37  ? -0.619  -12.406 0.675   1.00 11.33 ? 30  ALA A C   1 
ATOM   209  O  O   . ALA A 1 37  ? -0.732  -13.419 -0.011  1.00 11.74 ? 30  ALA A O   1 
ATOM   210  C  CB  . ALA A 1 37  ? 0.009   -12.619 3.080   1.00 10.69 ? 30  ALA A CB  1 
ATOM   211  N  N   . PHE A 1 38  ? -1.463  -11.381 0.587   1.00 12.38 ? 31  PHE A N   1 
ATOM   212  C  CA  . PHE A 1 38  ? -2.581  -11.405 -0.348  1.00 12.17 ? 31  PHE A CA  1 
ATOM   213  C  C   . PHE A 1 38  ? -2.062  -11.372 -1.784  1.00 11.86 ? 31  PHE A C   1 
ATOM   214  O  O   . PHE A 1 38  ? -2.592  -12.048 -2.670  1.00 12.52 ? 31  PHE A O   1 
ATOM   215  C  CB  . PHE A 1 38  ? -3.496  -10.208 -0.103  1.00 13.13 ? 31  PHE A CB  1 
ATOM   216  C  CG  . PHE A 1 38  ? -4.848  -10.341 -0.739  1.00 16.34 ? 31  PHE A CG  1 
ATOM   217  C  CD1 . PHE A 1 38  ? -5.837  -11.114 -0.137  1.00 17.84 ? 31  PHE A CD1 1 
ATOM   218  C  CD2 . PHE A 1 38  ? -5.131  -9.712  -1.947  1.00 17.87 ? 31  PHE A CD2 1 
ATOM   219  C  CE1 . PHE A 1 38  ? -7.096  -11.261 -0.726  1.00 19.91 ? 31  PHE A CE1 1 
ATOM   220  C  CE2 . PHE A 1 38  ? -6.389  -9.849  -2.552  1.00 19.51 ? 31  PHE A CE2 1 
ATOM   221  C  CZ  . PHE A 1 38  ? -7.374  -10.625 -1.939  1.00 21.33 ? 31  PHE A CZ  1 
ATOM   222  N  N   . VAL A 1 39  ? -1.030  -10.576 -2.017  1.00 10.56 ? 32  VAL A N   1 
ATOM   223  C  CA  . VAL A 1 39  ? -0.436  -10.490 -3.345  1.00 11.19 ? 32  VAL A CA  1 
ATOM   224  C  C   . VAL A 1 39  ? 0.137   -11.846 -3.748  1.00 11.69 ? 32  VAL A C   1 
ATOM   225  O  O   . VAL A 1 39  ? -0.035  -12.286 -4.885  1.00 12.48 ? 32  VAL A O   1 
ATOM   226  C  CB  . VAL A 1 39  ? 0.679   -9.432  -3.382  1.00 13.33 ? 32  VAL A CB  1 
ATOM   227  C  CG1 . VAL A 1 39  ? 1.541   -9.618  -4.618  1.00 14.49 ? 32  VAL A CG1 1 
ATOM   228  C  CG2 . VAL A 1 39  ? 0.057   -8.047  -3.388  1.00 14.94 ? 32  VAL A CG2 1 
ATOM   229  N  N   . GLN A 1 40  ? 0.808   -12.510 -2.810  1.00 11.91 ? 33  GLN A N   1 
ATOM   230  C  CA  . GLN A 1 40  ? 1.392   -13.815 -3.082  1.00 13.39 ? 33  GLN A CA  1 
ATOM   231  C  C   . GLN A 1 40  ? 0.314   -14.866 -3.293  1.00 12.18 ? 33  GLN A C   1 
ATOM   232  O  O   . GLN A 1 40  ? 0.402   -15.681 -4.206  1.00 13.63 ? 33  GLN A O   1 
ATOM   233  C  CB  . GLN A 1 40  ? 2.304   -14.240 -1.929  1.00 17.44 ? 33  GLN A CB  1 
ATOM   234  C  CG  . GLN A 1 40  ? 3.669   -13.575 -1.942  1.00 21.81 ? 33  GLN A CG  1 
ATOM   235  C  CD  . GLN A 1 40  ? 4.482   -13.956 -3.171  1.00 25.41 ? 33  GLN A CD  1 
ATOM   236  O  OE1 . GLN A 1 40  ? 4.618   -15.136 -3.496  1.00 26.51 ? 33  GLN A OE1 1 
ATOM   237  N  NE2 . GLN A 1 40  ? 5.028   -12.957 -3.856  1.00 27.19 ? 33  GLN A NE2 1 
ATOM   238  N  N   . GLN A 1 41  ? -0.711  -14.845 -2.450  1.00 12.27 ? 34  GLN A N   1 
ATOM   239  C  CA  . GLN A 1 41  ? -1.779  -15.825 -2.576  1.00 14.50 ? 34  GLN A CA  1 
ATOM   240  C  C   . GLN A 1 41  ? -2.462  -15.783 -3.934  1.00 13.96 ? 34  GLN A C   1 
ATOM   241  O  O   . GLN A 1 41  ? -2.814  -16.822 -4.494  1.00 15.47 ? 34  GLN A O   1 
ATOM   242  C  CB  . GLN A 1 41  ? -2.833  -15.625 -1.489  1.00 18.61 ? 34  GLN A CB  1 
ATOM   243  C  CG  . GLN A 1 41  ? -4.059  -16.499 -1.706  1.00 23.98 ? 34  GLN A CG  1 
ATOM   244  C  CD  . GLN A 1 41  ? -5.030  -16.478 -0.549  1.00 25.82 ? 34  GLN A CD  1 
ATOM   245  O  OE1 . GLN A 1 41  ? -6.099  -17.084 -0.622  1.00 28.76 ? 34  GLN A OE1 1 
ATOM   246  N  NE2 . GLN A 1 41  ? -4.668  -15.789 0.526   1.00 24.15 ? 34  GLN A NE2 1 
ATOM   247  N  N   . ASN A 1 42  ? -2.641  -14.578 -4.463  1.00 14.07 ? 35  ASN A N   1 
ATOM   248  C  CA  . ASN A 1 42  ? -3.314  -14.413 -5.742  1.00 13.70 ? 35  ASN A CA  1 
ATOM   249  C  C   . ASN A 1 42  ? -2.380  -14.111 -6.907  1.00 13.46 ? 35  ASN A C   1 
ATOM   250  O  O   . ASN A 1 42  ? -2.839  -13.851 -8.020  1.00 15.36 ? 35  ASN A O   1 
ATOM   251  C  CB  . ASN A 1 42  ? -4.370  -13.313 -5.620  1.00 14.39 ? 35  ASN A CB  1 
ATOM   252  C  CG  . ASN A 1 42  ? -5.436  -13.650 -4.602  1.00 15.39 ? 35  ASN A CG  1 
ATOM   253  O  OD1 . ASN A 1 42  ? -5.416  -13.165 -3.471  1.00 18.88 ? 35  ASN A OD1 1 
ATOM   254  N  ND2 . ASN A 1 42  ? -6.368  -14.505 -4.995  1.00 15.71 ? 35  ASN A ND2 1 
ATOM   255  N  N   . GLN A 1 43  ? -1.078  -14.169 -6.648  1.00 13.96 ? 36  GLN A N   1 
ATOM   256  C  CA  . GLN A 1 43  ? -0.067  -13.906 -7.666  1.00 14.42 ? 36  GLN A CA  1 
ATOM   257  C  C   . GLN A 1 43  ? -0.379  -12.640 -8.457  1.00 14.87 ? 36  GLN A C   1 
ATOM   258  O  O   . GLN A 1 43  ? -0.360  -12.636 -9.687  1.00 15.40 ? 36  GLN A O   1 
ATOM   259  C  CB  . GLN A 1 43  ? 0.050   -15.103 -8.613  1.00 18.67 ? 36  GLN A CB  1 
ATOM   260  C  CG  . GLN A 1 43  ? 0.626   -16.347 -7.949  1.00 19.64 ? 36  GLN A CG  1 
ATOM   261  C  CD  . GLN A 1 43  ? 2.078   -16.169 -7.553  1.00 21.26 ? 36  GLN A CD  1 
ATOM   262  O  OE1 . GLN A 1 43  ? 2.956   -16.054 -8.410  1.00 26.06 ? 36  GLN A OE1 1 
ATOM   263  N  NE2 . GLN A 1 43  ? 2.340   -16.131 -6.253  1.00 20.42 ? 36  GLN A NE2 1 
ATOM   264  N  N   . LEU A 1 44  ? -0.668  -11.561 -7.740  1.00 13.38 ? 37  LEU A N   1 
ATOM   265  C  CA  . LEU A 1 44  ? -0.979  -10.288 -8.380  1.00 11.59 ? 37  LEU A CA  1 
ATOM   266  C  C   . LEU A 1 44  ? 0.292   -9.679  -8.971  1.00 12.45 ? 37  LEU A C   1 
ATOM   267  O  O   . LEU A 1 44  ? 1.316   -9.580  -8.292  1.00 13.96 ? 37  LEU A O   1 
ATOM   268  C  CB  . LEU A 1 44  ? -1.609  -9.336  -7.361  1.00 10.60 ? 37  LEU A CB  1 
ATOM   269  C  CG  . LEU A 1 44  ? -2.864  -9.875  -6.659  1.00 12.19 ? 37  LEU A CG  1 
ATOM   270  C  CD1 . LEU A 1 44  ? -3.447  -8.794  -5.751  1.00 12.01 ? 37  LEU A CD1 1 
ATOM   271  C  CD2 . LEU A 1 44  ? -3.889  -10.325 -7.694  1.00 11.85 ? 37  LEU A CD2 1 
ATOM   272  N  N   . ARG A 1 45  ? 0.217   -9.257  -10.231 1.00 9.96  ? 38  ARG A N   1 
ATOM   273  C  CA  . ARG A 1 45  ? 1.371   -8.685  -10.918 1.00 10.62 ? 38  ARG A CA  1 
ATOM   274  C  C   . ARG A 1 45  ? 1.273   -7.192  -11.228 1.00 8.84  ? 38  ARG A C   1 
ATOM   275  O  O   . ARG A 1 45  ? 2.262   -6.581  -11.618 1.00 9.67  ? 38  ARG A O   1 
ATOM   276  C  CB  . ARG A 1 45  ? 1.635   -9.428  -12.236 1.00 13.50 ? 38  ARG A CB  1 
ATOM   277  C  CG  . ARG A 1 45  ? 1.827   -10.936 -12.113 1.00 18.20 ? 38  ARG A CG  1 
ATOM   278  C  CD  . ARG A 1 45  ? 2.982   -11.295 -11.198 1.00 22.41 ? 38  ARG A CD  1 
ATOM   279  N  NE  . ARG A 1 45  ? 4.263   -10.778 -11.668 1.00 26.37 ? 38  ARG A NE  1 
ATOM   280  C  CZ  . ARG A 1 45  ? 4.907   -11.217 -12.746 1.00 28.82 ? 38  ARG A CZ  1 
ATOM   281  N  NH1 . ARG A 1 45  ? 6.069   -10.674 -13.087 1.00 30.76 ? 38  ARG A NH1 1 
ATOM   282  N  NH2 . ARG A 1 45  ? 4.395   -12.195 -13.482 1.00 30.62 ? 38  ARG A NH2 1 
ATOM   283  N  N   . ALA A 1 46  ? 0.093   -6.606  -11.065 1.00 10.43 ? 39  ALA A N   1 
ATOM   284  C  CA  . ALA A 1 46  ? -0.086  -5.180  -11.347 1.00 8.90  ? 39  ALA A CA  1 
ATOM   285  C  C   . ALA A 1 46  ? -1.312  -4.683  -10.596 1.00 10.02 ? 39  ALA A C   1 
ATOM   286  O  O   . ALA A 1 46  ? -2.371  -4.471  -11.183 1.00 11.44 ? 39  ALA A O   1 
ATOM   287  C  CB  . ALA A 1 46  ? -0.267  -4.967  -12.839 1.00 10.31 ? 39  ALA A CB  1 
ATOM   288  N  N   . ALA A 1 47  ? -1.155  -4.473  -9.295  1.00 8.53  ? 40  ALA A N   1 
ATOM   289  C  CA  . ALA A 1 47  ? -2.272  -4.063  -8.466  1.00 7.65  ? 40  ALA A CA  1 
ATOM   290  C  C   . ALA A 1 47  ? -2.134  -2.675  -7.867  1.00 7.39  ? 40  ALA A C   1 
ATOM   291  O  O   . ALA A 1 47  ? -1.063  -2.074  -7.897  1.00 8.67  ? 40  ALA A O   1 
ATOM   292  C  CB  . ALA A 1 47  ? -2.477  -5.098  -7.347  1.00 11.25 ? 40  ALA A CB  1 
ATOM   293  N  N   . TRP A 1 48  ? -3.240  -2.164  -7.340  1.00 8.47  ? 41  TRP A N   1 
ATOM   294  C  CA  . TRP A 1 48  ? -3.245  -0.856  -6.697  1.00 7.68  ? 41  TRP A CA  1 
ATOM   295  C  C   . TRP A 1 48  ? -4.367  -0.854  -5.671  1.00 7.56  ? 41  TRP A C   1 
ATOM   296  O  O   . TRP A 1 48  ? -5.287  -1.668  -5.749  1.00 8.35  ? 41  TRP A O   1 
ATOM   297  C  CB  . TRP A 1 48  ? -3.439  0.259   -7.746  1.00 8.45  ? 41  TRP A CB  1 
ATOM   298  C  CG  . TRP A 1 48  ? -4.864  0.649   -8.075  1.00 8.55  ? 41  TRP A CG  1 
ATOM   299  C  CD1 . TRP A 1 48  ? -5.572  1.694   -7.551  1.00 7.48  ? 41  TRP A CD1 1 
ATOM   300  C  CD2 . TRP A 1 48  ? -5.722  0.029   -9.039  1.00 8.01  ? 41  TRP A CD2 1 
ATOM   301  N  NE1 . TRP A 1 48  ? -6.816  1.765   -8.132  1.00 9.21  ? 41  TRP A NE1 1 
ATOM   302  C  CE2 . TRP A 1 48  ? -6.934  0.753   -9.049  1.00 7.05  ? 41  TRP A CE2 1 
ATOM   303  C  CE3 . TRP A 1 48  ? -5.583  -1.071  -9.897  1.00 8.34  ? 41  TRP A CE3 1 
ATOM   304  C  CZ2 . TRP A 1 48  ? -8.004  0.416   -9.887  1.00 7.77  ? 41  TRP A CZ2 1 
ATOM   305  C  CZ3 . TRP A 1 48  ? -6.647  -1.409  -10.729 1.00 8.53  ? 41  TRP A CZ3 1 
ATOM   306  C  CH2 . TRP A 1 48  ? -7.843  -0.664  -10.717 1.00 8.31  ? 41  TRP A CH2 1 
ATOM   307  N  N   . ILE A 1 49  ? -4.274  0.031   -4.687  1.00 7.57  ? 42  ILE A N   1 
ATOM   308  C  CA  . ILE A 1 49  ? -5.312  0.110   -3.667  1.00 7.77  ? 42  ILE A CA  1 
ATOM   309  C  C   . ILE A 1 49  ? -6.428  0.983   -4.225  1.00 8.14  ? 42  ILE A C   1 
ATOM   310  O  O   . ILE A 1 49  ? -6.248  2.186   -4.416  1.00 10.53 ? 42  ILE A O   1 
ATOM   311  C  CB  . ILE A 1 49  ? -4.789  0.750   -2.372  1.00 8.51  ? 42  ILE A CB  1 
ATOM   312  C  CG1 . ILE A 1 49  ? -3.497  0.059   -1.927  1.00 9.97  ? 42  ILE A CG1 1 
ATOM   313  C  CG2 . ILE A 1 49  ? -5.856  0.637   -1.290  1.00 7.95  ? 42  ILE A CG2 1 
ATOM   314  C  CD1 . ILE A 1 49  ? -3.566  -1.463  -1.611  1.00 18.39 ? 42  ILE A CD1 1 
ATOM   315  N  N   . ALA A 1 50  ? -7.576  0.367   -4.498  1.00 7.73  ? 43  ALA A N   1 
ATOM   316  C  CA  . ALA A 1 50  ? -8.711  1.092   -5.060  1.00 9.29  ? 43  ALA A CA  1 
ATOM   317  C  C   . ALA A 1 50  ? -9.615  1.703   -3.997  1.00 11.02 ? 43  ALA A C   1 
ATOM   318  O  O   . ALA A 1 50  ? -10.395 2.606   -4.287  1.00 11.44 ? 43  ALA A O   1 
ATOM   319  C  CB  . ALA A 1 50  ? -9.524  0.165   -5.971  1.00 12.69 ? 43  ALA A CB  1 
ATOM   320  N  N   . GLY A 1 51  ? -9.513  1.207   -2.771  1.00 10.42 ? 44  GLY A N   1 
ATOM   321  C  CA  . GLY A 1 51  ? -10.332 1.732   -1.693  1.00 11.29 ? 44  GLY A CA  1 
ATOM   322  C  C   . GLY A 1 51  ? -9.849  1.185   -0.368  1.00 10.83 ? 44  GLY A C   1 
ATOM   323  O  O   . GLY A 1 51  ? -9.426  0.035   -0.294  1.00 9.67  ? 44  GLY A O   1 
ATOM   324  N  N   . CYS A 1 52  ? -9.892  2.002   0.680   1.00 13.27 ? 45  CYS A N   1 
ATOM   325  C  CA  . CYS A 1 52  ? -9.443  1.542   1.989   1.00 14.14 ? 45  CYS A CA  1 
ATOM   326  C  C   . CYS A 1 52  ? -9.966  2.387   3.136   1.00 16.04 ? 45  CYS A C   1 
ATOM   327  O  O   . CYS A 1 52  ? -9.979  3.619   3.069   1.00 18.28 ? 45  CYS A O   1 
ATOM   328  C  CB  . CYS A 1 52  ? -7.909  1.517   2.046   1.00 14.28 ? 45  CYS A CB  1 
ATOM   329  S  SG  . CYS A 1 52  ? -7.209  0.954   3.631   1.00 15.41 ? 45  CYS A SG  1 
ATOM   330  N  N   . THR A 1 53  ? -10.409 1.711   4.186   1.00 12.90 ? 46  THR A N   1 
ATOM   331  C  CA  . THR A 1 53  ? -10.897 2.391   5.375   1.00 14.42 ? 46  THR A CA  1 
ATOM   332  C  C   . THR A 1 53  ? -10.597 1.488   6.556   1.00 13.61 ? 46  THR A C   1 
ATOM   333  O  O   . THR A 1 53  ? -10.553 0.271   6.413   1.00 14.70 ? 46  THR A O   1 
ATOM   334  C  CB  . THR A 1 53  ? -12.409 2.659   5.303   1.00 20.08 ? 46  THR A CB  1 
ATOM   335  O  OG1 . THR A 1 53  ? -12.802 3.430   6.444   1.00 26.52 ? 46  THR A OG1 1 
ATOM   336  C  CG2 . THR A 1 53  ? -13.191 1.361   5.284   1.00 22.21 ? 46  THR A CG2 1 
ATOM   337  N  N   . GLY A 1 54  ? -10.380 2.081   7.723   1.00 13.37 ? 47  GLY A N   1 
ATOM   338  C  CA  . GLY A 1 54  ? -10.082 1.273   8.887   1.00 12.33 ? 47  GLY A CA  1 
ATOM   339  C  C   . GLY A 1 54  ? -9.442  2.058   10.006  1.00 10.80 ? 47  GLY A C   1 
ATOM   340  O  O   . GLY A 1 54  ? -9.501  3.283   10.032  1.00 11.52 ? 47  GLY A O   1 
ATOM   341  N  N   . SER A 1 55  ? -8.805  1.336   10.922  1.00 12.07 ? 48  SER A N   1 
ATOM   342  C  CA  . SER A 1 55  ? -8.168  1.944   12.080  1.00 11.84 ? 48  SER A CA  1 
ATOM   343  C  C   . SER A 1 55  ? -6.846  1.261   12.398  1.00 12.28 ? 48  SER A C   1 
ATOM   344  O  O   . SER A 1 55  ? -6.663  0.079   12.113  1.00 11.17 ? 48  SER A O   1 
ATOM   345  C  CB  . SER A 1 55  ? -9.109  1.839   13.281  1.00 13.46 ? 48  SER A CB  1 
ATOM   346  O  OG  . SER A 1 55  ? -9.529  0.500   13.475  1.00 15.42 ? 48  SER A OG  1 
ATOM   347  N  N   . LEU A 1 56  ? -5.929  2.013   12.995  1.00 12.22 ? 49  LEU A N   1 
ATOM   348  C  CA  . LEU A 1 56  ? -4.624  1.478   13.356  1.00 12.39 ? 49  LEU A CA  1 
ATOM   349  C  C   . LEU A 1 56  ? -4.247  1.842   14.781  1.00 13.31 ? 49  LEU A C   1 
ATOM   350  O  O   . LEU A 1 56  ? -4.757  2.812   15.345  1.00 13.50 ? 49  LEU A O   1 
ATOM   351  C  CB  . LEU A 1 56  ? -3.543  2.022   12.423  1.00 12.78 ? 49  LEU A CB  1 
ATOM   352  C  CG  . LEU A 1 56  ? -3.668  1.756   10.923  1.00 11.71 ? 49  LEU A CG  1 
ATOM   353  C  CD1 . LEU A 1 56  ? -2.584  2.519   10.189  1.00 13.08 ? 49  LEU A CD1 1 
ATOM   354  C  CD2 . LEU A 1 56  ? -3.555  0.260   10.639  1.00 12.50 ? 49  LEU A CD2 1 
ATOM   355  N  N   . THR A 1 57  ? -3.345  1.047   15.347  1.00 13.42 ? 50  THR A N   1 
ATOM   356  C  CA  . THR A 1 57  ? -2.835  1.265   16.692  1.00 15.05 ? 50  THR A CA  1 
ATOM   357  C  C   . THR A 1 57  ? -1.394  1.734   16.522  1.00 15.36 ? 50  THR A C   1 
ATOM   358  O  O   . THR A 1 57  ? -1.018  2.812   16.987  1.00 19.03 ? 50  THR A O   1 
ATOM   359  C  CB  . THR A 1 57  ? -2.874  -0.031  17.513  1.00 17.06 ? 50  THR A CB  1 
ATOM   360  O  OG1 . THR A 1 57  ? -4.238  -0.416  17.722  1.00 17.66 ? 50  THR A OG1 1 
ATOM   361  C  CG2 . THR A 1 57  ? -2.193  0.166   18.861  1.00 17.38 ? 50  THR A CG2 1 
ATOM   362  N  N   . ASP A 1 58  ? -0.586  0.925   15.845  1.00 14.09 ? 51  ASP A N   1 
ATOM   363  C  CA  . ASP A 1 58  ? 0.796   1.292   15.581  1.00 14.76 ? 51  ASP A CA  1 
ATOM   364  C  C   . ASP A 1 58  ? 0.858   1.829   14.159  1.00 14.89 ? 51  ASP A C   1 
ATOM   365  O  O   . ASP A 1 58  ? 0.206   1.300   13.260  1.00 13.25 ? 51  ASP A O   1 
ATOM   366  C  CB  . ASP A 1 58  ? 1.724   0.081   15.705  1.00 22.82 ? 51  ASP A CB  1 
ATOM   367  C  CG  . ASP A 1 58  ? 1.692   -0.537  17.086  1.00 26.66 ? 51  ASP A CG  1 
ATOM   368  O  OD1 . ASP A 1 58  ? 1.805   0.217   18.075  1.00 29.01 ? 51  ASP A OD1 1 
ATOM   369  O  OD2 . ASP A 1 58  ? 1.557   -1.775  17.184  1.00 31.62 ? 51  ASP A OD2 1 
ATOM   370  N  N   . VAL A 1 59  ? 1.639   2.882   13.958  1.00 14.59 ? 52  VAL A N   1 
ATOM   371  C  CA  . VAL A 1 59  ? 1.779   3.475   12.638  1.00 14.29 ? 52  VAL A CA  1 
ATOM   372  C  C   . VAL A 1 59  ? 3.253   3.694   12.322  1.00 14.17 ? 52  VAL A C   1 
ATOM   373  O  O   . VAL A 1 59  ? 4.004   4.207   13.153  1.00 14.27 ? 52  VAL A O   1 
ATOM   374  C  CB  . VAL A 1 59  ? 1.039   4.828   12.553  1.00 16.14 ? 52  VAL A CB  1 
ATOM   375  C  CG1 . VAL A 1 59  ? 1.183   5.409   11.156  1.00 18.53 ? 52  VAL A CG1 1 
ATOM   376  C  CG2 . VAL A 1 59  ? -0.427  4.642   12.905  1.00 19.02 ? 52  VAL A CG2 1 
ATOM   377  N  N   . ALA A 1 60  ? 3.658   3.293   11.123  1.00 13.50 ? 53  ALA A N   1 
ATOM   378  C  CA  . ALA A 1 60  ? 5.035   3.436   10.676  1.00 14.55 ? 53  ALA A CA  1 
ATOM   379  C  C   . ALA A 1 60  ? 5.029   4.243   9.386   1.00 14.60 ? 53  ALA A C   1 
ATOM   380  O  O   . ALA A 1 60  ? 4.507   3.793   8.364   1.00 14.85 ? 53  ALA A O   1 
ATOM   381  C  CB  . ALA A 1 60  ? 5.653   2.060   10.440  1.00 15.15 ? 53  ALA A CB  1 
ATOM   382  N  N   . LEU A 1 61  ? 5.604   5.440   9.440   1.00 13.50 ? 54  LEU A N   1 
ATOM   383  C  CA  . LEU A 1 61  ? 5.649   6.316   8.279   1.00 14.19 ? 54  LEU A CA  1 
ATOM   384  C  C   . LEU A 1 61  ? 7.028   6.907   8.050   1.00 14.07 ? 54  LEU A C   1 
ATOM   385  O  O   . LEU A 1 61  ? 7.756   7.195   8.996   1.00 15.57 ? 54  LEU A O   1 
ATOM   386  C  CB  . LEU A 1 61  ? 4.664   7.475   8.455   1.00 15.04 ? 54  LEU A CB  1 
ATOM   387  C  CG  . LEU A 1 61  ? 3.171   7.159   8.474   1.00 15.71 ? 54  LEU A CG  1 
ATOM   388  C  CD1 . LEU A 1 61  ? 2.391   8.409   8.851   1.00 16.37 ? 54  LEU A CD1 1 
ATOM   389  C  CD2 . LEU A 1 61  ? 2.748   6.648   7.105   1.00 17.53 ? 54  LEU A CD2 1 
ATOM   390  N  N   . ARG A 1 62  ? 7.381   7.085   6.784   1.00 12.67 ? 55  ARG A N   1 
ATOM   391  C  CA  . ARG A 1 62  ? 8.646   7.709   6.432   1.00 13.61 ? 55  ARG A CA  1 
ATOM   392  C  C   . ARG A 1 62  ? 8.213   9.034   5.816   1.00 13.18 ? 55  ARG A C   1 
ATOM   393  O  O   . ARG A 1 62  ? 7.614   9.057   4.740   1.00 13.19 ? 55  ARG A O   1 
ATOM   394  C  CB  . ARG A 1 62  ? 9.409   6.868   5.406   1.00 16.76 ? 55  ARG A CB  1 
ATOM   395  C  CG  . ARG A 1 62  ? 10.821  7.364   5.141   1.00 20.10 ? 55  ARG A CG  1 
ATOM   396  C  CD  . ARG A 1 62  ? 11.528  6.492   4.113   1.00 22.45 ? 55  ARG A CD  1 
ATOM   397  N  NE  . ARG A 1 62  ? 10.922  6.621   2.793   1.00 26.03 ? 55  ARG A NE  1 
ATOM   398  C  CZ  . ARG A 1 62  ? 11.297  5.928   1.722   1.00 28.39 ? 55  ARG A CZ  1 
ATOM   399  N  NH1 . ARG A 1 62  ? 12.284  5.045   1.808   1.00 29.46 ? 55  ARG A NH1 1 
ATOM   400  N  NH2 . ARG A 1 62  ? 10.686  6.120   0.561   1.00 29.38 ? 55  ARG A NH2 1 
ATOM   401  N  N   . TYR A 1 63  ? 8.490   10.137  6.499   1.00 10.77 ? 56  TYR A N   1 
ATOM   402  C  CA  . TYR A 1 63  ? 8.085   11.442  5.991   1.00 10.33 ? 56  TYR A CA  1 
ATOM   403  C  C   . TYR A 1 63  ? 8.882   11.897  4.773   1.00 10.76 ? 56  TYR A C   1 
ATOM   404  O  O   . TYR A 1 63  ? 9.984   11.406  4.517   1.00 12.61 ? 56  TYR A O   1 
ATOM   405  C  CB  . TYR A 1 63  ? 8.168   12.485  7.107   1.00 10.98 ? 56  TYR A CB  1 
ATOM   406  C  CG  . TYR A 1 63  ? 7.280   12.173  8.296   1.00 10.86 ? 56  TYR A CG  1 
ATOM   407  C  CD1 . TYR A 1 63  ? 6.016   11.609  8.122   1.00 12.53 ? 56  TYR A CD1 1 
ATOM   408  C  CD2 . TYR A 1 63  ? 7.692   12.463  9.592   1.00 12.86 ? 56  TYR A CD2 1 
ATOM   409  C  CE1 . TYR A 1 63  ? 5.186   11.340  9.212   1.00 12.71 ? 56  TYR A CE1 1 
ATOM   410  C  CE2 . TYR A 1 63  ? 6.868   12.204  10.686  1.00 12.58 ? 56  TYR A CE2 1 
ATOM   411  C  CZ  . TYR A 1 63  ? 5.618   11.643  10.489  1.00 12.27 ? 56  TYR A CZ  1 
ATOM   412  O  OH  . TYR A 1 63  ? 4.801   11.408  11.574  1.00 14.40 ? 56  TYR A OH  1 
ATOM   413  N  N   . ALA A 1 64  ? 8.306   12.837  4.026   1.00 12.72 ? 57  ALA A N   1 
ATOM   414  C  CA  . ALA A 1 64  ? 8.906   13.371  2.806   1.00 12.96 ? 57  ALA A CA  1 
ATOM   415  C  C   . ALA A 1 64  ? 10.393  13.693  2.900   1.00 13.83 ? 57  ALA A C   1 
ATOM   416  O  O   . ALA A 1 64  ? 10.820  14.470  3.754   1.00 14.09 ? 57  ALA A O   1 
ATOM   417  C  CB  . ALA A 1 64  ? 8.139   14.611  2.362   1.00 14.35 ? 57  ALA A CB  1 
ATOM   418  N  N   . GLY A 1 65  ? 11.168  13.085  2.007   1.00 16.87 ? 58  GLY A N   1 
ATOM   419  C  CA  . GLY A 1 65  ? 12.602  13.315  1.958   1.00 18.73 ? 58  GLY A CA  1 
ATOM   420  C  C   . GLY A 1 65  ? 13.436  12.755  3.094   1.00 19.85 ? 58  GLY A C   1 
ATOM   421  O  O   . GLY A 1 65  ? 14.657  12.913  3.092   1.00 20.30 ? 58  GLY A O   1 
ATOM   422  N  N   . GLN A 1 66  ? 12.800  12.095  4.057   1.00 16.41 ? 59  GLN A N   1 
ATOM   423  C  CA  . GLN A 1 66  ? 13.525  11.542  5.197   1.00 17.52 ? 59  GLN A CA  1 
ATOM   424  C  C   . GLN A 1 66  ? 13.931  10.093  4.989   1.00 18.33 ? 59  GLN A C   1 
ATOM   425  O  O   . GLN A 1 66  ? 13.281  9.354   4.252   1.00 17.79 ? 59  GLN A O   1 
ATOM   426  C  CB  . GLN A 1 66  ? 12.674  11.650  6.461   1.00 20.32 ? 59  GLN A CB  1 
ATOM   427  C  CG  . GLN A 1 66  ? 12.182  13.055  6.760   1.00 22.73 ? 59  GLN A CG  1 
ATOM   428  C  CD  . GLN A 1 66  ? 13.274  14.095  6.622   1.00 24.87 ? 59  GLN A CD  1 
ATOM   429  O  OE1 . GLN A 1 66  ? 13.339  14.815  5.624   1.00 27.30 ? 59  GLN A OE1 1 
ATOM   430  N  NE2 . GLN A 1 66  ? 14.146  14.172  7.619   1.00 24.99 ? 59  GLN A NE2 1 
ATOM   431  N  N   . GLU A 1 67  ? 15.006  9.689   5.657   1.00 20.93 ? 60  GLU A N   1 
ATOM   432  C  CA  . GLU A 1 67  ? 15.501  8.326   5.543   1.00 23.17 ? 60  GLU A CA  1 
ATOM   433  C  C   . GLU A 1 67  ? 14.938  7.465   6.670   1.00 22.02 ? 60  GLU A C   1 
ATOM   434  O  O   . GLU A 1 67  ? 14.554  6.316   6.457   1.00 23.19 ? 60  GLU A O   1 
ATOM   435  C  CB  . GLU A 1 67  ? 17.029  8.322   5.611   1.00 54.52 ? 60  GLU A CB  1 
ATOM   436  C  CG  . GLU A 1 67  ? 17.674  7.051   5.090   1.00 59.99 ? 60  GLU A CG  1 
ATOM   437  C  CD  . GLU A 1 67  ? 17.526  6.902   3.588   1.00 63.51 ? 60  GLU A CD  1 
ATOM   438  O  OE1 . GLU A 1 67  ? 17.948  7.824   2.855   1.00 66.08 ? 60  GLU A OE1 1 
ATOM   439  O  OE2 . GLU A 1 67  ? 16.991  5.865   3.139   1.00 66.30 ? 60  GLU A OE2 1 
ATOM   440  N  N   . ALA A 1 68  ? 14.884  8.035   7.868   1.00 22.75 ? 61  ALA A N   1 
ATOM   441  C  CA  . ALA A 1 68  ? 14.391  7.324   9.041   1.00 21.69 ? 61  ALA A CA  1 
ATOM   442  C  C   . ALA A 1 68  ? 12.884  7.120   9.050   1.00 20.44 ? 61  ALA A C   1 
ATOM   443  O  O   . ALA A 1 68  ? 12.129  7.931   8.518   1.00 20.39 ? 61  ALA A O   1 
ATOM   444  C  CB  . ALA A 1 68  ? 14.811  8.060   10.302  1.00 23.75 ? 61  ALA A CB  1 
ATOM   445  N  N   . THR A 1 69  ? 12.457  6.026   9.670   1.00 21.77 ? 62  THR A N   1 
ATOM   446  C  CA  . THR A 1 69  ? 11.046  5.703   9.787   1.00 20.47 ? 62  THR A CA  1 
ATOM   447  C  C   . THR A 1 69  ? 10.543  6.239   11.118  1.00 19.96 ? 62  THR A C   1 
ATOM   448  O  O   . THR A 1 69  ? 11.204  6.082   12.145  1.00 20.90 ? 62  THR A O   1 
ATOM   449  C  CB  . THR A 1 69  ? 10.814  4.179   9.752   1.00 19.55 ? 62  THR A CB  1 
ATOM   450  O  OG1 . THR A 1 69  ? 11.209  3.662   8.476   1.00 20.22 ? 62  THR A OG1 1 
ATOM   451  C  CG2 . THR A 1 69  ? 9.349   3.853   10.000  1.00 19.53 ? 62  THR A CG2 1 
ATOM   452  N  N   . THR A 1 70  ? 9.381   6.883   11.099  1.00 17.34 ? 63  THR A N   1 
ATOM   453  C  CA  . THR A 1 70  ? 8.790   7.417   12.316  1.00 16.85 ? 63  THR A CA  1 
ATOM   454  C  C   . THR A 1 70  ? 7.769   6.407   12.822  1.00 17.50 ? 63  THR A C   1 
ATOM   455  O  O   . THR A 1 70  ? 6.846   6.035   12.098  1.00 17.22 ? 63  THR A O   1 
ATOM   456  C  CB  . THR A 1 70  ? 8.086   8.765   12.055  1.00 17.77 ? 63  THR A CB  1 
ATOM   457  O  OG1 . THR A 1 70  ? 9.030   9.702   11.527  1.00 16.24 ? 63  THR A OG1 1 
ATOM   458  C  CG2 . THR A 1 70  ? 7.507   9.325   13.344  1.00 17.98 ? 63  THR A CG2 1 
ATOM   459  N  N   . SER A 1 71  ? 7.946   5.948   14.056  1.00 18.67 ? 64  SER A N   1 
ATOM   460  C  CA  . SER A 1 71  ? 7.032   4.979   14.646  1.00 19.39 ? 64  SER A CA  1 
ATOM   461  C  C   . SER A 1 71  ? 6.152   5.646   15.689  1.00 19.44 ? 64  SER A C   1 
ATOM   462  O  O   . SER A 1 71  ? 6.642   6.288   16.618  1.00 21.00 ? 64  SER A O   1 
ATOM   463  C  CB  . SER A 1 71  ? 7.817   3.830   15.284  1.00 25.42 ? 64  SER A CB  1 
ATOM   464  O  OG  . SER A 1 71  ? 8.572   3.137   14.307  1.00 26.83 ? 64  SER A OG  1 
ATOM   465  N  N   . LEU A 1 72  ? 4.844   5.490   15.530  1.00 16.15 ? 65  LEU A N   1 
ATOM   466  C  CA  . LEU A 1 72  ? 3.894   6.084   16.453  1.00 17.39 ? 65  LEU A CA  1 
ATOM   467  C  C   . LEU A 1 72  ? 2.916   5.030   16.936  1.00 16.87 ? 65  LEU A C   1 
ATOM   468  O  O   . LEU A 1 72  ? 2.682   4.034   16.258  1.00 16.47 ? 65  LEU A O   1 
ATOM   469  C  CB  . LEU A 1 72  ? 3.127   7.206   15.751  1.00 26.25 ? 65  LEU A CB  1 
ATOM   470  C  CG  . LEU A 1 72  ? 3.997   8.215   14.993  1.00 29.33 ? 65  LEU A CG  1 
ATOM   471  C  CD1 . LEU A 1 72  ? 3.115   9.156   14.201  1.00 31.73 ? 65  LEU A CD1 1 
ATOM   472  C  CD2 . LEU A 1 72  ? 4.871   8.983   15.975  1.00 30.58 ? 65  LEU A CD2 1 
ATOM   473  N  N   . THR A 1 73  ? 2.354   5.246   18.117  1.00 18.33 ? 66  THR A N   1 
ATOM   474  C  CA  . THR A 1 73  ? 1.378   4.320   18.658  1.00 19.56 ? 66  THR A CA  1 
ATOM   475  C  C   . THR A 1 73  ? 0.268   5.130   19.290  1.00 19.21 ? 66  THR A C   1 
ATOM   476  O  O   . THR A 1 73  ? 0.517   6.134   19.958  1.00 19.95 ? 66  THR A O   1 
ATOM   477  C  CB  . THR A 1 73  ? 1.990   3.388   19.720  1.00 33.15 ? 66  THR A CB  1 
ATOM   478  O  OG1 . THR A 1 73  ? 3.057   2.633   19.135  1.00 37.24 ? 66  THR A OG1 1 
ATOM   479  C  CG2 . THR A 1 73  ? 0.936   2.420   20.239  1.00 34.42 ? 66  THR A CG2 1 
ATOM   480  N  N   . GLY A 1 74  ? -0.964  4.698   19.067  1.00 20.22 ? 67  GLY A N   1 
ATOM   481  C  CA  . GLY A 1 74  ? -2.090  5.407   19.630  1.00 20.94 ? 67  GLY A CA  1 
ATOM   482  C  C   . GLY A 1 74  ? -3.390  4.912   19.048  1.00 20.34 ? 67  GLY A C   1 
ATOM   483  O  O   . GLY A 1 74  ? -3.576  3.710   18.841  1.00 21.56 ? 67  GLY A O   1 
ATOM   484  N  N   . THR A 1 75  ? -4.293  5.847   18.791  1.00 15.33 ? 68  THR A N   1 
ATOM   485  C  CA  . THR A 1 75  ? -5.596  5.529   18.236  1.00 15.33 ? 68  THR A CA  1 
ATOM   486  C  C   . THR A 1 75  ? -5.737  6.344   16.962  1.00 13.42 ? 68  THR A C   1 
ATOM   487  O  O   . THR A 1 75  ? -5.946  7.556   17.014  1.00 14.43 ? 68  THR A O   1 
ATOM   488  C  CB  . THR A 1 75  ? -6.714  5.915   19.221  1.00 22.25 ? 68  THR A CB  1 
ATOM   489  O  OG1 . THR A 1 75  ? -6.495  5.251   20.473  1.00 25.27 ? 68  THR A OG1 1 
ATOM   490  C  CG2 . THR A 1 75  ? -8.067  5.515   18.675  1.00 24.41 ? 68  THR A CG2 1 
ATOM   491  N  N   . PHE A 1 76  ? -5.619  5.678   15.818  1.00 12.37 ? 69  PHE A N   1 
ATOM   492  C  CA  . PHE A 1 76  ? -5.712  6.363   14.540  1.00 12.08 ? 69  PHE A CA  1 
ATOM   493  C  C   . PHE A 1 76  ? -6.751  5.784   13.596  1.00 11.70 ? 69  PHE A C   1 
ATOM   494  O  O   . PHE A 1 76  ? -7.080  4.599   13.654  1.00 11.79 ? 69  PHE A O   1 
ATOM   495  C  CB  . PHE A 1 76  ? -4.369  6.322   13.812  1.00 14.75 ? 69  PHE A CB  1 
ATOM   496  C  CG  . PHE A 1 76  ? -3.232  6.940   14.570  1.00 16.51 ? 69  PHE A CG  1 
ATOM   497  C  CD1 . PHE A 1 76  ? -2.462  6.179   15.449  1.00 17.17 ? 69  PHE A CD1 1 
ATOM   498  C  CD2 . PHE A 1 76  ? -2.905  8.279   14.375  1.00 17.41 ? 69  PHE A CD2 1 
ATOM   499  C  CE1 . PHE A 1 76  ? -1.373  6.748   16.123  1.00 17.53 ? 69  PHE A CE1 1 
ATOM   500  C  CE2 . PHE A 1 76  ? -1.827  8.856   15.037  1.00 17.32 ? 69  PHE A CE2 1 
ATOM   501  C  CZ  . PHE A 1 76  ? -1.056  8.088   15.915  1.00 17.99 ? 69  PHE A CZ  1 
ATOM   502  N  N   . GLU A 1 77  ? -7.258  6.639   12.718  1.00 10.94 ? 70  GLU A N   1 
ATOM   503  C  CA  . GLU A 1 77  ? -8.207  6.214   11.703  1.00 11.98 ? 70  GLU A CA  1 
ATOM   504  C  C   . GLU A 1 77  ? -7.443  6.286   10.396  1.00 11.66 ? 70  GLU A C   1 
ATOM   505  O  O   . GLU A 1 77  ? -6.659  7.215   10.182  1.00 12.17 ? 70  GLU A O   1 
ATOM   506  C  CB  . GLU A 1 77  ? -9.405  7.161   11.624  1.00 19.99 ? 70  GLU A CB  1 
ATOM   507  C  CG  . GLU A 1 77  ? -10.309 7.128   12.837  1.00 25.39 ? 70  GLU A CG  1 
ATOM   508  C  CD  . GLU A 1 77  ? -10.981 5.786   13.014  1.00 29.92 ? 70  GLU A CD  1 
ATOM   509  O  OE1 . GLU A 1 77  ? -11.776 5.399   12.135  1.00 35.47 ? 70  GLU A OE1 1 
ATOM   510  O  OE2 . GLU A 1 77  ? -10.712 5.112   14.031  1.00 34.67 ? 70  GLU A OE2 1 
ATOM   511  N  N   . VAL A 1 78  ? -7.644  5.301   9.532   1.00 10.44 ? 71  VAL A N   1 
ATOM   512  C  CA  . VAL A 1 78  ? -6.981  5.323   8.237   1.00 10.84 ? 71  VAL A CA  1 
ATOM   513  C  C   . VAL A 1 78  ? -7.865  6.164   7.327   1.00 10.94 ? 71  VAL A C   1 
ATOM   514  O  O   . VAL A 1 78  ? -9.015  5.807   7.058   1.00 12.66 ? 71  VAL A O   1 
ATOM   515  C  CB  . VAL A 1 78  ? -6.831  3.916   7.647   1.00 11.06 ? 71  VAL A CB  1 
ATOM   516  C  CG1 . VAL A 1 78  ? -6.319  4.012   6.217   1.00 12.38 ? 71  VAL A CG1 1 
ATOM   517  C  CG2 . VAL A 1 78  ? -5.868  3.105   8.494   1.00 12.11 ? 71  VAL A CG2 1 
ATOM   518  N  N   . ILE A 1 79  ? -7.333  7.287   6.861   1.00 10.22 ? 72  ILE A N   1 
ATOM   519  C  CA  . ILE A 1 79  ? -8.097  8.178   5.998   1.00 10.80 ? 72  ILE A CA  1 
ATOM   520  C  C   . ILE A 1 79  ? -7.894  7.799   4.543   1.00 13.00 ? 72  ILE A C   1 
ATOM   521  O  O   . ILE A 1 79  ? -8.829  7.834   3.740   1.00 14.17 ? 72  ILE A O   1 
ATOM   522  C  CB  . ILE A 1 79  ? -7.688  9.645   6.234   1.00 14.89 ? 72  ILE A CB  1 
ATOM   523  C  CG1 . ILE A 1 79  ? -8.077  10.055  7.659   1.00 15.42 ? 72  ILE A CG1 1 
ATOM   524  C  CG2 . ILE A 1 79  ? -8.367  10.559  5.220   1.00 16.05 ? 72  ILE A CG2 1 
ATOM   525  C  CD1 . ILE A 1 79  ? -8.146  11.501  8.012   1.00 18.70 ? 72  ILE A CD1 1 
ATOM   526  N  N   . SER A 1 80  ? -6.667  7.433   4.207   1.00 12.72 ? 73  SER A N   1 
ATOM   527  C  CA  . SER A 1 80  ? -6.372  7.007   2.852   1.00 12.99 ? 73  SER A CA  1 
ATOM   528  C  C   . SER A 1 80  ? -5.102  6.181   2.811   1.00 11.64 ? 73  SER A C   1 
ATOM   529  O  O   . SER A 1 80  ? -4.145  6.435   3.540   1.00 13.66 ? 73  SER A O   1 
ATOM   530  C  CB  . SER A 1 80  ? -6.240  8.207   1.913   1.00 19.30 ? 73  SER A CB  1 
ATOM   531  O  OG  . SER A 1 80  ? -5.133  9.012   2.256   1.00 22.95 ? 73  SER A OG  1 
ATOM   532  N  N   . LEU A 1 81  ? -5.129  5.163   1.964   1.00 10.25 ? 74  LEU A N   1 
ATOM   533  C  CA  . LEU A 1 81  ? -3.997  4.279   1.754   1.00 10.51 ? 74  LEU A CA  1 
ATOM   534  C  C   . LEU A 1 81  ? -3.990  4.151   0.245   1.00 10.31 ? 74  LEU A C   1 
ATOM   535  O  O   . LEU A 1 81  ? -4.898  3.564   -0.340  1.00 11.80 ? 74  LEU A O   1 
ATOM   536  C  CB  . LEU A 1 81  ? -4.238  2.916   2.405   1.00 18.58 ? 74  LEU A CB  1 
ATOM   537  C  CG  . LEU A 1 81  ? -3.187  1.866   2.040   1.00 22.39 ? 74  LEU A CG  1 
ATOM   538  C  CD1 . LEU A 1 81  ? -1.828  2.315   2.537   1.00 25.86 ? 74  LEU A CD1 1 
ATOM   539  C  CD2 . LEU A 1 81  ? -3.572  0.527   2.648   1.00 25.35 ? 74  LEU A CD2 1 
ATOM   540  N  N   . ASN A 1 82  ? -2.979  4.731   -0.383  1.00 10.33 ? 75  ASN A N   1 
ATOM   541  C  CA  . ASN A 1 82  ? -2.894  4.717   -1.832  1.00 11.23 ? 75  ASN A CA  1 
ATOM   542  C  C   . ASN A 1 82  ? -1.580  4.187   -2.344  1.00 10.57 ? 75  ASN A C   1 
ATOM   543  O  O   . ASN A 1 82  ? -0.558  4.236   -1.661  1.00 12.43 ? 75  ASN A O   1 
ATOM   544  C  CB  . ASN A 1 82  ? -3.110  6.129   -2.376  1.00 18.62 ? 75  ASN A CB  1 
ATOM   545  C  CG  . ASN A 1 82  ? -4.559  6.561   -2.315  1.00 23.02 ? 75  ASN A CG  1 
ATOM   546  O  OD1 . ASN A 1 82  ? -5.417  5.988   -2.989  1.00 26.30 ? 75  ASN A OD1 1 
ATOM   547  N  ND2 . ASN A 1 82  ? -4.843  7.573   -1.505  1.00 24.50 ? 75  ASN A ND2 1 
ATOM   548  N  N   . GLY A 1 83  ? -1.607  3.673   -3.562  1.00 9.69  ? 76  GLY A N   1 
ATOM   549  C  CA  . GLY A 1 83  ? -0.383  3.166   -4.129  1.00 10.46 ? 76  GLY A CA  1 
ATOM   550  C  C   . GLY A 1 83  ? -0.546  1.889   -4.908  1.00 9.36  ? 76  GLY A C   1 
ATOM   551  O  O   . GLY A 1 83  ? -1.636  1.322   -5.009  1.00 9.80  ? 76  GLY A O   1 
ATOM   552  N  N   . THR A 1 84  ? 0.575   1.437   -5.448  1.00 10.31 ? 77  THR A N   1 
ATOM   553  C  CA  . THR A 1 84  ? 0.638   0.242   -6.260  1.00 10.49 ? 77  THR A CA  1 
ATOM   554  C  C   . THR A 1 84  ? 1.353   -0.869  -5.516  1.00 10.62 ? 77  THR A C   1 
ATOM   555  O  O   . THR A 1 84  ? 2.095   -0.619  -4.571  1.00 12.24 ? 77  THR A O   1 
ATOM   556  C  CB  . THR A 1 84  ? 1.417   0.536   -7.549  1.00 10.30 ? 77  THR A CB  1 
ATOM   557  O  OG1 . THR A 1 84  ? 2.689   1.117   -7.210  1.00 12.51 ? 77  THR A OG1 1 
ATOM   558  C  CG2 . THR A 1 84  ? 0.643   1.509   -8.425  1.00 10.96 ? 77  THR A CG2 1 
ATOM   559  N  N   . LEU A 1 85  ? 1.111   -2.103  -5.929  1.00 10.18 ? 78  LEU A N   1 
ATOM   560  C  CA  . LEU A 1 85  ? 1.787   -3.227  -5.312  1.00 11.30 ? 78  LEU A CA  1 
ATOM   561  C  C   . LEU A 1 85  ? 1.759   -4.400  -6.269  1.00 11.90 ? 78  LEU A C   1 
ATOM   562  O  O   . LEU A 1 85  ? 0.871   -4.508  -7.115  1.00 12.62 ? 78  LEU A O   1 
ATOM   563  C  CB  . LEU A 1 85  ? 1.151   -3.597  -3.963  1.00 14.14 ? 78  LEU A CB  1 
ATOM   564  C  CG  . LEU A 1 85  ? -0.281  -4.117  -3.858  1.00 12.63 ? 78  LEU A CG  1 
ATOM   565  C  CD1 . LEU A 1 85  ? -0.543  -4.531  -2.419  1.00 15.39 ? 78  LEU A CD1 1 
ATOM   566  C  CD2 . LEU A 1 85  ? -1.275  -3.053  -4.295  1.00 14.02 ? 78  LEU A CD2 1 
ATOM   567  N  N   . GLU A 1 86  ? 2.763   -5.260  -6.151  1.00 10.73 ? 79  GLU A N   1 
ATOM   568  C  CA  . GLU A 1 86  ? 2.865   -6.424  -7.006  1.00 13.70 ? 79  GLU A CA  1 
ATOM   569  C  C   . GLU A 1 86  ? 3.724   -7.492  -6.338  1.00 13.35 ? 79  GLU A C   1 
ATOM   570  O  O   . GLU A 1 86  ? 4.196   -7.296  -5.222  1.00 12.83 ? 79  GLU A O   1 
ATOM   571  C  CB  . GLU A 1 86  ? 3.431   -6.029  -8.376  1.00 15.90 ? 79  GLU A CB  1 
ATOM   572  C  CG  . GLU A 1 86  ? 4.869   -5.513  -8.390  1.00 17.84 ? 79  GLU A CG  1 
ATOM   573  C  CD  . GLU A 1 86  ? 5.015   -4.059  -7.978  1.00 19.59 ? 79  GLU A CD  1 
ATOM   574  O  OE1 . GLU A 1 86  ? 4.014   -3.306  -7.988  1.00 21.17 ? 79  GLU A OE1 1 
ATOM   575  O  OE2 . GLU A 1 86  ? 6.154   -3.658  -7.662  1.00 20.92 ? 79  GLU A OE2 1 
ATOM   576  N  N   . LEU A 1 87  ? 3.925   -8.615  -7.019  1.00 18.54 ? 80  LEU A N   1 
ATOM   577  C  CA  . LEU A 1 87  ? 4.695   -9.721  -6.454  1.00 19.93 ? 80  LEU A CA  1 
ATOM   578  C  C   . LEU A 1 87  ? 5.950   -9.388  -5.654  1.00 20.70 ? 80  LEU A C   1 
ATOM   579  O  O   . LEU A 1 87  ? 6.107   -9.874  -4.535  1.00 22.77 ? 80  LEU A O   1 
ATOM   580  C  CB  . LEU A 1 87  ? 5.058   -10.735 -7.542  1.00 24.43 ? 80  LEU A CB  1 
ATOM   581  C  CG  . LEU A 1 87  ? 3.982   -11.757 -7.927  1.00 27.88 ? 80  LEU A CG  1 
ATOM   582  C  CD1 . LEU A 1 87  ? 4.617   -12.834 -8.793  1.00 28.48 ? 80  LEU A CD1 1 
ATOM   583  C  CD2 . LEU A 1 87  ? 3.377   -12.390 -6.680  1.00 29.45 ? 80  LEU A CD2 1 
ATOM   584  N  N   . THR A 1 88  ? 6.845   -8.574  -6.207  1.00 21.52 ? 81  THR A N   1 
ATOM   585  C  CA  . THR A 1 88  ? 8.072   -8.251  -5.483  1.00 23.23 ? 81  THR A CA  1 
ATOM   586  C  C   . THR A 1 88  ? 8.343   -6.768  -5.278  1.00 22.48 ? 81  THR A C   1 
ATOM   587  O  O   . THR A 1 88  ? 9.497   -6.344  -5.241  1.00 24.37 ? 81  THR A O   1 
ATOM   588  C  CB  . THR A 1 88  ? 9.305   -8.868  -6.175  1.00 27.95 ? 81  THR A CB  1 
ATOM   589  O  OG1 . THR A 1 88  ? 9.504   -8.244  -7.450  1.00 29.87 ? 81  THR A OG1 1 
ATOM   590  C  CG2 . THR A 1 88  ? 9.110   -10.363 -6.372  1.00 28.51 ? 81  THR A CG2 1 
ATOM   591  N  N   . GLY A 1 89  ? 7.289   -5.975  -5.128  1.00 18.90 ? 82  GLY A N   1 
ATOM   592  C  CA  . GLY A 1 89  ? 7.489   -4.554  -4.919  1.00 16.89 ? 82  GLY A CA  1 
ATOM   593  C  C   . GLY A 1 89  ? 6.196   -3.826  -4.626  1.00 16.01 ? 82  GLY A C   1 
ATOM   594  O  O   . GLY A 1 89  ? 5.112   -4.391  -4.768  1.00 16.82 ? 82  GLY A O   1 
ATOM   595  N  N   . GLU A 1 90  ? 6.316   -2.573  -4.205  1.00 14.83 ? 83  GLU A N   1 
ATOM   596  C  CA  . GLU A 1 90  ? 5.156   -1.752  -3.897  1.00 14.75 ? 83  GLU A CA  1 
ATOM   597  C  C   . GLU A 1 90  ? 5.586   -0.317  -3.634  1.00 14.82 ? 83  GLU A C   1 
ATOM   598  O  O   . GLU A 1 90  ? 6.772   -0.027  -3.496  1.00 16.19 ? 83  GLU A O   1 
ATOM   599  C  CB  . GLU A 1 90  ? 4.421   -2.286  -2.661  1.00 15.22 ? 83  GLU A CB  1 
ATOM   600  C  CG  . GLU A 1 90  ? 5.147   -2.070  -1.332  1.00 18.29 ? 83  GLU A CG  1 
ATOM   601  C  CD  . GLU A 1 90  ? 6.364   -2.960  -1.175  1.00 20.76 ? 83  GLU A CD  1 
ATOM   602  O  OE1 . GLU A 1 90  ? 6.235   -4.179  -1.414  1.00 22.12 ? 83  GLU A OE1 1 
ATOM   603  O  OE2 . GLU A 1 90  ? 7.443   -2.446  -0.801  1.00 23.45 ? 83  GLU A OE2 1 
ATOM   604  N  N   . HIS A 1 91  ? 4.606   0.577   -3.580  1.00 14.32 ? 84  HIS A N   1 
ATOM   605  C  CA  . HIS A 1 91  ? 4.840   1.988   -3.296  1.00 12.45 ? 84  HIS A CA  1 
ATOM   606  C  C   . HIS A 1 91  ? 3.519   2.470   -2.726  1.00 11.77 ? 84  HIS A C   1 
ATOM   607  O  O   . HIS A 1 91  ? 2.586   2.769   -3.471  1.00 12.50 ? 84  HIS A O   1 
ATOM   608  C  CB  . HIS A 1 91  ? 5.194   2.761   -4.573  1.00 14.21 ? 84  HIS A CB  1 
ATOM   609  C  CG  . HIS A 1 91  ? 5.660   4.163   -4.317  1.00 14.66 ? 84  HIS A CG  1 
ATOM   610  N  ND1 . HIS A 1 91  ? 6.079   5.007   -5.323  1.00 16.56 ? 84  HIS A ND1 1 
ATOM   611  C  CD2 . HIS A 1 91  ? 5.771   4.867   -3.166  1.00 17.39 ? 84  HIS A CD2 1 
ATOM   612  C  CE1 . HIS A 1 91  ? 6.432   6.170   -4.803  1.00 17.36 ? 84  HIS A CE1 1 
ATOM   613  N  NE2 . HIS A 1 91  ? 6.255   6.111   -3.494  1.00 17.40 ? 84  HIS A NE2 1 
ATOM   614  N  N   . LEU A 1 92  ? 3.444   2.534   -1.399  1.00 11.42 ? 85  LEU A N   1 
ATOM   615  C  CA  . LEU A 1 92  ? 2.214   2.934   -0.720  1.00 10.36 ? 85  LEU A CA  1 
ATOM   616  C  C   . LEU A 1 92  ? 2.382   4.128   0.204   1.00 10.39 ? 85  LEU A C   1 
ATOM   617  O  O   . LEU A 1 92  ? 3.368   4.226   0.928   1.00 11.15 ? 85  LEU A O   1 
ATOM   618  C  CB  . LEU A 1 92  ? 1.676   1.752   0.095   1.00 12.15 ? 85  LEU A CB  1 
ATOM   619  C  CG  . LEU A 1 92  ? 1.441   0.464   -0.699  1.00 12.66 ? 85  LEU A CG  1 
ATOM   620  C  CD1 . LEU A 1 92  ? 1.258   -0.716  0.239   1.00 15.71 ? 85  LEU A CD1 1 
ATOM   621  C  CD2 . LEU A 1 92  ? 0.230   0.646   -1.587  1.00 15.81 ? 85  LEU A CD2 1 
ATOM   622  N  N   . HIS A 1 93  ? 1.410   5.032   0.169   1.00 9.93  ? 86  HIS A N   1 
ATOM   623  C  CA  . HIS A 1 93  ? 1.411   6.207   1.033   1.00 10.14 ? 86  HIS A CA  1 
ATOM   624  C  C   . HIS A 1 93  ? 0.195   6.115   1.937   1.00 11.74 ? 86  HIS A C   1 
ATOM   625  O  O   . HIS A 1 93  ? -0.865  5.651   1.520   1.00 13.23 ? 86  HIS A O   1 
ATOM   626  C  CB  . HIS A 1 93  ? 1.378   7.490   0.202   1.00 12.14 ? 86  HIS A CB  1 
ATOM   627  C  CG  . HIS A 1 93  ? 2.687   7.810   -0.448  1.00 14.62 ? 86  HIS A CG  1 
ATOM   628  N  ND1 . HIS A 1 93  ? 2.880   8.926   -1.233  1.00 19.44 ? 86  HIS A ND1 1 
ATOM   629  C  CD2 . HIS A 1 93  ? 3.880   7.168   -0.410  1.00 17.72 ? 86  HIS A CD2 1 
ATOM   630  C  CE1 . HIS A 1 93  ? 4.134   8.960   -1.650  1.00 17.54 ? 86  HIS A CE1 1 
ATOM   631  N  NE2 . HIS A 1 93  ? 4.762   7.904   -1.164  1.00 19.09 ? 86  HIS A NE2 1 
ATOM   632  N  N   . LEU A 1 94  ? 0.355   6.559   3.178   1.00 10.86 ? 87  LEU A N   1 
ATOM   633  C  CA  . LEU A 1 94  ? -0.712  6.477   4.164   1.00 10.19 ? 87  LEU A CA  1 
ATOM   634  C  C   . LEU A 1 94  ? -1.001  7.798   4.854   1.00 10.48 ? 87  LEU A C   1 
ATOM   635  O  O   . LEU A 1 94  ? -0.086  8.571   5.137   1.00 11.89 ? 87  LEU A O   1 
ATOM   636  C  CB  . LEU A 1 94  ? -0.330  5.435   5.220   1.00 12.32 ? 87  LEU A CB  1 
ATOM   637  C  CG  . LEU A 1 94  ? -1.165  5.303   6.501   1.00 13.26 ? 87  LEU A CG  1 
ATOM   638  C  CD1 . LEU A 1 94  ? -2.530  4.708   6.192   1.00 13.46 ? 87  LEU A CD1 1 
ATOM   639  C  CD2 . LEU A 1 94  ? -0.420  4.415   7.491   1.00 13.03 ? 87  LEU A CD2 1 
ATOM   640  N  N   . ALA A 1 95  ? -2.283  8.048   5.116   1.00 9.61  ? 88  ALA A N   1 
ATOM   641  C  CA  . ALA A 1 95  ? -2.717  9.246   5.829   1.00 10.01 ? 88  ALA A CA  1 
ATOM   642  C  C   . ALA A 1 95  ? -3.622  8.762   6.962   1.00 8.99  ? 88  ALA A C   1 
ATOM   643  O  O   . ALA A 1 95  ? -4.575  8.017   6.727   1.00 10.38 ? 88  ALA A O   1 
ATOM   644  C  CB  . ALA A 1 95  ? -3.491  10.182  4.896   1.00 17.88 ? 88  ALA A CB  1 
ATOM   645  N  N   . VAL A 1 96  ? -3.306  9.160   8.192   1.00 9.70  ? 89  VAL A N   1 
ATOM   646  C  CA  . VAL A 1 96  ? -4.106  8.766   9.348   1.00 8.75  ? 89  VAL A CA  1 
ATOM   647  C  C   . VAL A 1 96  ? -4.567  10.003  10.113  1.00 9.80  ? 89  VAL A C   1 
ATOM   648  O  O   . VAL A 1 96  ? -3.936  11.056  10.034  1.00 11.23 ? 89  VAL A O   1 
ATOM   649  C  CB  . VAL A 1 96  ? -3.303  7.869   10.330  1.00 9.68  ? 89  VAL A CB  1 
ATOM   650  C  CG1 . VAL A 1 96  ? -2.955  6.543   9.672   1.00 11.09 ? 89  VAL A CG1 1 
ATOM   651  C  CG2 . VAL A 1 96  ? -2.042  8.589   10.781  1.00 12.91 ? 89  VAL A CG2 1 
ATOM   652  N  N   . SER A 1 97  ? -5.679  9.875   10.832  1.00 9.36  ? 90  SER A N   1 
ATOM   653  C  CA  . SER A 1 97  ? -6.203  10.978  11.637  1.00 9.40  ? 90  SER A CA  1 
ATOM   654  C  C   . SER A 1 97  ? -6.228  10.544  13.098  1.00 11.11 ? 90  SER A C   1 
ATOM   655  O  O   . SER A 1 97  ? -6.388  9.358   13.397  1.00 10.70 ? 90  SER A O   1 
ATOM   656  C  CB  . SER A 1 97  ? -7.612  11.368  11.174  1.00 10.48 ? 90  SER A CB  1 
ATOM   657  O  OG  . SER A 1 97  ? -8.523  10.287  11.300  1.00 11.57 ? 90  SER A OG  1 
ATOM   658  N  N   . ASP A 1 98  ? -6.064  11.497  14.012  1.00 10.32 ? 91  ASP A N   1 
ATOM   659  C  CA  . ASP A 1 98  ? -6.058  11.161  15.435  1.00 11.29 ? 91  ASP A CA  1 
ATOM   660  C  C   . ASP A 1 98  ? -7.344  11.593  16.149  1.00 10.62 ? 91  ASP A C   1 
ATOM   661  O  O   . ASP A 1 98  ? -8.263  12.112  15.519  1.00 11.20 ? 91  ASP A O   1 
ATOM   662  C  CB  . ASP A 1 98  ? -4.822  11.764  16.119  1.00 12.97 ? 91  ASP A CB  1 
ATOM   663  C  CG  . ASP A 1 98  ? -4.850  13.279  16.183  1.00 13.65 ? 91  ASP A CG  1 
ATOM   664  O  OD1 . ASP A 1 98  ? -5.933  13.885  16.047  1.00 13.42 ? 91  ASP A OD1 1 
ATOM   665  O  OD2 . ASP A 1 98  ? -3.768  13.863  16.392  1.00 15.23 ? 91  ASP A OD2 1 
ATOM   666  N  N   . PRO A 1 99  ? -7.426  11.383  17.477  1.00 10.35 ? 92  PRO A N   1 
ATOM   667  C  CA  . PRO A 1 99  ? -8.610  11.751  18.268  1.00 11.01 ? 92  PRO A CA  1 
ATOM   668  C  C   . PRO A 1 99  ? -9.055  13.213  18.195  1.00 10.33 ? 92  PRO A C   1 
ATOM   669  O  O   . PRO A 1 99  ? -10.131 13.556  18.685  1.00 11.18 ? 92  PRO A O   1 
ATOM   670  C  CB  . PRO A 1 99  ? -8.213  11.344  19.687  1.00 11.98 ? 92  PRO A CB  1 
ATOM   671  C  CG  . PRO A 1 99  ? -7.319  10.169  19.449  1.00 13.11 ? 92  PRO A CG  1 
ATOM   672  C  CD  . PRO A 1 99  ? -6.459  10.650  18.313  1.00 12.98 ? 92  PRO A CD  1 
ATOM   673  N  N   . TYR A 1 100 ? -8.234  14.066  17.587  1.00 12.03 ? 93  TYR A N   1 
ATOM   674  C  CA  . TYR A 1 100 ? -8.560  15.482  17.458  1.00 12.86 ? 93  TYR A CA  1 
ATOM   675  C  C   . TYR A 1 100 ? -8.793  15.868  16.005  1.00 13.04 ? 93  TYR A C   1 
ATOM   676  O  O   . TYR A 1 100 ? -9.010  17.038  15.692  1.00 14.34 ? 93  TYR A O   1 
ATOM   677  C  CB  . TYR A 1 100 ? -7.440  16.332  18.051  1.00 13.91 ? 93  TYR A CB  1 
ATOM   678  C  CG  . TYR A 1 100 ? -7.241  16.078  19.523  1.00 15.82 ? 93  TYR A CG  1 
ATOM   679  C  CD1 . TYR A 1 100 ? -8.112  16.622  20.466  1.00 15.60 ? 93  TYR A CD1 1 
ATOM   680  C  CD2 . TYR A 1 100 ? -6.209  15.267  19.972  1.00 16.04 ? 93  TYR A CD2 1 
ATOM   681  C  CE1 . TYR A 1 100 ? -7.956  16.358  21.833  1.00 16.34 ? 93  TYR A CE1 1 
ATOM   682  C  CE2 . TYR A 1 100 ? -6.045  14.997  21.333  1.00 16.57 ? 93  TYR A CE2 1 
ATOM   683  C  CZ  . TYR A 1 100 ? -6.919  15.544  22.252  1.00 16.58 ? 93  TYR A CZ  1 
ATOM   684  O  OH  . TYR A 1 100 ? -6.760  15.274  23.594  1.00 19.69 ? 93  TYR A OH  1 
ATOM   685  N  N   . GLY A 1 101 ? -8.752  14.873  15.123  1.00 11.06 ? 94  GLY A N   1 
ATOM   686  C  CA  . GLY A 1 101 ? -8.972  15.126  13.709  1.00 11.27 ? 94  GLY A CA  1 
ATOM   687  C  C   . GLY A 1 101 ? -7.713  15.497  12.953  1.00 10.89 ? 94  GLY A C   1 
ATOM   688  O  O   . GLY A 1 101 ? -7.737  15.626  11.729  1.00 11.07 ? 94  GLY A O   1 
ATOM   689  N  N   . VAL A 1 102 ? -6.614  15.677  13.680  1.00 10.53 ? 95  VAL A N   1 
ATOM   690  C  CA  . VAL A 1 102 ? -5.340  16.042  13.066  1.00 10.00 ? 95  VAL A CA  1 
ATOM   691  C  C   . VAL A 1 102 ? -4.807  14.891  12.229  1.00 11.14 ? 95  VAL A C   1 
ATOM   692  O  O   . VAL A 1 102 ? -4.879  13.734  12.633  1.00 11.30 ? 95  VAL A O   1 
ATOM   693  C  CB  . VAL A 1 102 ? -4.292  16.405  14.135  1.00 10.51 ? 95  VAL A CB  1 
ATOM   694  C  CG1 . VAL A 1 102 ? -2.974  16.763  13.474  1.00 11.67 ? 95  VAL A CG1 1 
ATOM   695  C  CG2 . VAL A 1 102 ? -4.802  17.560  14.977  1.00 13.94 ? 95  VAL A CG2 1 
HETATM 696  N  N   . MSE A 1 103 ? -4.259  15.211  11.064  1.00 12.17 ? 96  MSE A N   1 
HETATM 697  C  CA  . MSE A 1 103 ? -3.744  14.172  10.194  1.00 12.41 ? 96  MSE A CA  1 
HETATM 698  C  C   . MSE A 1 103 ? -2.238  14.162  10.020  1.00 12.73 ? 96  MSE A C   1 
HETATM 699  O  O   . MSE A 1 103 ? -1.562  15.175  10.209  1.00 13.74 ? 96  MSE A O   1 
HETATM 700  C  CB  . MSE A 1 103 ? -4.438  14.261  8.833   1.00 15.16 ? 96  MSE A CB  1 
HETATM 701  C  CG  . MSE A 1 103 ? -5.888  13.792  8.876   1.00 16.73 ? 96  MSE A CG  1 
HETATM 702  SE SE  . MSE A 1 103 ? -6.826  14.123  7.246   1.00 24.41 ? 96  MSE A SE  1 
HETATM 703  C  CE  . MSE A 1 103 ? -5.882  12.895  6.086   1.00 18.40 ? 96  MSE A CE  1 
ATOM   704  N  N   . LEU A 1 104 ? -1.721  12.984  9.685   1.00 12.84 ? 97  LEU A N   1 
ATOM   705  C  CA  . LEU A 1 104 ? -0.299  12.772  9.451   1.00 12.42 ? 97  LEU A CA  1 
ATOM   706  C  C   . LEU A 1 104 ? -0.202  11.919  8.203   1.00 12.56 ? 97  LEU A C   1 
ATOM   707  O  O   . LEU A 1 104 ? -0.990  10.990  8.021   1.00 13.45 ? 97  LEU A O   1 
ATOM   708  C  CB  . LEU A 1 104 ? 0.345   12.016  10.615  1.00 16.38 ? 97  LEU A CB  1 
ATOM   709  C  CG  . LEU A 1 104 ? 0.701   12.785  11.888  1.00 17.96 ? 97  LEU A CG  1 
ATOM   710  C  CD1 . LEU A 1 104 ? 1.134   11.801  12.965  1.00 18.17 ? 97  LEU A CD1 1 
ATOM   711  C  CD2 . LEU A 1 104 ? 1.809   13.779  11.587  1.00 17.94 ? 97  LEU A CD2 1 
ATOM   712  N  N   . GLY A 1 105 ? 0.759   12.226  7.342   1.00 10.10 ? 98  GLY A N   1 
ATOM   713  C  CA  . GLY A 1 105 ? 0.901   11.449  6.126   1.00 10.05 ? 98  GLY A CA  1 
ATOM   714  C  C   . GLY A 1 105 ? 2.340   11.210  5.731   1.00 9.53  ? 98  GLY A C   1 
ATOM   715  O  O   . GLY A 1 105 ? 3.236   11.971  6.097   1.00 10.66 ? 98  GLY A O   1 
ATOM   716  N  N   . GLY A 1 106 ? 2.563   10.143  4.976   1.00 9.29  ? 99  GLY A N   1 
ATOM   717  C  CA  . GLY A 1 106 ? 3.905   9.832   4.531   1.00 9.80  ? 99  GLY A CA  1 
ATOM   718  C  C   . GLY A 1 106 ? 3.969   8.519   3.780   1.00 11.57 ? 99  GLY A C   1 
ATOM   719  O  O   . GLY A 1 106 ? 2.941   7.925   3.450   1.00 11.27 ? 99  GLY A O   1 
ATOM   720  N  N   . HIS A 1 107 ? 5.189   8.080   3.505   1.00 11.22 ? 100 HIS A N   1 
ATOM   721  C  CA  . HIS A 1 107 ? 5.447   6.828   2.809   1.00 14.66 ? 100 HIS A CA  1 
ATOM   722  C  C   . HIS A 1 107 ? 5.204   5.728   3.843   1.00 14.11 ? 100 HIS A C   1 
ATOM   723  O  O   . HIS A 1 107 ? 5.813   5.739   4.914   1.00 15.43 ? 100 HIS A O   1 
ATOM   724  C  CB  . HIS A 1 107 ? 6.907   6.825   2.337   1.00 25.80 ? 100 HIS A CB  1 
ATOM   725  C  CG  . HIS A 1 107 ? 7.293   5.633   1.518   1.00 30.81 ? 100 HIS A CG  1 
ATOM   726  N  ND1 . HIS A 1 107 ? 6.847   5.435   0.229   1.00 34.11 ? 100 HIS A ND1 1 
ATOM   727  C  CD2 . HIS A 1 107 ? 8.123   4.599   1.791   1.00 33.97 ? 100 HIS A CD2 1 
ATOM   728  C  CE1 . HIS A 1 107 ? 7.387   4.329   -0.256  1.00 34.48 ? 100 HIS A CE1 1 
ATOM   729  N  NE2 . HIS A 1 107 ? 8.165   3.804   0.672   1.00 34.94 ? 100 HIS A NE2 1 
HETATM 730  N  N   . MSE A 1 108 ? 4.306   4.793   3.546   1.00 13.54 ? 101 MSE A N   1 
HETATM 731  C  CA  . MSE A 1 108 ? 4.012   3.727   4.491   1.00 14.97 ? 101 MSE A CA  1 
HETATM 732  C  C   . MSE A 1 108 ? 5.155   2.726   4.599   1.00 14.89 ? 101 MSE A C   1 
HETATM 733  O  O   . MSE A 1 108 ? 5.719   2.298   3.594   1.00 15.79 ? 101 MSE A O   1 
HETATM 734  C  CB  . MSE A 1 108 ? 2.724   3.000   4.098   1.00 20.21 ? 101 MSE A CB  1 
HETATM 735  C  CG  . MSE A 1 108 ? 2.278   1.975   5.118   1.00 21.39 ? 101 MSE A CG  1 
HETATM 736  SE SE  . MSE A 1 108 ? 0.496   1.339   4.758   1.00 33.98 ? 101 MSE A SE  1 
HETATM 737  C  CE  . MSE A 1 108 ? 0.928   -0.301  3.842   1.00 26.95 ? 101 MSE A CE  1 
HETATM 738  N  N   . MSE A 1 109 ? 5.491   2.366   5.833   1.00 14.68 ? 102 MSE A N   1 
HETATM 739  C  CA  . MSE A 1 109 ? 6.562   1.414   6.105   1.00 16.25 ? 102 MSE A CA  1 
HETATM 740  C  C   . MSE A 1 109 ? 6.011   0.235   6.898   1.00 16.90 ? 102 MSE A C   1 
HETATM 741  O  O   . MSE A 1 109 ? 4.902   0.294   7.422   1.00 15.77 ? 102 MSE A O   1 
HETATM 742  C  CB  . MSE A 1 109 ? 7.664   2.079   6.938   1.00 19.39 ? 102 MSE A CB  1 
HETATM 743  C  CG  . MSE A 1 109 ? 8.330   3.278   6.295   1.00 22.69 ? 102 MSE A CG  1 
HETATM 744  SE SE  . MSE A 1 109 ? 9.313   2.799   4.714   1.00 30.42 ? 102 MSE A SE  1 
HETATM 745  C  CE  . MSE A 1 109 ? 10.725  1.774   5.527   1.00 27.81 ? 102 MSE A CE  1 
ATOM   746  N  N   . PRO A 1 110 ? 6.778   -0.861  6.985   1.00 18.51 ? 103 PRO A N   1 
ATOM   747  C  CA  . PRO A 1 110 ? 6.292   -2.011  7.750   1.00 18.34 ? 103 PRO A CA  1 
ATOM   748  C  C   . PRO A 1 110 ? 6.165   -1.604  9.220   1.00 17.59 ? 103 PRO A C   1 
ATOM   749  O  O   . PRO A 1 110 ? 7.006   -0.870  9.741   1.00 18.41 ? 103 PRO A O   1 
ATOM   750  C  CB  . PRO A 1 110 ? 7.386   -3.054  7.535   1.00 20.85 ? 103 PRO A CB  1 
ATOM   751  C  CG  . PRO A 1 110 ? 7.897   -2.725  6.172   1.00 22.07 ? 103 PRO A CG  1 
ATOM   752  C  CD  . PRO A 1 110 ? 7.984   -1.216  6.214   1.00 21.34 ? 103 PRO A CD  1 
ATOM   753  N  N   . GLY A 1 111 ? 5.111   -2.065  9.883   1.00 17.42 ? 104 GLY A N   1 
ATOM   754  C  CA  . GLY A 1 111 ? 4.922   -1.719  11.278  1.00 17.36 ? 104 GLY A CA  1 
ATOM   755  C  C   . GLY A 1 111 ? 3.563   -1.137  11.621  1.00 17.56 ? 104 GLY A C   1 
ATOM   756  O  O   . GLY A 1 111 ? 3.289   -0.850  12.787  1.00 19.87 ? 104 GLY A O   1 
ATOM   757  N  N   . CYS A 1 112 ? 2.709   -0.944  10.622  1.00 13.69 ? 105 CYS A N   1 
ATOM   758  C  CA  . CYS A 1 112 ? 1.370   -0.414  10.872  1.00 11.70 ? 105 CYS A CA  1 
ATOM   759  C  C   . CYS A 1 112 ? 0.502   -1.590  11.299  1.00 12.26 ? 105 CYS A C   1 
ATOM   760  O  O   . CYS A 1 112 ? 0.390   -2.575  10.572  1.00 12.19 ? 105 CYS A O   1 
ATOM   761  C  CB  . CYS A 1 112 ? 0.800   0.212   9.599   1.00 13.15 ? 105 CYS A CB  1 
ATOM   762  S  SG  . CYS A 1 112 ? 1.713   1.651   9.037   1.00 14.39 ? 105 CYS A SG  1 
ATOM   763  N  N   . THR A 1 113 ? -0.107  -1.496  12.475  1.00 11.17 ? 106 THR A N   1 
ATOM   764  C  CA  . THR A 1 113 ? -0.942  -2.590  12.962  1.00 12.11 ? 106 THR A CA  1 
ATOM   765  C  C   . THR A 1 113 ? -2.413  -2.206  13.066  1.00 11.88 ? 106 THR A C   1 
ATOM   766  O  O   . THR A 1 113 ? -2.754  -1.116  13.519  1.00 12.27 ? 106 THR A O   1 
ATOM   767  C  CB  . THR A 1 113 ? -0.455  -3.101  14.335  1.00 15.30 ? 106 THR A CB  1 
ATOM   768  O  OG1 . THR A 1 113 ? -0.529  -2.047  15.300  1.00 14.13 ? 106 THR A OG1 1 
ATOM   769  C  CG2 . THR A 1 113 ? 0.985   -3.585  14.234  1.00 15.67 ? 106 THR A CG2 1 
ATOM   770  N  N   . VAL A 1 114 ? -3.279  -3.117  12.632  1.00 11.18 ? 107 VAL A N   1 
ATOM   771  C  CA  . VAL A 1 114 ? -4.722  -2.903  12.654  1.00 10.96 ? 107 VAL A CA  1 
ATOM   772  C  C   . VAL A 1 114 ? -5.273  -2.797  14.073  1.00 11.90 ? 107 VAL A C   1 
ATOM   773  O  O   . VAL A 1 114 ? -4.904  -3.574  14.959  1.00 12.79 ? 107 VAL A O   1 
ATOM   774  C  CB  . VAL A 1 114 ? -5.443  -4.055  11.915  1.00 12.55 ? 107 VAL A CB  1 
ATOM   775  C  CG1 . VAL A 1 114 ? -6.953  -3.855  11.948  1.00 12.05 ? 107 VAL A CG1 1 
ATOM   776  C  CG2 . VAL A 1 114 ? -4.955  -4.119  10.480  1.00 12.84 ? 107 VAL A CG2 1 
ATOM   777  N  N   . ARG A 1 115 ? -6.167  -1.837  14.289  1.00 12.04 ? 108 ARG A N   1 
ATOM   778  C  CA  . ARG A 1 115 ? -6.769  -1.654  15.602  1.00 13.29 ? 108 ARG A CA  1 
ATOM   779  C  C   . ARG A 1 115 ? -8.049  -2.481  15.686  1.00 13.96 ? 108 ARG A C   1 
ATOM   780  O  O   . ARG A 1 115 ? -8.111  -3.460  16.429  1.00 16.46 ? 108 ARG A O   1 
ATOM   781  C  CB  . ARG A 1 115 ? -7.062  -0.170  15.851  1.00 15.95 ? 108 ARG A CB  1 
ATOM   782  C  CG  . ARG A 1 115 ? -7.536  0.145   17.265  1.00 18.66 ? 108 ARG A CG  1 
ATOM   783  C  CD  . ARG A 1 115 ? -7.131  1.556   17.668  1.00 23.03 ? 108 ARG A CD  1 
ATOM   784  N  NE  . ARG A 1 115 ? -7.674  2.579   16.776  1.00 25.18 ? 108 ARG A NE  1 
ATOM   785  C  CZ  . ARG A 1 115 ? -8.944  2.970   16.769  1.00 24.80 ? 108 ARG A CZ  1 
ATOM   786  N  NH1 . ARG A 1 115 ? -9.814  2.425   17.612  1.00 26.42 ? 108 ARG A NH1 1 
ATOM   787  N  NH2 . ARG A 1 115 ? -9.348  3.906   15.919  1.00 23.83 ? 108 ARG A NH2 1 
ATOM   788  N  N   . THR A 1 116 ? -9.063  -2.098  14.915  1.00 13.53 ? 109 THR A N   1 
ATOM   789  C  CA  . THR A 1 116 ? -10.319 -2.839  14.912  1.00 13.18 ? 109 THR A CA  1 
ATOM   790  C  C   . THR A 1 116 ? -10.562 -3.503  13.562  1.00 12.60 ? 109 THR A C   1 
ATOM   791  O  O   . THR A 1 116 ? -11.147 -4.584  13.499  1.00 13.76 ? 109 THR A O   1 
ATOM   792  C  CB  . THR A 1 116 ? -11.535 -1.935  15.235  1.00 16.99 ? 109 THR A CB  1 
ATOM   793  O  OG1 . THR A 1 116 ? -11.681 -0.935  14.221  1.00 16.58 ? 109 THR A OG1 1 
ATOM   794  C  CG2 . THR A 1 116 ? -11.357 -1.269  16.590  1.00 17.45 ? 109 THR A CG2 1 
ATOM   795  N  N   . THR A 1 117 ? -10.100 -2.876  12.485  1.00 11.71 ? 110 THR A N   1 
ATOM   796  C  CA  . THR A 1 117 ? -10.319 -3.437  11.158  1.00 11.75 ? 110 THR A CA  1 
ATOM   797  C  C   . THR A 1 117 ? -9.613  -2.630  10.073  1.00 10.03 ? 110 THR A C   1 
ATOM   798  O  O   . THR A 1 117 ? -9.213  -1.490  10.288  1.00 11.56 ? 110 THR A O   1 
ATOM   799  C  CB  . THR A 1 117 ? -11.838 -3.435  10.813  1.00 11.84 ? 110 THR A CB  1 
ATOM   800  O  OG1 . THR A 1 117 ? -12.082 -4.237  9.652   1.00 12.61 ? 110 THR A OG1 1 
ATOM   801  C  CG2 . THR A 1 117 ? -12.307 -2.013  10.506  1.00 14.12 ? 110 THR A CG2 1 
ATOM   802  N  N   . LEU A 1 118 ? -9.442  -3.245  8.911   1.00 10.55 ? 111 LEU A N   1 
ATOM   803  C  CA  . LEU A 1 118 ? -8.892  -2.547  7.755   1.00 10.07 ? 111 LEU A CA  1 
ATOM   804  C  C   . LEU A 1 118 ? -9.619  -3.167  6.573   1.00 8.97  ? 111 LEU A C   1 
ATOM   805  O  O   . LEU A 1 118 ? -9.430  -4.341  6.262   1.00 12.16 ? 111 LEU A O   1 
ATOM   806  C  CB  . LEU A 1 118 ? -7.380  -2.725  7.604   1.00 10.87 ? 111 LEU A CB  1 
ATOM   807  C  CG  . LEU A 1 118 ? -6.871  -1.702  6.573   1.00 11.01 ? 111 LEU A CG  1 
ATOM   808  C  CD1 . LEU A 1 118 ? -6.958  -0.298  7.174   1.00 13.54 ? 111 LEU A CD1 1 
ATOM   809  C  CD2 . LEU A 1 118 ? -5.441  -2.012  6.164   1.00 12.91 ? 111 LEU A CD2 1 
ATOM   810  N  N   . GLU A 1 119 ? -10.484 -2.379  5.940   1.00 8.57  ? 112 GLU A N   1 
ATOM   811  C  CA  . GLU A 1 119 ? -11.266 -2.840  4.799   1.00 9.34  ? 112 GLU A CA  1 
ATOM   812  C  C   . GLU A 1 119 ? -10.575 -2.366  3.538   1.00 8.56  ? 112 GLU A C   1 
ATOM   813  O  O   . GLU A 1 119 ? -10.263 -1.188  3.407   1.00 11.22 ? 112 GLU A O   1 
ATOM   814  C  CB  . GLU A 1 119 ? -12.677 -2.267  4.880   1.00 9.68  ? 112 GLU A CB  1 
ATOM   815  C  CG  . GLU A 1 119 ? -13.483 -2.819  6.052   1.00 13.91 ? 112 GLU A CG  1 
ATOM   816  C  CD  . GLU A 1 119 ? -14.793 -2.084  6.272   1.00 14.22 ? 112 GLU A CD  1 
ATOM   817  O  OE1 . GLU A 1 119 ? -15.417 -1.657  5.277   1.00 17.75 ? 112 GLU A OE1 1 
ATOM   818  O  OE2 . GLU A 1 119 ? -15.209 -1.948  7.443   1.00 17.14 ? 112 GLU A OE2 1 
ATOM   819  N  N   . LEU A 1 120 ? -10.348 -3.287  2.611   1.00 9.69  ? 113 LEU A N   1 
ATOM   820  C  CA  . LEU A 1 120 ? -9.648  -2.954  1.384   1.00 9.63  ? 113 LEU A CA  1 
ATOM   821  C  C   . LEU A 1 120 ? -10.291 -3.478  0.118   1.00 7.92  ? 113 LEU A C   1 
ATOM   822  O  O   . LEU A 1 120 ? -10.852 -4.570  0.099   1.00 9.84  ? 113 LEU A O   1 
ATOM   823  C  CB  . LEU A 1 120 ? -8.230  -3.533  1.427   1.00 16.66 ? 113 LEU A CB  1 
ATOM   824  C  CG  . LEU A 1 120 ? -7.201  -3.048  2.442   1.00 17.04 ? 113 LEU A CG  1 
ATOM   825  C  CD1 . LEU A 1 120 ? -6.331  -4.214  2.879   1.00 21.35 ? 113 LEU A CD1 1 
ATOM   826  C  CD2 . LEU A 1 120 ? -6.358  -1.948  1.816   1.00 19.27 ? 113 LEU A CD2 1 
ATOM   827  N  N   . VAL A 1 121 ? -10.214 -2.678  -0.939  1.00 8.68  ? 114 VAL A N   1 
ATOM   828  C  CA  . VAL A 1 121 ? -10.667 -3.111  -2.251  1.00 7.02  ? 114 VAL A CA  1 
ATOM   829  C  C   . VAL A 1 121 ? -9.398  -2.945  -3.077  1.00 6.73  ? 114 VAL A C   1 
ATOM   830  O  O   . VAL A 1 121 ? -8.885  -1.832  -3.229  1.00 8.36  ? 114 VAL A O   1 
ATOM   831  C  CB  . VAL A 1 121 ? -11.782 -2.238  -2.836  1.00 7.57  ? 114 VAL A CB  1 
ATOM   832  C  CG1 . VAL A 1 121 ? -12.077 -2.693  -4.268  1.00 9.72  ? 114 VAL A CG1 1 
ATOM   833  C  CG2 . VAL A 1 121 ? -13.029 -2.376  -1.999  1.00 9.78  ? 114 VAL A CG2 1 
ATOM   834  N  N   . ILE A 1 122 ? -8.869  -4.059  -3.566  1.00 7.71  ? 115 ILE A N   1 
ATOM   835  C  CA  . ILE A 1 122 ? -7.644  -4.035  -4.348  1.00 7.64  ? 115 ILE A CA  1 
ATOM   836  C  C   . ILE A 1 122 ? -7.917  -4.355  -5.808  1.00 8.16  ? 115 ILE A C   1 
ATOM   837  O  O   . ILE A 1 122 ? -8.599  -5.325  -6.119  1.00 8.55  ? 115 ILE A O   1 
ATOM   838  C  CB  . ILE A 1 122 ? -6.632  -5.055  -3.786  1.00 13.65 ? 115 ILE A CB  1 
ATOM   839  C  CG1 . ILE A 1 122 ? -6.259  -4.664  -2.348  1.00 16.04 ? 115 ILE A CG1 1 
ATOM   840  C  CG2 . ILE A 1 122 ? -5.398  -5.121  -4.684  1.00 14.27 ? 115 ILE A CG2 1 
ATOM   841  C  CD1 . ILE A 1 122 ? -7.337  -4.789  -1.324  1.00 19.30 ? 115 ILE A CD1 1 
ATOM   842  N  N   . GLY A 1 123 ? -7.394  -3.521  -6.700  1.00 7.64  ? 116 GLY A N   1 
ATOM   843  C  CA  . GLY A 1 123 ? -7.577  -3.758  -8.120  1.00 8.01  ? 116 GLY A CA  1 
ATOM   844  C  C   . GLY A 1 123 ? -6.341  -4.412  -8.708  1.00 8.89  ? 116 GLY A C   1 
ATOM   845  O  O   . GLY A 1 123 ? -5.226  -4.134  -8.273  1.00 9.67  ? 116 GLY A O   1 
ATOM   846  N  N   . GLU A 1 124 ? -6.546  -5.303  -9.672  1.00 7.89  ? 117 GLU A N   1 
ATOM   847  C  CA  . GLU A 1 124 ? -5.456  -5.995  -10.365 1.00 7.92  ? 117 GLU A CA  1 
ATOM   848  C  C   . GLU A 1 124 ? -5.696  -5.769  -11.857 1.00 8.59  ? 117 GLU A C   1 
ATOM   849  O  O   . GLU A 1 124 ? -6.829  -5.867  -12.329 1.00 9.27  ? 117 GLU A O   1 
ATOM   850  C  CB  . GLU A 1 124 ? -5.477  -7.498  -10.053 1.00 11.41 ? 117 GLU A CB  1 
ATOM   851  C  CG  . GLU A 1 124 ? -4.687  -8.373  -11.044 1.00 11.64 ? 117 GLU A CG  1 
ATOM   852  C  CD  . GLU A 1 124 ? -3.173  -8.310  -10.867 1.00 13.04 ? 117 GLU A CD  1 
ATOM   853  O  OE1 . GLU A 1 124 ? -2.671  -7.360  -10.236 1.00 12.04 ? 117 GLU A OE1 1 
ATOM   854  O  OE2 . GLU A 1 124 ? -2.478  -9.216  -11.373 1.00 13.49 ? 117 GLU A OE2 1 
ATOM   855  N  N   . LEU A 1 125 ? -4.633  -5.455  -12.590 1.00 7.81  ? 118 LEU A N   1 
ATOM   856  C  CA  . LEU A 1 125 ? -4.735  -5.203  -14.030 1.00 9.05  ? 118 LEU A CA  1 
ATOM   857  C  C   . LEU A 1 125 ? -4.137  -6.407  -14.762 1.00 8.97  ? 118 LEU A C   1 
ATOM   858  O  O   . LEU A 1 125 ? -2.935  -6.457  -15.013 1.00 10.03 ? 118 LEU A O   1 
ATOM   859  C  CB  . LEU A 1 125 ? -3.967  -3.922  -14.369 1.00 8.91  ? 118 LEU A CB  1 
ATOM   860  C  CG  . LEU A 1 125 ? -4.442  -2.708  -13.561 1.00 10.93 ? 118 LEU A CG  1 
ATOM   861  C  CD1 . LEU A 1 125 ? -3.404  -1.595  -13.612 1.00 13.68 ? 118 LEU A CD1 1 
ATOM   862  C  CD2 . LEU A 1 125 ? -5.783  -2.241  -14.100 1.00 12.14 ? 118 LEU A CD2 1 
ATOM   863  N  N   . PRO A 1 126 ? -4.985  -7.386  -15.134 1.00 11.60 ? 119 PRO A N   1 
ATOM   864  C  CA  . PRO A 1 126 ? -4.546  -8.604  -15.821 1.00 12.04 ? 119 PRO A CA  1 
ATOM   865  C  C   . PRO A 1 126 ? -3.743  -8.471  -17.111 1.00 11.53 ? 119 PRO A C   1 
ATOM   866  O  O   . PRO A 1 126 ? -3.002  -9.387  -17.462 1.00 12.82 ? 119 PRO A O   1 
ATOM   867  C  CB  . PRO A 1 126 ? -5.853  -9.374  -16.035 1.00 14.14 ? 119 PRO A CB  1 
ATOM   868  C  CG  . PRO A 1 126 ? -6.745  -8.872  -14.930 1.00 14.89 ? 119 PRO A CG  1 
ATOM   869  C  CD  . PRO A 1 126 ? -6.448  -7.391  -14.965 1.00 12.45 ? 119 PRO A CD  1 
ATOM   870  N  N   . ALA A 1 127 ? -3.875  -7.354  -17.817 1.00 11.16 ? 120 ALA A N   1 
ATOM   871  C  CA  . ALA A 1 127 ? -3.141  -7.185  -19.068 1.00 12.37 ? 120 ALA A CA  1 
ATOM   872  C  C   . ALA A 1 127 ? -1.768  -6.549  -18.881 1.00 12.22 ? 120 ALA A C   1 
ATOM   873  O  O   . ALA A 1 127 ? -1.001  -6.415  -19.841 1.00 13.74 ? 120 ALA A O   1 
ATOM   874  C  CB  . ALA A 1 127 ? -3.970  -6.354  -20.051 1.00 15.70 ? 120 ALA A CB  1 
ATOM   875  N  N   . LEU A 1 128 ? -1.444  -6.174  -17.648 1.00 10.17 ? 121 LEU A N   1 
ATOM   876  C  CA  . LEU A 1 128 ? -0.168  -5.524  -17.375 1.00 8.80  ? 121 LEU A CA  1 
ATOM   877  C  C   . LEU A 1 128 ? 0.645   -6.205  -16.284 1.00 8.59  ? 121 LEU A C   1 
ATOM   878  O  O   . LEU A 1 128 ? 0.148   -7.056  -15.553 1.00 10.15 ? 121 LEU A O   1 
ATOM   879  C  CB  . LEU A 1 128 ? -0.414  -4.072  -16.951 1.00 10.56 ? 121 LEU A CB  1 
ATOM   880  C  CG  . LEU A 1 128 ? -1.249  -3.199  -17.892 1.00 10.84 ? 121 LEU A CG  1 
ATOM   881  C  CD1 . LEU A 1 128 ? -1.595  -1.893  -17.193 1.00 12.32 ? 121 LEU A CD1 1 
ATOM   882  C  CD2 . LEU A 1 128 ? -0.482  -2.928  -19.181 1.00 11.27 ? 121 LEU A CD2 1 
ATOM   883  N  N   . THR A 1 129 ? 1.908   -5.807  -16.185 1.00 9.93  ? 122 THR A N   1 
ATOM   884  C  CA  . THR A 1 129 ? 2.799   -6.319  -15.155 1.00 10.96 ? 122 THR A CA  1 
ATOM   885  C  C   . THR A 1 129 ? 3.616   -5.143  -14.650 1.00 10.55 ? 122 THR A C   1 
ATOM   886  O  O   . THR A 1 129 ? 4.199   -4.396  -15.446 1.00 12.08 ? 122 THR A O   1 
ATOM   887  C  CB  . THR A 1 129 ? 3.768   -7.397  -15.694 1.00 13.84 ? 122 THR A CB  1 
ATOM   888  O  OG1 . THR A 1 129 ? 3.030   -8.570  -16.061 1.00 15.43 ? 122 THR A OG1 1 
ATOM   889  C  CG2 . THR A 1 129 ? 4.786   -7.776  -14.629 1.00 16.22 ? 122 THR A CG2 1 
ATOM   890  N  N   . PHE A 1 130 ? 3.628   -4.956  -13.334 1.00 9.63  ? 123 PHE A N   1 
ATOM   891  C  CA  . PHE A 1 130 ? 4.401   -3.882  -12.720 1.00 10.25 ? 123 PHE A CA  1 
ATOM   892  C  C   . PHE A 1 130 ? 5.731   -4.451  -12.248 1.00 12.05 ? 123 PHE A C   1 
ATOM   893  O  O   . PHE A 1 130 ? 5.806   -5.597  -11.794 1.00 12.80 ? 123 PHE A O   1 
ATOM   894  C  CB  . PHE A 1 130 ? 3.706   -3.305  -11.479 1.00 10.72 ? 123 PHE A CB  1 
ATOM   895  C  CG  . PHE A 1 130 ? 2.449   -2.525  -11.758 1.00 9.64  ? 123 PHE A CG  1 
ATOM   896  C  CD1 . PHE A 1 130 ? 2.126   -2.099  -13.044 1.00 10.20 ? 123 PHE A CD1 1 
ATOM   897  C  CD2 . PHE A 1 130 ? 1.597   -2.194  -10.709 1.00 9.64  ? 123 PHE A CD2 1 
ATOM   898  C  CE1 . PHE A 1 130 ? 0.968   -1.352  -13.280 1.00 10.26 ? 123 PHE A CE1 1 
ATOM   899  C  CE2 . PHE A 1 130 ? 0.439   -1.449  -10.927 1.00 8.78  ? 123 PHE A CE2 1 
ATOM   900  C  CZ  . PHE A 1 130 ? 0.122   -1.026  -12.217 1.00 9.27  ? 123 PHE A CZ  1 
ATOM   901  N  N   . SER A 1 131 ? 6.778   -3.644  -12.349 1.00 13.45 ? 124 SER A N   1 
ATOM   902  C  CA  . SER A 1 131 ? 8.098   -4.032  -11.871 1.00 14.65 ? 124 SER A CA  1 
ATOM   903  C  C   . SER A 1 131 ? 8.774   -2.749  -11.418 1.00 14.67 ? 124 SER A C   1 
ATOM   904  O  O   . SER A 1 131 ? 8.268   -1.654  -11.673 1.00 13.78 ? 124 SER A O   1 
ATOM   905  C  CB  . SER A 1 131 ? 8.922   -4.710  -12.975 1.00 16.42 ? 124 SER A CB  1 
ATOM   906  O  OG  . SER A 1 131 ? 9.152   -3.842  -14.069 1.00 17.82 ? 124 SER A OG  1 
ATOM   907  N  N   . ARG A 1 132 ? 9.898   -2.879  -10.725 1.00 15.45 ? 125 ARG A N   1 
ATOM   908  C  CA  . ARG A 1 132 ? 10.635  -1.715  -10.256 1.00 16.92 ? 125 ARG A CA  1 
ATOM   909  C  C   . ARG A 1 132 ? 11.991  -1.759  -10.945 1.00 18.00 ? 125 ARG A C   1 
ATOM   910  O  O   . ARG A 1 132 ? 12.809  -2.639  -10.671 1.00 19.78 ? 125 ARG A O   1 
ATOM   911  C  CB  . ARG A 1 132 ? 10.795  -1.763  -8.735  1.00 16.30 ? 125 ARG A CB  1 
ATOM   912  C  CG  . ARG A 1 132 ? 9.472   -1.913  -7.983  1.00 17.52 ? 125 ARG A CG  1 
ATOM   913  C  CD  . ARG A 1 132 ? 8.600   -0.664  -8.086  1.00 15.73 ? 125 ARG A CD  1 
ATOM   914  N  NE  . ARG A 1 132 ? 7.210   -0.955  -7.737  1.00 16.44 ? 125 ARG A NE  1 
ATOM   915  C  CZ  . ARG A 1 132 ? 6.265   -0.035  -7.557  1.00 15.74 ? 125 ARG A CZ  1 
ATOM   916  N  NH1 . ARG A 1 132 ? 6.550   1.258   -7.681  1.00 16.07 ? 125 ARG A NH1 1 
ATOM   917  N  NH2 . ARG A 1 132 ? 5.027   -0.415  -7.270  1.00 16.33 ? 125 ARG A NH2 1 
ATOM   918  N  N   . GLN A 1 133 ? 12.211  -0.819  -11.858 1.00 16.20 ? 126 GLN A N   1 
ATOM   919  C  CA  . GLN A 1 133 ? 13.455  -0.760  -12.612 1.00 17.92 ? 126 GLN A CA  1 
ATOM   920  C  C   . GLN A 1 133 ? 14.168  0.552   -12.329 1.00 17.60 ? 126 GLN A C   1 
ATOM   921  O  O   . GLN A 1 133 ? 13.532  1.586   -12.135 1.00 17.73 ? 126 GLN A O   1 
ATOM   922  C  CB  . GLN A 1 133 ? 13.156  -0.866  -14.108 1.00 21.64 ? 126 GLN A CB  1 
ATOM   923  C  CG  . GLN A 1 133 ? 12.247  -2.025  -14.478 1.00 25.57 ? 126 GLN A CG  1 
ATOM   924  C  CD  . GLN A 1 133 ? 12.905  -3.377  -14.305 1.00 26.74 ? 126 GLN A CD  1 
ATOM   925  O  OE1 . GLN A 1 133 ? 12.251  -4.413  -14.420 1.00 29.43 ? 126 GLN A OE1 1 
ATOM   926  N  NE2 . GLN A 1 133 ? 14.207  -3.378  -14.036 1.00 27.65 ? 126 GLN A NE2 1 
ATOM   927  N  N   . PRO A 1 134 ? 15.508  0.530   -12.311 1.00 18.98 ? 127 PRO A N   1 
ATOM   928  C  CA  . PRO A 1 134 ? 16.260  1.757   -12.042 1.00 18.44 ? 127 PRO A CA  1 
ATOM   929  C  C   . PRO A 1 134 ? 16.016  2.878   -13.047 1.00 18.40 ? 127 PRO A C   1 
ATOM   930  O  O   . PRO A 1 134 ? 16.096  2.680   -14.263 1.00 19.79 ? 127 PRO A O   1 
ATOM   931  C  CB  . PRO A 1 134 ? 17.713  1.275   -12.033 1.00 19.98 ? 127 PRO A CB  1 
ATOM   932  C  CG  . PRO A 1 134 ? 17.688  0.097   -12.951 1.00 20.35 ? 127 PRO A CG  1 
ATOM   933  C  CD  . PRO A 1 134 ? 16.415  -0.604  -12.557 1.00 19.44 ? 127 PRO A CD  1 
ATOM   934  N  N   . CYS A 1 135 ? 15.698  4.055   -12.519 1.00 16.64 ? 128 CYS A N   1 
ATOM   935  C  CA  . CYS A 1 135 ? 15.461  5.235   -13.335 1.00 16.51 ? 128 CYS A CA  1 
ATOM   936  C  C   . CYS A 1 135 ? 16.728  6.081   -13.269 1.00 16.96 ? 128 CYS A C   1 
ATOM   937  O  O   . CYS A 1 135 ? 17.163  6.473   -12.187 1.00 17.12 ? 128 CYS A O   1 
ATOM   938  C  CB  . CYS A 1 135 ? 14.278  6.037   -12.785 1.00 16.35 ? 128 CYS A CB  1 
ATOM   939  S  SG  . CYS A 1 135 ? 13.973  7.613   -13.628 1.00 14.93 ? 128 CYS A SG  1 
ATOM   940  N  N   . ALA A 1 136 ? 17.327  6.351   -14.422 1.00 20.12 ? 129 ALA A N   1 
ATOM   941  C  CA  . ALA A 1 136 ? 18.549  7.143   -14.474 1.00 20.58 ? 129 ALA A CA  1 
ATOM   942  C  C   . ALA A 1 136 ? 18.297  8.593   -14.074 1.00 20.67 ? 129 ALA A C   1 
ATOM   943  O  O   . ALA A 1 136 ? 19.224  9.316   -13.706 1.00 21.26 ? 129 ALA A O   1 
ATOM   944  C  CB  . ALA A 1 136 ? 19.142  7.086   -15.876 1.00 22.90 ? 129 ALA A CB  1 
ATOM   945  N  N   . ILE A 1 137 ? 17.039  9.012   -14.142 1.00 18.63 ? 130 ILE A N   1 
ATOM   946  C  CA  . ILE A 1 137 ? 16.672  10.378  -13.804 1.00 18.56 ? 130 ILE A CA  1 
ATOM   947  C  C   . ILE A 1 137 ? 16.510  10.601  -12.304 1.00 18.24 ? 130 ILE A C   1 
ATOM   948  O  O   . ILE A 1 137 ? 17.082  11.539  -11.750 1.00 19.21 ? 130 ILE A O   1 
ATOM   949  C  CB  . ILE A 1 137 ? 15.358  10.783  -14.506 1.00 33.56 ? 130 ILE A CB  1 
ATOM   950  C  CG1 . ILE A 1 137 ? 15.431  10.427  -15.994 1.00 35.33 ? 130 ILE A CG1 1 
ATOM   951  C  CG2 . ILE A 1 137 ? 15.120  12.277  -14.342 1.00 35.80 ? 130 ILE A CG2 1 
ATOM   952  C  CD1 . ILE A 1 137 ? 15.196  8.976   -16.328 1.00 25.15 ? 130 ILE A CD1 1 
ATOM   953  N  N   . SER A 1 138 ? 15.742  9.737   -11.643 1.00 14.75 ? 131 SER A N   1 
ATOM   954  C  CA  . SER A 1 138 ? 15.512  9.875   -10.207 1.00 14.32 ? 131 SER A CA  1 
ATOM   955  C  C   . SER A 1 138 ? 16.614  9.239   -9.368  1.00 15.74 ? 131 SER A C   1 
ATOM   956  O  O   . SER A 1 138 ? 16.861  9.660   -8.239  1.00 15.52 ? 131 SER A O   1 
ATOM   957  C  CB  . SER A 1 138 ? 14.173  9.244   -9.820  1.00 15.01 ? 131 SER A CB  1 
ATOM   958  O  OG  . SER A 1 138 ? 14.252  7.829   -9.853  1.00 14.80 ? 131 SER A OG  1 
ATOM   959  N  N   . GLY A 1 139 ? 17.267  8.222   -9.922  1.00 18.46 ? 132 GLY A N   1 
ATOM   960  C  CA  . GLY A 1 139 ? 18.331  7.553   -9.198  1.00 19.64 ? 132 GLY A CA  1 
ATOM   961  C  C   . GLY A 1 139 ? 17.819  6.448   -8.293  1.00 21.20 ? 132 GLY A C   1 
ATOM   962  O  O   . GLY A 1 139 ? 18.565  5.905   -7.475  1.00 21.80 ? 132 GLY A O   1 
ATOM   963  N  N   . TYR A 1 140 ? 16.539  6.118   -8.433  1.00 21.18 ? 133 TYR A N   1 
ATOM   964  C  CA  . TYR A 1 140 ? 15.919  5.069   -7.627  1.00 21.18 ? 133 TYR A CA  1 
ATOM   965  C  C   . TYR A 1 140 ? 15.177  4.113   -8.547  1.00 20.49 ? 133 TYR A C   1 
ATOM   966  O  O   . TYR A 1 140 ? 14.967  4.418   -9.720  1.00 20.18 ? 133 TYR A O   1 
ATOM   967  C  CB  . TYR A 1 140 ? 14.910  5.673   -6.647  1.00 26.93 ? 133 TYR A CB  1 
ATOM   968  C  CG  . TYR A 1 140 ? 15.474  6.713   -5.709  1.00 30.39 ? 133 TYR A CG  1 
ATOM   969  C  CD1 . TYR A 1 140 ? 16.378  6.362   -4.710  1.00 32.47 ? 133 TYR A CD1 1 
ATOM   970  C  CD2 . TYR A 1 140 ? 15.088  8.047   -5.808  1.00 30.34 ? 133 TYR A CD2 1 
ATOM   971  C  CE1 . TYR A 1 140 ? 16.885  7.320   -3.823  1.00 34.61 ? 133 TYR A CE1 1 
ATOM   972  C  CE2 . TYR A 1 140 ? 15.589  9.014   -4.929  1.00 33.43 ? 133 TYR A CE2 1 
ATOM   973  C  CZ  . TYR A 1 140 ? 16.486  8.644   -3.939  1.00 34.18 ? 133 TYR A CZ  1 
ATOM   974  O  OH  . TYR A 1 140 ? 16.980  9.593   -3.068  1.00 36.32 ? 133 TYR A OH  1 
ATOM   975  N  N   . ASP A 1 141 ? 14.782  2.955   -8.025  1.00 19.79 ? 134 ASP A N   1 
ATOM   976  C  CA  . ASP A 1 141 ? 14.027  2.001   -8.827  1.00 19.72 ? 134 ASP A CA  1 
ATOM   977  C  C   . ASP A 1 141 ? 12.607  2.551   -8.866  1.00 18.81 ? 134 ASP A C   1 
ATOM   978  O  O   . ASP A 1 141 ? 12.003  2.801   -7.824  1.00 20.67 ? 134 ASP A O   1 
ATOM   979  C  CB  . ASP A 1 141 ? 14.043  0.613   -8.183  1.00 25.17 ? 134 ASP A CB  1 
ATOM   980  C  CG  . ASP A 1 141 ? 15.440  0.025   -8.096  1.00 29.12 ? 134 ASP A CG  1 
ATOM   981  O  OD1 . ASP A 1 141 ? 16.197  0.136   -9.083  1.00 29.49 ? 134 ASP A OD1 1 
ATOM   982  O  OD2 . ASP A 1 141 ? 15.772  -0.554  -7.042  1.00 32.49 ? 134 ASP A OD2 1 
ATOM   983  N  N   . GLU A 1 142 ? 12.083  2.749   -10.070 1.00 15.03 ? 135 GLU A N   1 
ATOM   984  C  CA  . GLU A 1 142 ? 10.748  3.313   -10.240 1.00 13.22 ? 135 GLU A CA  1 
ATOM   985  C  C   . GLU A 1 142 ? 9.810   2.361   -10.966 1.00 11.80 ? 135 GLU A C   1 
ATOM   986  O  O   . GLU A 1 142 ? 10.242  1.373   -11.555 1.00 12.33 ? 135 GLU A O   1 
ATOM   987  C  CB  . GLU A 1 142 ? 10.843  4.624   -11.019 1.00 14.00 ? 135 GLU A CB  1 
ATOM   988  C  CG  . GLU A 1 142 ? 11.793  5.646   -10.405 1.00 13.96 ? 135 GLU A CG  1 
ATOM   989  C  CD  . GLU A 1 142 ? 11.298  6.202   -9.083  1.00 15.19 ? 135 GLU A CD  1 
ATOM   990  O  OE1 . GLU A 1 142 ? 10.175  5.848   -8.665  1.00 16.47 ? 135 GLU A OE1 1 
ATOM   991  O  OE2 . GLU A 1 142 ? 12.031  7.004   -8.460  1.00 16.71 ? 135 GLU A OE2 1 
ATOM   992  N  N   . LEU A 1 143 ? 8.522   2.677   -10.923 1.00 11.60 ? 136 LEU A N   1 
ATOM   993  C  CA  . LEU A 1 143 ? 7.515   1.846   -11.558 1.00 12.17 ? 136 LEU A CA  1 
ATOM   994  C  C   . LEU A 1 143 ? 7.701   1.688   -13.062 1.00 12.76 ? 136 LEU A C   1 
ATOM   995  O  O   . LEU A 1 143 ? 7.825   2.668   -13.798 1.00 13.62 ? 136 LEU A O   1 
ATOM   996  C  CB  . LEU A 1 143 ? 6.119   2.410   -11.277 1.00 12.02 ? 136 LEU A CB  1 
ATOM   997  C  CG  . LEU A 1 143 ? 4.955   1.635   -11.898 1.00 10.68 ? 136 LEU A CG  1 
ATOM   998  C  CD1 . LEU A 1 143 ? 4.874   0.236   -11.282 1.00 11.67 ? 136 LEU A CD1 1 
ATOM   999  C  CD2 . LEU A 1 143 ? 3.662   2.399   -11.659 1.00 11.23 ? 136 LEU A CD2 1 
ATOM   1000 N  N   . HIS A 1 144 ? 7.717   0.436   -13.506 1.00 14.16 ? 137 HIS A N   1 
ATOM   1001 C  CA  . HIS A 1 144 ? 7.852   0.109   -14.917 1.00 14.72 ? 137 HIS A CA  1 
ATOM   1002 C  C   . HIS A 1 144 ? 6.610   -0.703  -15.262 1.00 13.46 ? 137 HIS A C   1 
ATOM   1003 O  O   . HIS A 1 144 ? 6.261   -1.640  -14.547 1.00 12.61 ? 137 HIS A O   1 
ATOM   1004 C  CB  . HIS A 1 144 ? 9.117   -0.722  -15.160 1.00 18.90 ? 137 HIS A CB  1 
ATOM   1005 C  CG  . HIS A 1 144 ? 9.261   -1.201  -16.571 1.00 21.94 ? 137 HIS A CG  1 
ATOM   1006 N  ND1 . HIS A 1 144 ? 9.288   -0.342  -17.649 1.00 25.74 ? 137 HIS A ND1 1 
ATOM   1007 C  CD2 . HIS A 1 144 ? 9.378   -2.449  -17.083 1.00 24.41 ? 137 HIS A CD2 1 
ATOM   1008 C  CE1 . HIS A 1 144 ? 9.414   -1.041  -18.763 1.00 26.05 ? 137 HIS A CE1 1 
ATOM   1009 N  NE2 . HIS A 1 144 ? 9.471   -2.321  -18.448 1.00 24.38 ? 137 HIS A NE2 1 
ATOM   1010 N  N   . ILE A 1 145 ? 5.944   -0.337  -16.352 1.00 12.85 ? 138 ILE A N   1 
ATOM   1011 C  CA  . ILE A 1 145 ? 4.727   -1.020  -16.771 1.00 13.01 ? 138 ILE A CA  1 
ATOM   1012 C  C   . ILE A 1 145 ? 4.909   -1.700  -18.119 1.00 13.52 ? 138 ILE A C   1 
ATOM   1013 O  O   . ILE A 1 145 ? 5.277   -1.054  -19.098 1.00 15.09 ? 138 ILE A O   1 
ATOM   1014 C  CB  . ILE A 1 145 ? 3.566   -0.024  -16.897 1.00 17.76 ? 138 ILE A CB  1 
ATOM   1015 C  CG1 . ILE A 1 145 ? 3.446   0.797   -15.615 1.00 18.38 ? 138 ILE A CG1 1 
ATOM   1016 C  CG2 . ILE A 1 145 ? 2.268   -0.768  -17.168 1.00 17.76 ? 138 ILE A CG2 1 
ATOM   1017 C  CD1 . ILE A 1 145 ? 4.403   1.976   -15.519 1.00 19.46 ? 138 ILE A CD1 1 
ATOM   1018 N  N   . SER A 1 146 ? 4.635   -2.999  -18.167 1.00 14.09 ? 139 SER A N   1 
ATOM   1019 C  CA  . SER A 1 146 ? 4.759   -3.758  -19.405 1.00 15.48 ? 139 SER A CA  1 
ATOM   1020 C  C   . SER A 1 146 ? 3.570   -4.695  -19.592 1.00 14.79 ? 139 SER A C   1 
ATOM   1021 O  O   . SER A 1 146 ? 2.767   -4.886  -18.679 1.00 13.39 ? 139 SER A O   1 
ATOM   1022 C  CB  . SER A 1 146 ? 6.057   -4.565  -19.395 1.00 21.42 ? 139 SER A CB  1 
ATOM   1023 O  OG  . SER A 1 146 ? 6.085   -5.448  -18.295 1.00 25.57 ? 139 SER A OG  1 
ATOM   1024 N  N   . SER A 1 147 ? 3.453   -5.274  -20.783 1.00 14.18 ? 140 SER A N   1 
ATOM   1025 C  CA  . SER A 1 147 ? 2.361   -6.192  -21.071 1.00 15.90 ? 140 SER A CA  1 
ATOM   1026 C  C   . SER A 1 147 ? 2.522   -7.491  -20.292 1.00 14.95 ? 140 SER A C   1 
ATOM   1027 O  O   . SER A 1 147 ? 3.641   -7.973  -20.095 1.00 15.75 ? 140 SER A O   1 
ATOM   1028 C  CB  . SER A 1 147 ? 2.311   -6.503  -22.570 1.00 21.85 ? 140 SER A CB  1 
ATOM   1029 O  OG  . SER A 1 147 ? 1.350   -7.508  -22.852 1.00 25.73 ? 140 SER A OG  1 
ATOM   1030 N  N   . ARG A 1 148 ? 1.401   -8.054  -19.849 1.00 13.44 ? 141 ARG A N   1 
ATOM   1031 C  CA  . ARG A 1 148 ? 1.420   -9.312  -19.108 1.00 14.38 ? 141 ARG A CA  1 
ATOM   1032 C  C   . ARG A 1 148 ? 1.883   -10.430 -20.038 1.00 17.18 ? 141 ARG A C   1 
ATOM   1033 O  O   . ARG A 1 148 ? 2.567   -11.360 -19.617 1.00 18.98 ? 141 ARG A O   1 
ATOM   1034 C  CB  . ARG A 1 148 ? 0.018   -9.644  -18.582 1.00 14.90 ? 141 ARG A CB  1 
ATOM   1035 C  CG  . ARG A 1 148 ? -0.086  -10.979 -17.838 1.00 16.01 ? 141 ARG A CG  1 
ATOM   1036 C  CD  . ARG A 1 148 ? 0.646   -10.929 -16.504 1.00 15.13 ? 141 ARG A CD  1 
ATOM   1037 N  NE  . ARG A 1 148 ? 0.083   -9.898  -15.635 1.00 13.56 ? 141 ARG A NE  1 
ATOM   1038 C  CZ  . ARG A 1 148 ? -0.882  -10.096 -14.742 1.00 13.36 ? 141 ARG A CZ  1 
ATOM   1039 N  NH1 . ARG A 1 148 ? -1.409  -11.301 -14.565 1.00 14.46 ? 141 ARG A NH1 1 
ATOM   1040 N  NH2 . ARG A 1 148 ? -1.345  -9.068  -14.040 1.00 12.14 ? 141 ARG A NH2 1 
ATOM   1041 N  N   . LEU A 1 149 ? 1.502   -10.329 -21.307 1.00 24.37 ? 142 LEU A N   1 
ATOM   1042 C  CA  . LEU A 1 149 ? 1.859   -11.334 -22.301 1.00 27.81 ? 142 LEU A CA  1 
ATOM   1043 C  C   . LEU A 1 149 ? 3.118   -10.944 -23.063 1.00 29.85 ? 142 LEU A C   1 
ATOM   1044 O  O   . LEU A 1 149 ? 4.005   -11.812 -23.213 1.00 33.32 ? 142 LEU A O   1 
ATOM   1045 C  CB  . LEU A 1 149 ? 0.703   -11.531 -23.280 1.00 30.81 ? 142 LEU A CB  1 
ATOM   1046 C  CG  . LEU A 1 149 ? -0.653  -11.863 -22.648 1.00 31.62 ? 142 LEU A CG  1 
ATOM   1047 C  CD1 . LEU A 1 149 ? -1.708  -11.970 -23.737 1.00 32.76 ? 142 LEU A CD1 1 
ATOM   1048 C  CD2 . LEU A 1 149 ? -0.563  -13.164 -21.862 1.00 32.78 ? 142 LEU A CD2 1 
HETATM 1049 MG MG  . MG  B 2 .   ? 6.769   7.159   -1.655  1.00 15.56 ? 201 MG  A MG  1 
HETATM 1050 O  O   . HOH C 3 .   ? -9.886  11.219  13.530  1.00 13.20 ? 202 HOH A O   1 
HETATM 1051 O  O   . HOH C 3 .   ? -4.263  3.921   -4.783  1.00 13.87 ? 203 HOH A O   1 
HETATM 1052 O  O   . HOH C 3 .   ? 10.217  9.860   8.945   1.00 14.78 ? 204 HOH A O   1 
HETATM 1053 O  O   . HOH C 3 .   ? -14.067 -4.997  -13.726 1.00 15.12 ? 205 HOH A O   1 
HETATM 1054 O  O   . HOH C 3 .   ? 7.873   5.100   -9.572  1.00 15.56 ? 206 HOH A O   1 
HETATM 1055 O  O   . HOH C 3 .   ? -1.443  17.666  9.151   1.00 15.92 ? 207 HOH A O   1 
HETATM 1056 O  O   . HOH C 3 .   ? -2.760  11.888  12.963  1.00 16.20 ? 208 HOH A O   1 
HETATM 1057 O  O   . HOH C 3 .   ? -0.404  19.050  12.390  1.00 16.58 ? 209 HOH A O   1 
HETATM 1058 O  O   . HOH C 3 .   ? 0.338   16.430  11.965  1.00 16.59 ? 210 HOH A O   1 
HETATM 1059 O  O   . HOH C 3 .   ? 4.089   -11.288 4.154   1.00 17.19 ? 211 HOH A O   1 
HETATM 1060 O  O   . HOH C 3 .   ? 10.576  14.627  10.578  1.00 17.79 ? 212 HOH A O   1 
HETATM 1061 O  O   . HOH C 3 .   ? -2.285  20.060  10.804  0.50 17.82 ? 213 HOH A O   1 
HETATM 1062 O  O   . HOH C 3 .   ? 0.174   15.336  14.752  1.00 17.86 ? 214 HOH A O   1 
HETATM 1063 O  O   . HOH C 3 .   ? -7.743  19.430  14.580  1.00 18.26 ? 215 HOH A O   1 
HETATM 1064 O  O   . HOH C 3 .   ? 4.592   -8.172  -10.620 1.00 18.37 ? 216 HOH A O   1 
HETATM 1065 O  O   . HOH C 3 .   ? 7.015   -4.468  -15.853 1.00 18.58 ? 217 HOH A O   1 
HETATM 1066 O  O   . HOH C 3 .   ? -1.408  13.155  15.064  1.00 19.38 ? 218 HOH A O   1 
HETATM 1067 O  O   . HOH C 3 .   ? -1.121  19.578  15.031  1.00 19.44 ? 219 HOH A O   1 
HETATM 1068 O  O   . HOH C 3 .   ? 11.650  11.891  10.193  1.00 19.47 ? 220 HOH A O   1 
HETATM 1069 O  O   . HOH C 3 .   ? 2.675   -1.454  7.570   1.00 19.59 ? 221 HOH A O   1 
HETATM 1070 O  O   . HOH C 3 .   ? -3.498  20.935  15.036  1.00 20.14 ? 222 HOH A O   1 
HETATM 1071 O  O   . HOH C 3 .   ? -0.638  17.341  16.530  1.00 20.19 ? 223 HOH A O   1 
HETATM 1072 O  O   . HOH C 3 .   ? 5.305   12.808  13.954  1.00 20.21 ? 224 HOH A O   1 
HETATM 1073 O  O   . HOH C 3 .   ? 4.422   5.101   -17.846 1.00 20.33 ? 225 HOH A O   1 
HETATM 1074 O  O   . HOH C 3 .   ? 5.618   1.829   0.495   1.00 20.34 ? 226 HOH A O   1 
HETATM 1075 O  O   . HOH C 3 .   ? -12.042 -8.334  -14.780 1.00 20.35 ? 227 HOH A O   1 
HETATM 1076 O  O   . HOH C 3 .   ? -5.929  -11.405 7.251   1.00 20.37 ? 228 HOH A O   1 
HETATM 1077 O  O   . HOH C 3 .   ? 7.061   1.693   -17.953 1.00 20.39 ? 229 HOH A O   1 
HETATM 1078 O  O   . HOH C 3 .   ? -10.438 18.840  17.181  1.00 20.51 ? 230 HOH A O   1 
HETATM 1079 O  O   . HOH C 3 .   ? -17.587 -5.932  -17.008 1.00 20.53 ? 231 HOH A O   1 
HETATM 1080 O  O   . HOH C 3 .   ? 8.019   -5.419  -8.560  1.00 20.94 ? 232 HOH A O   1 
HETATM 1081 O  O   . HOH C 3 .   ? -3.454  -11.469 -12.312 1.00 21.34 ? 233 HOH A O   1 
HETATM 1082 O  O   . HOH C 3 .   ? -3.129  16.333  17.777  1.00 21.54 ? 234 HOH A O   1 
HETATM 1083 O  O   . HOH C 3 .   ? -8.806  -8.919  -20.413 1.00 22.16 ? 235 HOH A O   1 
HETATM 1084 O  O   . HOH C 3 .   ? -10.725 -10.421 -18.855 1.00 22.25 ? 236 HOH A O   1 
HETATM 1085 O  O   . HOH C 3 .   ? -7.514  -6.624  -19.876 1.00 22.45 ? 237 HOH A O   1 
HETATM 1086 O  O   . HOH C 3 .   ? -3.841  -11.170 3.523   1.00 23.30 ? 238 HOH A O   1 
HETATM 1087 O  O   . HOH C 3 .   ? -4.109  -12.029 -17.347 1.00 24.03 ? 239 HOH A O   1 
HETATM 1088 O  O   . HOH C 3 .   ? 7.322   -7.908  -12.317 1.00 24.22 ? 240 HOH A O   1 
HETATM 1089 O  O   . HOH C 3 .   ? -2.871  -15.508 2.466   1.00 25.38 ? 241 HOH A O   1 
HETATM 1090 O  O   . HOH C 3 .   ? 9.052   2.451   -6.950  1.00 25.59 ? 242 HOH A O   1 
HETATM 1091 O  O   . HOH C 3 .   ? -9.863  -4.592  18.254  1.00 25.65 ? 243 HOH A O   1 
HETATM 1092 O  O   . HOH C 3 .   ? 7.080   3.805   -16.285 1.00 26.11 ? 244 HOH A O   1 
HETATM 1093 O  O   . HOH C 3 .   ? 15.887  10.655  8.542   1.00 26.31 ? 245 HOH A O   1 
HETATM 1094 O  O   . HOH C 3 .   ? -6.924  -10.986 15.273  1.00 26.61 ? 246 HOH A O   1 
HETATM 1095 O  O   . HOH C 3 .   ? -8.391  -2.940  -22.039 1.00 27.05 ? 247 HOH A O   1 
HETATM 1096 O  O   . HOH C 3 .   ? -13.290 -11.128 9.395   1.00 27.15 ? 248 HOH A O   1 
HETATM 1097 O  O   . HOH C 3 .   ? 9.235   -1.866  -4.017  1.00 27.27 ? 249 HOH A O   1 
HETATM 1098 O  O   . HOH C 3 .   ? 7.033   -8.030  -9.195  1.00 27.39 ? 250 HOH A O   1 
HETATM 1099 O  O   . HOH C 3 .   ? -2.873  7.840   0.799   1.00 27.55 ? 251 HOH A O   1 
HETATM 1100 O  O   . HOH C 3 .   ? 16.088  12.189  -7.139  1.00 27.57 ? 252 HOH A O   1 
HETATM 1101 O  O   . HOH C 3 .   ? 10.681  7.656   -6.171  1.00 28.48 ? 253 HOH A O   1 
HETATM 1102 O  O   . HOH C 3 .   ? -6.184  -12.523 3.486   1.00 28.59 ? 254 HOH A O   1 
HETATM 1103 O  O   . HOH C 3 .   ? 18.560  4.396   -10.693 1.00 28.84 ? 255 HOH A O   1 
HETATM 1104 O  O   . HOH C 3 .   ? 16.399  5.474   -17.006 1.00 29.11 ? 256 HOH A O   1 
HETATM 1105 O  O   . HOH C 3 .   ? -8.048  -11.479 5.569   1.00 29.29 ? 257 HOH A O   1 
HETATM 1106 O  O   . HOH C 3 .   ? 3.199   15.454  14.790  1.00 30.14 ? 258 HOH A O   1 
HETATM 1107 O  O   . HOH C 3 .   ? 7.801   0.207   0.393   1.00 30.27 ? 259 HOH A O   1 
HETATM 1108 O  O   . HOH C 3 .   ? 8.236   1.742   -2.036  1.00 30.28 ? 260 HOH A O   1 
HETATM 1109 O  O   . HOH C 3 .   ? 9.333   14.234  12.912  1.00 30.39 ? 261 HOH A O   1 
HETATM 1110 O  O   . HOH C 3 .   ? -12.411 5.049   16.003  1.00 30.57 ? 262 HOH A O   1 
HETATM 1111 O  O   . HOH C 3 .   ? 10.259  3.979   -14.687 1.00 30.87 ? 263 HOH A O   1 
HETATM 1112 O  O   . HOH C 3 .   ? -6.139  -13.253 13.809  1.00 31.35 ? 264 HOH A O   1 
HETATM 1113 O  O   . HOH C 3 .   ? -8.115  4.664   -4.474  1.00 31.61 ? 265 HOH A O   1 
HETATM 1114 O  O   . HOH C 3 .   ? -0.030  -14.429 -12.093 1.00 31.69 ? 266 HOH A O   1 
HETATM 1115 O  O   . HOH C 3 .   ? 9.628   7.252   15.945  1.00 31.91 ? 267 HOH A O   1 
HETATM 1116 O  O   . HOH C 3 .   ? 13.698  6.613   -16.641 1.00 32.47 ? 268 HOH A O   1 
HETATM 1117 O  O   . HOH C 3 .   ? 13.353  3.963   6.889   1.00 32.74 ? 269 HOH A O   1 
HETATM 1118 O  O   . HOH C 3 .   ? -7.972  4.675   1.440   1.00 33.02 ? 270 HOH A O   1 
HETATM 1119 O  O   . HOH C 3 .   ? 10.847  -5.350  -9.619  1.00 33.44 ? 271 HOH A O   1 
HETATM 1120 O  O   . HOH C 3 .   ? 6.183   -9.218  4.353   1.00 33.57 ? 272 HOH A O   1 
HETATM 1121 O  O   . HOH C 3 .   ? -10.725 5.533   4.879   1.00 33.90 ? 273 HOH A O   1 
HETATM 1122 O  O   . HOH C 3 .   ? -8.135  -15.171 13.503  1.00 34.34 ? 274 HOH A O   1 
HETATM 1123 O  O   . HOH C 3 .   ? 4.381   -2.146  15.101  1.00 35.54 ? 275 HOH A O   1 
HETATM 1124 O  O   . HOH C 3 .   ? -0.784  -5.305  -22.604 1.00 36.35 ? 276 HOH A O   1 
HETATM 1125 O  O   . HOH C 3 .   ? -12.613 2.483   11.662  1.00 36.50 ? 277 HOH A O   1 
HETATM 1126 O  O   . HOH C 3 .   ? -14.902 17.875  18.902  1.00 37.58 ? 278 HOH A O   1 
HETATM 1127 O  O   . HOH C 3 .   ? 8.781   9.531   2.195   1.00 38.16 ? 279 HOH A O   1 
HETATM 1128 O  O   . HOH C 3 .   ? -14.970 -5.766  -16.208 0.50 38.38 ? 280 HOH A O   1 
HETATM 1129 O  O   . HOH C 3 .   ? 11.110  4.385   14.249  1.00 38.40 ? 281 HOH A O   1 
HETATM 1130 O  O   . HOH C 3 .   ? 3.561   13.108  16.071  1.00 38.51 ? 282 HOH A O   1 
HETATM 1131 O  O   . HOH C 3 .   ? 11.058  -3.956  -5.544  1.00 38.56 ? 283 HOH A O   1 
HETATM 1132 O  O   . HOH C 3 .   ? 9.525   4.987   -6.069  1.00 38.56 ? 284 HOH A O   1 
HETATM 1133 O  O   . HOH C 3 .   ? 4.055   -6.539  -2.458  1.00 40.36 ? 285 HOH A O   1 
HETATM 1134 O  O   . HOH C 3 .   ? 6.043   -6.358  7.801   1.00 40.50 ? 286 HOH A O   1 
HETATM 1135 O  O   . HOH C 3 .   ? 5.057   2.108   16.386  1.00 40.95 ? 287 HOH A O   1 
HETATM 1136 O  O   . HOH C 3 .   ? -7.718  3.968   -1.726  1.00 41.15 ? 288 HOH A O   1 
HETATM 1137 O  O   . HOH C 3 .   ? 13.316  3.600   3.976   1.00 41.73 ? 289 HOH A O   1 
HETATM 1138 O  O   . HOH C 3 .   ? 11.044  -5.487  -2.931  1.00 41.92 ? 290 HOH A O   1 
HETATM 1139 O  O   . HOH C 3 .   ? 0.397   -6.211  16.422  1.00 42.65 ? 291 HOH A O   1 
HETATM 1140 O  O   . HOH C 3 .   ? -4.569  -13.253 -14.366 1.00 42.96 ? 292 HOH A O   1 
HETATM 1141 O  O   . HOH C 3 .   ? 18.020  6.783   8.703   1.00 43.54 ? 293 HOH A O   1 
HETATM 1142 O  O   . HOH C 3 .   ? -12.656 -11.372 -14.182 1.00 43.90 ? 294 HOH A O   1 
HETATM 1143 O  O   . HOH C 3 .   ? 17.142  12.139  6.341   1.00 43.92 ? 295 HOH A O   1 
HETATM 1144 O  O   . HOH C 3 .   ? 19.342  13.064  -12.729 1.00 44.05 ? 296 HOH A O   1 
HETATM 1145 O  O   . HOH C 3 .   ? 11.514  9.303   2.208   1.00 44.50 ? 297 HOH A O   1 
HETATM 1146 O  O   . HOH C 3 .   ? -0.585  -17.251 -11.496 1.00 44.93 ? 298 HOH A O   1 
HETATM 1147 O  O   . HOH C 3 .   ? 5.597   0.608   14.179  1.00 45.35 ? 299 HOH A O   1 
HETATM 1148 O  O   . HOH C 3 .   ? 15.404  1.626   -4.674  1.00 45.55 ? 300 HOH A O   1 
HETATM 1149 O  O   . HOH C 3 .   ? -6.864  -14.936 -8.018  1.00 46.81 ? 301 HOH A O   1 
HETATM 1150 O  O   . HOH C 3 .   ? -4.357  -4.361  -22.896 1.00 47.00 ? 302 HOH A O   1 
HETATM 1151 O  O   . HOH C 3 .   ? 12.872  2.722   -14.608 1.00 48.00 ? 303 HOH A O   1 
HETATM 1152 O  O   . HOH C 3 .   ? -3.263  12.439  19.110  1.00 48.10 ? 304 HOH A O   1 
HETATM 1153 O  O   . HOH C 3 .   ? -14.295 20.655  17.816  1.00 49.38 ? 305 HOH A O   1 
HETATM 1154 O  O   . HOH C 3 .   ? 18.591  -1.097  -8.765  1.00 49.39 ? 306 HOH A O   1 
HETATM 1155 O  O   . HOH C 3 .   ? 6.121   -6.073  0.679   1.00 49.41 ? 307 HOH A O   1 
HETATM 1156 O  O   . HOH C 3 .   ? -7.893  -15.603 -2.759  1.00 50.54 ? 308 HOH A O   1 
HETATM 1157 O  O   . HOH C 3 .   ? 3.545   -5.205  1.106   1.00 50.77 ? 309 HOH A O   1 
HETATM 1158 O  O   . HOH C 3 .   ? 8.298   -7.409  -15.741 1.00 51.24 ? 310 HOH A O   1 
HETATM 1159 O  O   . HOH C 3 .   ? 9.325   -3.895  1.279   1.00 51.53 ? 311 HOH A O   1 
HETATM 1160 O  O   . HOH C 3 .   ? 15.558  -3.190  -10.521 1.00 52.19 ? 312 HOH A O   1 
HETATM 1161 O  O   . HOH C 3 .   ? 14.329  12.361  9.925   1.00 52.44 ? 313 HOH A O   1 
HETATM 1162 O  O   . HOH C 3 .   ? 8.578   -5.628  -1.426  1.00 52.63 ? 314 HOH A O   1 
HETATM 1163 O  O   . HOH C 3 .   ? 4.698   12.599  18.294  1.00 52.71 ? 315 HOH A O   1 
HETATM 1164 O  O   . HOH C 3 .   ? -0.978  -19.469 -3.929  1.00 54.09 ? 316 HOH A O   1 
HETATM 1165 O  O   . HOH C 3 .   ? 9.259   -0.223  9.836   1.00 54.52 ? 317 HOH A O   1 
HETATM 1166 O  O   . HOH C 3 .   ? -7.253  -5.305  -21.991 1.00 57.15 ? 318 HOH A O   1 
HETATM 1167 O  O   . HOH C 3 .   ? 8.180   0.928   13.083  1.00 15.61 ? 319 HOH A O   1 
HETATM 1168 O  O   . HOH C 3 .   ? 0.491   11.778  16.854  1.00 15.61 ? 320 HOH A O   1 
# 
